data_1JGG
# 
_entry.id   1JGG 
# 
_audit_conform.dict_name       mmcif_pdbx.dic 
_audit_conform.dict_version    5.386 
_audit_conform.dict_location   http://mmcif.pdb.org/dictionaries/ascii/mmcif_pdbx.dic 
# 
loop_
_database_2.database_id 
_database_2.database_code 
_database_2.pdbx_database_accession 
_database_2.pdbx_DOI 
PDB   1JGG         pdb_00001jgg 10.2210/pdb1jgg/pdb 
NDB   PDT031       ?            ?                   
RCSB  RCSB013741   ?            ?                   
WWPDB D_1000013741 ?            ?                   
# 
loop_
_pdbx_audit_revision_history.ordinal 
_pdbx_audit_revision_history.data_content_type 
_pdbx_audit_revision_history.major_revision 
_pdbx_audit_revision_history.minor_revision 
_pdbx_audit_revision_history.revision_date 
1 'Structure model' 1 0 2001-07-06 
2 'Structure model' 1 1 2008-04-27 
3 'Structure model' 1 2 2011-07-13 
4 'Structure model' 1 3 2017-10-04 
5 'Structure model' 1 4 2024-02-07 
# 
_pdbx_audit_revision_details.ordinal             1 
_pdbx_audit_revision_details.revision_ordinal    1 
_pdbx_audit_revision_details.data_content_type   'Structure model' 
_pdbx_audit_revision_details.provider            repository 
_pdbx_audit_revision_details.type                'Initial release' 
_pdbx_audit_revision_details.description         ? 
_pdbx_audit_revision_details.details             ? 
# 
loop_
_pdbx_audit_revision_group.ordinal 
_pdbx_audit_revision_group.revision_ordinal 
_pdbx_audit_revision_group.data_content_type 
_pdbx_audit_revision_group.group 
1 2 'Structure model' 'Version format compliance' 
2 3 'Structure model' 'Version format compliance' 
3 4 'Structure model' 'Refinement description'    
4 5 'Structure model' 'Data collection'           
5 5 'Structure model' 'Database references'       
# 
loop_
_pdbx_audit_revision_category.ordinal 
_pdbx_audit_revision_category.revision_ordinal 
_pdbx_audit_revision_category.data_content_type 
_pdbx_audit_revision_category.category 
1 4 'Structure model' software       
2 5 'Structure model' chem_comp_atom 
3 5 'Structure model' chem_comp_bond 
4 5 'Structure model' database_2     
# 
loop_
_pdbx_audit_revision_item.ordinal 
_pdbx_audit_revision_item.revision_ordinal 
_pdbx_audit_revision_item.data_content_type 
_pdbx_audit_revision_item.item 
1 4 'Structure model' '_software.name'                      
2 5 'Structure model' '_database_2.pdbx_DOI'                
3 5 'Structure model' '_database_2.pdbx_database_accession' 
# 
_pdbx_database_status.status_code                     REL 
_pdbx_database_status.entry_id                        1JGG 
_pdbx_database_status.recvd_initial_deposition_date   2001-06-25 
_pdbx_database_status.deposit_site                    RCSB 
_pdbx_database_status.process_site                    RCSB 
_pdbx_database_status.SG_entry                        . 
_pdbx_database_status.pdb_format_compatible           Y 
_pdbx_database_status.status_code_mr                  ? 
_pdbx_database_status.status_code_sf                  ? 
_pdbx_database_status.status_code_cs                  ? 
_pdbx_database_status.methods_development_category    ? 
_pdbx_database_status.status_code_nmr_data            ? 
# 
loop_
_audit_author.name 
_audit_author.pdbx_ordinal 
'Hirsch, J.A.'   1 
'Aggarwal, A.K.' 2 
# 
_citation.id                        primary 
_citation.title                     
'Structure of the even-skipped homeodomain complexed to AT-rich DNA: new perspectives on homeodomain specificity.' 
_citation.journal_abbrev            'EMBO J.' 
_citation.journal_volume            14 
_citation.page_first                6280 
_citation.page_last                 6291 
_citation.year                      1995 
_citation.journal_id_ASTM           EMJODG 
_citation.country                   UK 
_citation.journal_id_ISSN           0261-4189 
_citation.journal_id_CSD            0897 
_citation.book_publisher            ? 
_citation.pdbx_database_id_PubMed   8557047 
_citation.pdbx_database_id_DOI      ? 
# 
loop_
_citation_author.citation_id 
_citation_author.name 
_citation_author.ordinal 
_citation_author.identifier_ORCID 
primary 'Hirsch, J.A.'   1 ? 
primary 'Aggarwal, A.K.' 2 ? 
# 
loop_
_entity.id 
_entity.type 
_entity.src_method 
_entity.pdbx_description 
_entity.formula_weight 
_entity.pdbx_number_of_molecules 
_entity.pdbx_ec 
_entity.pdbx_mutation 
_entity.pdbx_fragment 
_entity.details 
1 polymer syn "5'-D(P*TP*AP*AP*TP*TP*GP*AP*AP*TP*T)-3'" 3058.040 1  ? ? ?           ? 
2 polymer syn "5'-D(P*AP*AP*TP*TP*CP*AP*AP*TP*TP*A)-3'" 3027.030 1  ? ? ?           ? 
3 polymer man 'Segmentation Protein Even-Skipped'       7550.718 2  ? ? Homeodomain ? 
4 water   nat water                                     18.015   68 ? ? ?           ? 
# 
loop_
_entity_poly.entity_id 
_entity_poly.type 
_entity_poly.nstd_linkage 
_entity_poly.nstd_monomer 
_entity_poly.pdbx_seq_one_letter_code 
_entity_poly.pdbx_seq_one_letter_code_can 
_entity_poly.pdbx_strand_id 
_entity_poly.pdbx_target_identifier 
1 polydeoxyribonucleotide no no '(DT)(DA)(DA)(DT)(DT)(DG)(DA)(DA)(DT)(DT)'                   TAATTGAATT C   ? 
2 polydeoxyribonucleotide no no '(DA)(DA)(DT)(DT)(DC)(DA)(DA)(DT)(DT)(DA)'                   AATTCAATTA D   ? 
3 'polypeptide(L)'        no no VRRYRTAFTRDQLGRLEKEFYKENYVSRPRRCELAAQLNLPESTIKVWFQNRRMKDKRQR 
VRRYRTAFTRDQLGRLEKEFYKENYVSRPRRCELAAQLNLPESTIKVWFQNRRMKDKRQR A,B ? 
# 
_pdbx_entity_nonpoly.entity_id   4 
_pdbx_entity_nonpoly.name        water 
_pdbx_entity_nonpoly.comp_id     HOH 
# 
loop_
_entity_poly_seq.entity_id 
_entity_poly_seq.num 
_entity_poly_seq.mon_id 
_entity_poly_seq.hetero 
1 1  DT  n 
1 2  DA  n 
1 3  DA  n 
1 4  DT  n 
1 5  DT  n 
1 6  DG  n 
1 7  DA  n 
1 8  DA  n 
1 9  DT  n 
1 10 DT  n 
2 1  DA  n 
2 2  DA  n 
2 3  DT  n 
2 4  DT  n 
2 5  DC  n 
2 6  DA  n 
2 7  DA  n 
2 8  DT  n 
2 9  DT  n 
2 10 DA  n 
3 1  VAL n 
3 2  ARG n 
3 3  ARG n 
3 4  TYR n 
3 5  ARG n 
3 6  THR n 
3 7  ALA n 
3 8  PHE n 
3 9  THR n 
3 10 ARG n 
3 11 ASP n 
3 12 GLN n 
3 13 LEU n 
3 14 GLY n 
3 15 ARG n 
3 16 LEU n 
3 17 GLU n 
3 18 LYS n 
3 19 GLU n 
3 20 PHE n 
3 21 TYR n 
3 22 LYS n 
3 23 GLU n 
3 24 ASN n 
3 25 TYR n 
3 26 VAL n 
3 27 SER n 
3 28 ARG n 
3 29 PRO n 
3 30 ARG n 
3 31 ARG n 
3 32 CYS n 
3 33 GLU n 
3 34 LEU n 
3 35 ALA n 
3 36 ALA n 
3 37 GLN n 
3 38 LEU n 
3 39 ASN n 
3 40 LEU n 
3 41 PRO n 
3 42 GLU n 
3 43 SER n 
3 44 THR n 
3 45 ILE n 
3 46 LYS n 
3 47 VAL n 
3 48 TRP n 
3 49 PHE n 
3 50 GLN n 
3 51 ASN n 
3 52 ARG n 
3 53 ARG n 
3 54 MET n 
3 55 LYS n 
3 56 ASP n 
3 57 LYS n 
3 58 ARG n 
3 59 GLN n 
3 60 ARG n 
# 
_entity_src_gen.entity_id                          3 
_entity_src_gen.pdbx_src_id                        1 
_entity_src_gen.pdbx_alt_source_flag               sample 
_entity_src_gen.pdbx_seq_type                      ? 
_entity_src_gen.pdbx_beg_seq_num                   ? 
_entity_src_gen.pdbx_end_seq_num                   ? 
_entity_src_gen.gene_src_common_name               'fruit fly' 
_entity_src_gen.gene_src_genus                     Drosophila 
_entity_src_gen.pdbx_gene_src_gene                 ? 
_entity_src_gen.gene_src_species                   ? 
_entity_src_gen.gene_src_strain                    ? 
_entity_src_gen.gene_src_tissue                    ? 
_entity_src_gen.gene_src_tissue_fraction           ? 
_entity_src_gen.gene_src_details                   ? 
_entity_src_gen.pdbx_gene_src_fragment             ? 
_entity_src_gen.pdbx_gene_src_scientific_name      'Drosophila melanogaster' 
_entity_src_gen.pdbx_gene_src_ncbi_taxonomy_id     7227 
_entity_src_gen.pdbx_gene_src_variant              ? 
_entity_src_gen.pdbx_gene_src_cell_line            ? 
_entity_src_gen.pdbx_gene_src_atcc                 ? 
_entity_src_gen.pdbx_gene_src_organ                ? 
_entity_src_gen.pdbx_gene_src_organelle            ? 
_entity_src_gen.pdbx_gene_src_cell                 ? 
_entity_src_gen.pdbx_gene_src_cellular_location    ? 
_entity_src_gen.host_org_common_name               ? 
_entity_src_gen.pdbx_host_org_scientific_name      'Escherichia coli' 
_entity_src_gen.pdbx_host_org_ncbi_taxonomy_id     562 
_entity_src_gen.host_org_genus                     Escherichia 
_entity_src_gen.pdbx_host_org_gene                 ? 
_entity_src_gen.pdbx_host_org_organ                ? 
_entity_src_gen.host_org_species                   ? 
_entity_src_gen.pdbx_host_org_tissue               ? 
_entity_src_gen.pdbx_host_org_tissue_fraction      ? 
_entity_src_gen.pdbx_host_org_strain               ? 
_entity_src_gen.pdbx_host_org_variant              ? 
_entity_src_gen.pdbx_host_org_cell_line            ? 
_entity_src_gen.pdbx_host_org_atcc                 ? 
_entity_src_gen.pdbx_host_org_culture_collection   ? 
_entity_src_gen.pdbx_host_org_cell                 ? 
_entity_src_gen.pdbx_host_org_organelle            ? 
_entity_src_gen.pdbx_host_org_cellular_location    ? 
_entity_src_gen.pdbx_host_org_vector_type          plasmid 
_entity_src_gen.pdbx_host_org_vector               ? 
_entity_src_gen.host_org_details                   ? 
_entity_src_gen.expression_system_id               ? 
_entity_src_gen.plasmid_name                       pET-3a 
_entity_src_gen.plasmid_details                    ? 
_entity_src_gen.pdbx_description                   ? 
# 
loop_
_chem_comp.id 
_chem_comp.type 
_chem_comp.mon_nstd_flag 
_chem_comp.name 
_chem_comp.pdbx_synonyms 
_chem_comp.formula 
_chem_comp.formula_weight 
ALA 'L-peptide linking' y ALANINE                              ? 'C3 H7 N O2'      89.093  
ARG 'L-peptide linking' y ARGININE                             ? 'C6 H15 N4 O2 1'  175.209 
ASN 'L-peptide linking' y ASPARAGINE                           ? 'C4 H8 N2 O3'     132.118 
ASP 'L-peptide linking' y 'ASPARTIC ACID'                      ? 'C4 H7 N O4'      133.103 
CYS 'L-peptide linking' y CYSTEINE                             ? 'C3 H7 N O2 S'    121.158 
DA  'DNA linking'       y "2'-DEOXYADENOSINE-5'-MONOPHOSPHATE" ? 'C10 H14 N5 O6 P' 331.222 
DC  'DNA linking'       y "2'-DEOXYCYTIDINE-5'-MONOPHOSPHATE"  ? 'C9 H14 N3 O7 P'  307.197 
DG  'DNA linking'       y "2'-DEOXYGUANOSINE-5'-MONOPHOSPHATE" ? 'C10 H14 N5 O7 P' 347.221 
DT  'DNA linking'       y "THYMIDINE-5'-MONOPHOSPHATE"         ? 'C10 H15 N2 O8 P' 322.208 
GLN 'L-peptide linking' y GLUTAMINE                            ? 'C5 H10 N2 O3'    146.144 
GLU 'L-peptide linking' y 'GLUTAMIC ACID'                      ? 'C5 H9 N O4'      147.129 
GLY 'peptide linking'   y GLYCINE                              ? 'C2 H5 N O2'      75.067  
HOH non-polymer         . WATER                                ? 'H2 O'            18.015  
ILE 'L-peptide linking' y ISOLEUCINE                           ? 'C6 H13 N O2'     131.173 
LEU 'L-peptide linking' y LEUCINE                              ? 'C6 H13 N O2'     131.173 
LYS 'L-peptide linking' y LYSINE                               ? 'C6 H15 N2 O2 1'  147.195 
MET 'L-peptide linking' y METHIONINE                           ? 'C5 H11 N O2 S'   149.211 
PHE 'L-peptide linking' y PHENYLALANINE                        ? 'C9 H11 N O2'     165.189 
PRO 'L-peptide linking' y PROLINE                              ? 'C5 H9 N O2'      115.130 
SER 'L-peptide linking' y SERINE                               ? 'C3 H7 N O3'      105.093 
THR 'L-peptide linking' y THREONINE                            ? 'C4 H9 N O3'      119.119 
TRP 'L-peptide linking' y TRYPTOPHAN                           ? 'C11 H12 N2 O2'   204.225 
TYR 'L-peptide linking' y TYROSINE                             ? 'C9 H11 N O3'     181.189 
VAL 'L-peptide linking' y VALINE                               ? 'C5 H11 N O2'     117.146 
# 
loop_
_pdbx_poly_seq_scheme.asym_id 
_pdbx_poly_seq_scheme.entity_id 
_pdbx_poly_seq_scheme.seq_id 
_pdbx_poly_seq_scheme.mon_id 
_pdbx_poly_seq_scheme.ndb_seq_num 
_pdbx_poly_seq_scheme.pdb_seq_num 
_pdbx_poly_seq_scheme.auth_seq_num 
_pdbx_poly_seq_scheme.pdb_mon_id 
_pdbx_poly_seq_scheme.auth_mon_id 
_pdbx_poly_seq_scheme.pdb_strand_id 
_pdbx_poly_seq_scheme.pdb_ins_code 
_pdbx_poly_seq_scheme.hetero 
A 1 1  DT  1  201 201 DT  THY C . n 
A 1 2  DA  2  202 202 DA  ADE C . n 
A 1 3  DA  3  203 203 DA  ADE C . n 
A 1 4  DT  4  204 204 DT  THY C . n 
A 1 5  DT  5  205 205 DT  THY C . n 
A 1 6  DG  6  206 206 DG  GUA C . n 
A 1 7  DA  7  207 207 DA  ADE C . n 
A 1 8  DA  8  208 208 DA  ADE C . n 
A 1 9  DT  9  209 209 DT  THY C . n 
A 1 10 DT  10 210 210 DT  THY C . n 
B 2 1  DA  1  211 211 DA  ADE D . n 
B 2 2  DA  2  212 212 DA  ADE D . n 
B 2 3  DT  3  213 213 DT  THY D . n 
B 2 4  DT  4  214 214 DT  THY D . n 
B 2 5  DC  5  215 215 DC  CYT D . n 
B 2 6  DA  6  216 216 DA  ADE D . n 
B 2 7  DA  7  217 217 DA  ADE D . n 
B 2 8  DT  8  218 218 DT  THY D . n 
B 2 9  DT  9  219 219 DT  THY D . n 
B 2 10 DA  10 220 220 DA  ADE D . n 
C 3 1  VAL 1  101 ?   ?   ?   A . n 
C 3 2  ARG 2  102 ?   ?   ?   A . n 
C 3 3  ARG 3  103 103 ARG ARG A . n 
C 3 4  TYR 4  104 104 TYR TYR A . n 
C 3 5  ARG 5  105 105 ARG ARG A . n 
C 3 6  THR 6  106 106 THR THR A . n 
C 3 7  ALA 7  107 107 ALA ALA A . n 
C 3 8  PHE 8  108 108 PHE PHE A . n 
C 3 9  THR 9  109 109 THR THR A . n 
C 3 10 ARG 10 110 110 ARG ARG A . n 
C 3 11 ASP 11 111 111 ASP ASP A . n 
C 3 12 GLN 12 112 112 GLN GLN A . n 
C 3 13 LEU 13 113 113 LEU LEU A . n 
C 3 14 GLY 14 114 114 GLY GLY A . n 
C 3 15 ARG 15 115 115 ARG ARG A . n 
C 3 16 LEU 16 116 116 LEU LEU A . n 
C 3 17 GLU 17 117 117 GLU GLU A . n 
C 3 18 LYS 18 118 118 LYS LYS A . n 
C 3 19 GLU 19 119 119 GLU GLU A . n 
C 3 20 PHE 20 120 120 PHE PHE A . n 
C 3 21 TYR 21 121 121 TYR TYR A . n 
C 3 22 LYS 22 122 122 LYS LYS A . n 
C 3 23 GLU 23 123 123 GLU GLU A . n 
C 3 24 ASN 24 124 124 ASN ASN A . n 
C 3 25 TYR 25 125 125 TYR TYR A . n 
C 3 26 VAL 26 126 126 VAL VAL A . n 
C 3 27 SER 27 127 127 SER SER A . n 
C 3 28 ARG 28 128 128 ARG ARG A . n 
C 3 29 PRO 29 129 129 PRO PRO A . n 
C 3 30 ARG 30 130 130 ARG ARG A . n 
C 3 31 ARG 31 131 131 ARG ARG A . n 
C 3 32 CYS 32 132 132 CYS CYS A . n 
C 3 33 GLU 33 133 133 GLU GLU A . n 
C 3 34 LEU 34 134 134 LEU LEU A . n 
C 3 35 ALA 35 135 135 ALA ALA A . n 
C 3 36 ALA 36 136 136 ALA ALA A . n 
C 3 37 GLN 37 137 137 GLN GLN A . n 
C 3 38 LEU 38 138 138 LEU LEU A . n 
C 3 39 ASN 39 139 139 ASN ASN A . n 
C 3 40 LEU 40 140 140 LEU LEU A . n 
C 3 41 PRO 41 141 141 PRO PRO A . n 
C 3 42 GLU 42 142 142 GLU GLU A . n 
C 3 43 SER 43 143 143 SER SER A . n 
C 3 44 THR 44 144 144 THR THR A . n 
C 3 45 ILE 45 145 145 ILE ILE A . n 
C 3 46 LYS 46 146 146 LYS LYS A . n 
C 3 47 VAL 47 147 147 VAL VAL A . n 
C 3 48 TRP 48 148 148 TRP TRP A . n 
C 3 49 PHE 49 149 149 PHE PHE A . n 
C 3 50 GLN 50 150 150 GLN GLN A . n 
C 3 51 ASN 51 151 151 ASN ASN A . n 
C 3 52 ARG 52 152 152 ARG ARG A . n 
C 3 53 ARG 53 153 153 ARG ARG A . n 
C 3 54 MET 54 154 154 MET MET A . n 
C 3 55 LYS 55 155 155 LYS LYS A . n 
C 3 56 ASP 56 156 156 ASP ASP A . n 
C 3 57 LYS 57 157 157 LYS LYS A . n 
C 3 58 ARG 58 158 158 ARG ARG A . n 
C 3 59 GLN 59 159 159 GLN GLN A . n 
C 3 60 ARG 60 160 ?   ?   ?   A . n 
D 3 1  VAL 1  301 ?   ?   ?   B . n 
D 3 2  ARG 2  302 ?   ?   ?   B . n 
D 3 3  ARG 3  303 303 ARG ARG B . n 
D 3 4  TYR 4  304 304 TYR TYR B . n 
D 3 5  ARG 5  305 305 ARG ARG B . n 
D 3 6  THR 6  306 306 THR THR B . n 
D 3 7  ALA 7  307 307 ALA ALA B . n 
D 3 8  PHE 8  308 308 PHE PHE B . n 
D 3 9  THR 9  309 309 THR THR B . n 
D 3 10 ARG 10 310 310 ARG ARG B . n 
D 3 11 ASP 11 311 311 ASP ASP B . n 
D 3 12 GLN 12 312 312 GLN GLN B . n 
D 3 13 LEU 13 313 313 LEU LEU B . n 
D 3 14 GLY 14 314 314 GLY GLY B . n 
D 3 15 ARG 15 315 315 ARG ARG B . n 
D 3 16 LEU 16 316 316 LEU LEU B . n 
D 3 17 GLU 17 317 317 GLU GLU B . n 
D 3 18 LYS 18 318 318 LYS LYS B . n 
D 3 19 GLU 19 319 319 GLU GLU B . n 
D 3 20 PHE 20 320 320 PHE PHE B . n 
D 3 21 TYR 21 321 321 TYR TYR B . n 
D 3 22 LYS 22 322 322 LYS LYS B . n 
D 3 23 GLU 23 323 323 GLU GLU B . n 
D 3 24 ASN 24 324 324 ASN ASN B . n 
D 3 25 TYR 25 325 325 TYR TYR B . n 
D 3 26 VAL 26 326 326 VAL VAL B . n 
D 3 27 SER 27 327 327 SER SER B . n 
D 3 28 ARG 28 328 328 ARG ARG B . n 
D 3 29 PRO 29 329 329 PRO PRO B . n 
D 3 30 ARG 30 330 330 ARG ARG B . n 
D 3 31 ARG 31 331 331 ARG ARG B . n 
D 3 32 CYS 32 332 332 CYS CYS B . n 
D 3 33 GLU 33 333 333 GLU GLU B . n 
D 3 34 LEU 34 334 334 LEU LEU B . n 
D 3 35 ALA 35 335 335 ALA ALA B . n 
D 3 36 ALA 36 336 336 ALA ALA B . n 
D 3 37 GLN 37 337 337 GLN GLN B . n 
D 3 38 LEU 38 338 338 LEU LEU B . n 
D 3 39 ASN 39 339 339 ASN ASN B . n 
D 3 40 LEU 40 340 340 LEU LEU B . n 
D 3 41 PRO 41 341 341 PRO PRO B . n 
D 3 42 GLU 42 342 342 GLU GLU B . n 
D 3 43 SER 43 343 343 SER SER B . n 
D 3 44 THR 44 344 344 THR THR B . n 
D 3 45 ILE 45 345 345 ILE ILE B . n 
D 3 46 LYS 46 346 346 LYS LYS B . n 
D 3 47 VAL 47 347 347 VAL VAL B . n 
D 3 48 TRP 48 348 348 TRP TRP B . n 
D 3 49 PHE 49 349 349 PHE PHE B . n 
D 3 50 GLN 50 350 350 GLN GLN B . n 
D 3 51 ASN 51 351 351 ASN ASN B . n 
D 3 52 ARG 52 352 352 ARG ARG B . n 
D 3 53 ARG 53 353 353 ARG ARG B . n 
D 3 54 MET 54 354 354 MET MET B . n 
D 3 55 LYS 55 355 355 LYS LYS B . n 
D 3 56 ASP 56 356 356 ASP ASP B . n 
D 3 57 LYS 57 357 357 LYS LYS B . n 
D 3 58 ARG 58 358 358 ARG ARG B . n 
D 3 59 GLN 59 359 359 GLN GLN B . n 
D 3 60 ARG 60 360 ?   ?   ?   B . n 
# 
loop_
_pdbx_nonpoly_scheme.asym_id 
_pdbx_nonpoly_scheme.entity_id 
_pdbx_nonpoly_scheme.mon_id 
_pdbx_nonpoly_scheme.ndb_seq_num 
_pdbx_nonpoly_scheme.pdb_seq_num 
_pdbx_nonpoly_scheme.auth_seq_num 
_pdbx_nonpoly_scheme.pdb_mon_id 
_pdbx_nonpoly_scheme.auth_mon_id 
_pdbx_nonpoly_scheme.pdb_strand_id 
_pdbx_nonpoly_scheme.pdb_ins_code 
E 4 HOH 1  7  7  HOH WAT C . 
E 4 HOH 2  8  8  HOH WAT C . 
E 4 HOH 3  9  9  HOH WAT C . 
E 4 HOH 4  13 13 HOH WAT C . 
E 4 HOH 5  14 14 HOH WAT C . 
E 4 HOH 6  15 15 HOH WAT C . 
E 4 HOH 7  16 16 HOH WAT C . 
E 4 HOH 8  18 18 HOH WAT C . 
E 4 HOH 9  25 25 HOH WAT C . 
E 4 HOH 10 27 27 HOH WAT C . 
E 4 HOH 11 34 34 HOH WAT C . 
E 4 HOH 12 35 35 HOH WAT C . 
E 4 HOH 13 36 36 HOH WAT C . 
E 4 HOH 14 37 37 HOH WAT C . 
E 4 HOH 15 44 44 HOH WAT C . 
E 4 HOH 16 46 46 HOH WAT C . 
E 4 HOH 17 47 47 HOH WAT C . 
E 4 HOH 18 52 52 HOH WAT C . 
E 4 HOH 19 58 58 HOH WAT C . 
E 4 HOH 20 61 61 HOH WAT C . 
E 4 HOH 21 66 66 HOH WAT C . 
F 4 HOH 1  4  4  HOH WAT D . 
F 4 HOH 2  5  5  HOH WAT D . 
F 4 HOH 3  6  6  HOH WAT D . 
F 4 HOH 4  10 10 HOH WAT D . 
F 4 HOH 5  28 28 HOH WAT D . 
F 4 HOH 6  29 29 HOH WAT D . 
F 4 HOH 7  41 41 HOH WAT D . 
F 4 HOH 8  48 48 HOH WAT D . 
F 4 HOH 9  49 49 HOH WAT D . 
F 4 HOH 10 51 51 HOH WAT D . 
F 4 HOH 11 65 65 HOH WAT D . 
F 4 HOH 12 67 67 HOH WAT D . 
G 4 HOH 1  1  1  HOH WAT A . 
G 4 HOH 2  2  2  HOH WAT A . 
G 4 HOH 3  17 17 HOH WAT A . 
G 4 HOH 4  19 19 HOH WAT A . 
G 4 HOH 5  20 20 HOH WAT A . 
G 4 HOH 6  21 21 HOH WAT A . 
G 4 HOH 7  22 22 HOH WAT A . 
G 4 HOH 8  23 23 HOH WAT A . 
G 4 HOH 9  24 24 HOH WAT A . 
G 4 HOH 10 26 26 HOH WAT A . 
G 4 HOH 11 38 38 HOH WAT A . 
G 4 HOH 12 40 40 HOH WAT A . 
G 4 HOH 13 42 42 HOH WAT A . 
G 4 HOH 14 43 43 HOH WAT A . 
G 4 HOH 15 50 50 HOH WAT A . 
G 4 HOH 16 53 53 HOH WAT A . 
G 4 HOH 17 54 54 HOH WAT A . 
G 4 HOH 18 55 55 HOH WAT A . 
G 4 HOH 19 56 56 HOH WAT A . 
G 4 HOH 20 57 57 HOH WAT A . 
G 4 HOH 21 59 59 HOH WAT A . 
G 4 HOH 22 64 64 HOH WAT A . 
G 4 HOH 23 70 70 HOH WAT A . 
H 4 HOH 1  11 11 HOH WAT B . 
H 4 HOH 2  12 12 HOH WAT B . 
H 4 HOH 3  30 30 HOH WAT B . 
H 4 HOH 4  31 31 HOH WAT B . 
H 4 HOH 5  32 32 HOH WAT B . 
H 4 HOH 6  39 39 HOH WAT B . 
H 4 HOH 7  45 45 HOH WAT B . 
H 4 HOH 8  60 60 HOH WAT B . 
H 4 HOH 9  62 62 HOH WAT B . 
H 4 HOH 10 63 63 HOH WAT B . 
H 4 HOH 11 68 68 HOH WAT B . 
H 4 HOH 12 69 69 HOH WAT B . 
# 
loop_
_software.name 
_software.classification 
_software.version 
_software.citation_id 
_software.pdbx_ordinal 
X-PLOR   'model building' .           ? 1 
X-PLOR   refinement       .           ? 2 
DENZO    'data reduction' .           ? 3 
CCP4     'data scaling'   '(AGROVATA' ? 4 
ROTAVATA 'data scaling'   .           ? 5 
X-PLOR   phasing          .           ? 6 
# 
_cell.entry_id           1JGG 
_cell.length_a           34.060 
_cell.length_b           61.610 
_cell.length_c           39.990 
_cell.angle_alpha        90.00 
_cell.angle_beta         90.00 
_cell.angle_gamma        90.00 
_cell.Z_PDB              4 
_cell.pdbx_unique_axis   ? 
# 
_symmetry.entry_id                         1JGG 
_symmetry.space_group_name_H-M             'P 1 21 1' 
_symmetry.pdbx_full_space_group_name_H-M   ? 
_symmetry.cell_setting                     ? 
_symmetry.Int_Tables_number                4 
# 
_exptl.entry_id          1JGG 
_exptl.method            'X-RAY DIFFRACTION' 
_exptl.crystals_number   3 
# 
_exptl_crystal.id                    1 
_exptl_crystal.density_meas          ? 
_exptl_crystal.density_percent_sol   37.36 
_exptl_crystal.density_Matthews      1.96 
_exptl_crystal.description           ? 
# 
_exptl_crystal_grow.crystal_id      1 
_exptl_crystal_grow.method          'VAPOR DIFFUSION, HANGING DROP' 
_exptl_crystal_grow.pH              6.4 
_exptl_crystal_grow.temp            293 
_exptl_crystal_grow.temp_details    ? 
_exptl_crystal_grow.pdbx_details    
'sodium acetate, potassium chloride, DTT, pH 6.4, VAPOR DIFFUSION, HANGING DROP, temperature 293K' 
_exptl_crystal_grow.pdbx_pH_range   ? 
# 
loop_
_exptl_crystal_grow_comp.crystal_id 
_exptl_crystal_grow_comp.id 
_exptl_crystal_grow_comp.sol_id 
_exptl_crystal_grow_comp.name 
_exptl_crystal_grow_comp.conc 
_exptl_crystal_grow_comp.volume 
_exptl_crystal_grow_comp.details 
1 1 1 'sodium acetate'     ? ? ? 
1 2 1 'potassium chloride' ? ? ? 
1 3 1 DTT                  ? ? ? 
# 
loop_
_diffrn.id 
_diffrn.ambient_temp 
_diffrn.ambient_temp_details 
_diffrn.crystal_id 
1 283 ? 1 
2 277 ? 1 
# 
loop_
_diffrn_detector.diffrn_id 
_diffrn_detector.detector 
_diffrn_detector.type 
_diffrn_detector.pdbx_collection_date 
_diffrn_detector.details 
1 'IMAGE PLATE' FUJI ? ? 
2 'IMAGE PLATE' FUJI ? ? 
# 
_diffrn_radiation.diffrn_id                        1 
_diffrn_radiation.wavelength_id                    1 
_diffrn_radiation.monochromator                    ? 
_diffrn_radiation.pdbx_monochromatic_or_laue_m_l   M 
_diffrn_radiation.pdbx_diffrn_protocol             'SINGLE WAVELENGTH' 
_diffrn_radiation.pdbx_scattering_type             x-ray 
# 
_diffrn_radiation_wavelength.id           1 
_diffrn_radiation_wavelength.wavelength   . 
_diffrn_radiation_wavelength.wt           1.0 
# 
loop_
_diffrn_source.diffrn_id 
_diffrn_source.source 
_diffrn_source.type 
_diffrn_source.pdbx_wavelength 
_diffrn_source.pdbx_synchrotron_site 
_diffrn_source.pdbx_synchrotron_beamline 
_diffrn_source.pdbx_wavelength_list 
1 SYNCHROTRON 'PHOTON FACTORY BEAMLINE BL-6A' ? 'Photon Factory' BL-6A ? 
2 SYNCHROTRON 'NSLS BEAMLINE X4A'             ? NSLS             X4A   ? 
# 
_reflns.entry_id                     1JGG 
_reflns.observed_criterion_sigma_I   ? 
_reflns.observed_criterion_sigma_F   ? 
_reflns.d_resolution_low             15 
_reflns.d_resolution_high            2.0 
_reflns.number_obs                   8613 
_reflns.number_all                   8613 
_reflns.percent_possible_obs         77.1 
_reflns.pdbx_Rmerge_I_obs            0.0760000 
_reflns.pdbx_Rsym_value              ? 
_reflns.pdbx_netI_over_sigmaI        ? 
_reflns.B_iso_Wilson_estimate        ? 
_reflns.pdbx_redundancy              2.4 
_reflns.R_free_details               ? 
_reflns.pdbx_diffrn_id               1 
_reflns.pdbx_ordinal                 1 
# 
_reflns_shell.d_res_high             2.0 
_reflns_shell.d_res_low              2.11 
_reflns_shell.percent_possible_obs   ? 
_reflns_shell.percent_possible_all   52.4 
_reflns_shell.Rmerge_I_obs           0.1860000 
_reflns_shell.meanI_over_sigI_obs    ? 
_reflns_shell.pdbx_Rsym_value        ? 
_reflns_shell.pdbx_redundancy        1.3 
_reflns_shell.number_unique_all      837 
_reflns_shell.pdbx_diffrn_id         ? 
_reflns_shell.pdbx_ordinal           1 
# 
_refine.entry_id                                 1JGG 
_refine.ls_number_reflns_obs                     ? 
_refine.ls_number_reflns_all                     ? 
_refine.pdbx_ls_sigma_I                          ? 
_refine.pdbx_ls_sigma_F                          2.0 
_refine.pdbx_data_cutoff_high_absF               ? 
_refine.pdbx_data_cutoff_low_absF                ? 
_refine.ls_d_res_low                             8 
_refine.ls_d_res_high                            2 
_refine.ls_percent_reflns_obs                    ? 
_refine.ls_R_factor_obs                          ? 
_refine.ls_R_factor_all                          ? 
_refine.ls_R_factor_R_work                       0.2290000 
_refine.ls_R_factor_R_free                       0.3160000 
_refine.ls_R_factor_R_free_error                 ? 
_refine.ls_R_factor_R_free_error_details         ? 
_refine.ls_percent_reflns_R_free                 ? 
_refine.ls_number_reflns_R_free                  ? 
_refine.ls_number_parameters                     ? 
_refine.ls_number_restraints                     ? 
_refine.occupancy_min                            ? 
_refine.occupancy_max                            ? 
_refine.B_iso_mean                               ? 
_refine.aniso_B[1][1]                            ? 
_refine.aniso_B[2][2]                            ? 
_refine.aniso_B[3][3]                            ? 
_refine.aniso_B[1][2]                            ? 
_refine.aniso_B[1][3]                            ? 
_refine.aniso_B[2][3]                            ? 
_refine.solvent_model_details                    ? 
_refine.solvent_model_param_ksol                 ? 
_refine.solvent_model_param_bsol                 ? 
_refine.pdbx_ls_cross_valid_method               ? 
_refine.details                                  ? 
_refine.pdbx_starting_model                      ? 
_refine.pdbx_method_to_determine_struct          ? 
_refine.pdbx_isotropic_thermal_model             ? 
_refine.pdbx_stereochemistry_target_values       'Engh & Huber' 
_refine.pdbx_stereochem_target_val_spec_case     ? 
_refine.pdbx_R_Free_selection_details            RANDOM 
_refine.pdbx_overall_ESU_R_Free                  ? 
_refine.overall_SU_B                             ? 
_refine.ls_redundancy_reflns_obs                 ? 
_refine.overall_SU_ML                            ? 
_refine.pdbx_overall_ESU_R                       ? 
_refine.pdbx_data_cutoff_high_rms_absF           ? 
_refine.correlation_coeff_Fo_to_Fc               ? 
_refine.correlation_coeff_Fo_to_Fc_free          ? 
_refine.overall_SU_R_Cruickshank_DPI             ? 
_refine.overall_SU_R_free                        ? 
_refine.pdbx_refine_id                           'X-RAY DIFFRACTION' 
_refine.pdbx_diffrn_id                           1 
_refine.pdbx_TLS_residual_ADP_flag               ? 
_refine.pdbx_solvent_vdw_probe_radii             ? 
_refine.pdbx_solvent_ion_probe_radii             ? 
_refine.pdbx_solvent_shrinkage_radii             ? 
_refine.pdbx_overall_phase_error                 ? 
_refine.pdbx_overall_SU_R_free_Cruickshank_DPI   ? 
_refine.pdbx_overall_SU_R_Blow_DPI               ? 
_refine.pdbx_overall_SU_R_free_Blow_DPI          ? 
# 
_refine_hist.pdbx_refine_id                   'X-RAY DIFFRACTION' 
_refine_hist.cycle_id                         LAST 
_refine_hist.pdbx_number_atoms_protein        1063 
_refine_hist.pdbx_number_atoms_nucleic_acid   410 
_refine_hist.pdbx_number_atoms_ligand         0 
_refine_hist.number_atoms_solvent             68 
_refine_hist.number_atoms_total               1541 
_refine_hist.d_res_high                       2 
_refine_hist.d_res_low                        8 
# 
loop_
_refine_ls_restr.type 
_refine_ls_restr.dev_ideal 
_refine_ls_restr.dev_ideal_target 
_refine_ls_restr.weight 
_refine_ls_restr.number 
_refine_ls_restr.pdbx_refine_id 
_refine_ls_restr.pdbx_restraint_function 
x_bond_d    .016 ? ? ? 'X-RAY DIFFRACTION' ? 
x_angle_deg 2.56 ? ? ? 'X-RAY DIFFRACTION' ? 
# 
_struct.entry_id                  1JGG 
_struct.title                     'Even-skipped Homeodomain Complexed to AT-rich DNA' 
_struct.pdbx_model_details        ? 
_struct.pdbx_CASP_flag            ? 
_struct.pdbx_model_type_details   ? 
# 
_struct_keywords.entry_id        1JGG 
_struct_keywords.pdbx_keywords   TRANSCRIPTION/DNA 
_struct_keywords.text            'EVEN-SKIPPED, HOMEODOMAIN, PROTEIN-DNA COMPLEX, TRANSCRIPTION-DNA COMPLEX' 
# 
loop_
_struct_asym.id 
_struct_asym.pdbx_blank_PDB_chainid_flag 
_struct_asym.pdbx_modified 
_struct_asym.entity_id 
_struct_asym.details 
A N N 1 ? 
B N N 2 ? 
C N N 3 ? 
D N N 3 ? 
E N N 4 ? 
F N N 4 ? 
G N N 4 ? 
H N N 4 ? 
# 
loop_
_struct_ref.id 
_struct_ref.db_name 
_struct_ref.db_code 
_struct_ref.pdbx_db_accession 
_struct_ref.entity_id 
_struct_ref.pdbx_align_begin 
_struct_ref.pdbx_db_isoform 
_struct_ref.pdbx_seq_one_letter_code 
1 UNP EVE_DROME P06602 3 70 ? ? 
2 PDB 1JGG      1JGG   1 ?  ? ? 
3 PDB 1JGG      1JGG   2 ?  ? ? 
# 
loop_
_struct_ref_seq.align_id 
_struct_ref_seq.ref_id 
_struct_ref_seq.pdbx_PDB_id_code 
_struct_ref_seq.pdbx_strand_id 
_struct_ref_seq.seq_align_beg 
_struct_ref_seq.pdbx_seq_align_beg_ins_code 
_struct_ref_seq.seq_align_end 
_struct_ref_seq.pdbx_seq_align_end_ins_code 
_struct_ref_seq.pdbx_db_accession 
_struct_ref_seq.db_align_beg 
_struct_ref_seq.pdbx_db_align_beg_ins_code 
_struct_ref_seq.db_align_end 
_struct_ref_seq.pdbx_db_align_end_ins_code 
_struct_ref_seq.pdbx_auth_seq_align_beg 
_struct_ref_seq.pdbx_auth_seq_align_end 
1 1 1JGG A 1 ? 60 ? P06602 70  ? 129 ? 101 160 
2 1 1JGG B 1 ? 60 ? P06602 70  ? 129 ? 301 360 
3 2 1JGG C 1 ? 10 ? 1JGG   201 ? 210 ? 201 210 
4 3 1JGG D 1 ? 10 ? 1JGG   211 ? 220 ? 211 220 
# 
_pdbx_struct_assembly.id                   1 
_pdbx_struct_assembly.details              author_defined_assembly 
_pdbx_struct_assembly.method_details       ? 
_pdbx_struct_assembly.oligomeric_details   tetrameric 
_pdbx_struct_assembly.oligomeric_count     4 
# 
_pdbx_struct_assembly_gen.assembly_id       1 
_pdbx_struct_assembly_gen.oper_expression   1 
_pdbx_struct_assembly_gen.asym_id_list      A,B,C,D,E,F,G,H 
# 
_pdbx_struct_oper_list.id                   1 
_pdbx_struct_oper_list.type                 'identity operation' 
_pdbx_struct_oper_list.name                 1_555 
_pdbx_struct_oper_list.symmetry_operation   x,y,z 
_pdbx_struct_oper_list.matrix[1][1]         1.0000000000 
_pdbx_struct_oper_list.matrix[1][2]         0.0000000000 
_pdbx_struct_oper_list.matrix[1][3]         0.0000000000 
_pdbx_struct_oper_list.vector[1]            0.0000000000 
_pdbx_struct_oper_list.matrix[2][1]         0.0000000000 
_pdbx_struct_oper_list.matrix[2][2]         1.0000000000 
_pdbx_struct_oper_list.matrix[2][3]         0.0000000000 
_pdbx_struct_oper_list.vector[2]            0.0000000000 
_pdbx_struct_oper_list.matrix[3][1]         0.0000000000 
_pdbx_struct_oper_list.matrix[3][2]         0.0000000000 
_pdbx_struct_oper_list.matrix[3][3]         1.0000000000 
_pdbx_struct_oper_list.vector[3]            0.0000000000 
# 
_struct_biol.id                    1 
_struct_biol.pdbx_parent_biol_id   ? 
_struct_biol.details               ? 
# 
loop_
_struct_conf.conf_type_id 
_struct_conf.id 
_struct_conf.pdbx_PDB_helix_id 
_struct_conf.beg_label_comp_id 
_struct_conf.beg_label_asym_id 
_struct_conf.beg_label_seq_id 
_struct_conf.pdbx_beg_PDB_ins_code 
_struct_conf.end_label_comp_id 
_struct_conf.end_label_asym_id 
_struct_conf.end_label_seq_id 
_struct_conf.pdbx_end_PDB_ins_code 
_struct_conf.beg_auth_comp_id 
_struct_conf.beg_auth_asym_id 
_struct_conf.beg_auth_seq_id 
_struct_conf.end_auth_comp_id 
_struct_conf.end_auth_asym_id 
_struct_conf.end_auth_seq_id 
_struct_conf.pdbx_PDB_helix_class 
_struct_conf.details 
_struct_conf.pdbx_PDB_helix_length 
HELX_P HELX_P1 1 THR C 9  ? GLU C 23 ? THR A 109 GLU A 123 1 ? 15 
HELX_P HELX_P2 2 SER C 27 ? ASN C 39 ? SER A 127 ASN A 139 1 ? 13 
HELX_P HELX_P3 3 PRO C 41 ? GLN C 59 ? PRO A 141 GLN A 159 1 ? 19 
HELX_P HELX_P4 4 THR D 9  ? GLU D 23 ? THR B 309 GLU B 323 1 ? 15 
HELX_P HELX_P5 5 SER D 27 ? ASN D 39 ? SER B 327 ASN B 339 1 ? 13 
HELX_P HELX_P6 6 PRO D 41 ? GLN D 59 ? PRO B 341 GLN B 359 1 ? 19 
# 
_struct_conf_type.id          HELX_P 
_struct_conf_type.criteria    ? 
_struct_conf_type.reference   ? 
# 
loop_
_struct_conn.id 
_struct_conn.conn_type_id 
_struct_conn.pdbx_leaving_atom_flag 
_struct_conn.pdbx_PDB_id 
_struct_conn.ptnr1_label_asym_id 
_struct_conn.ptnr1_label_comp_id 
_struct_conn.ptnr1_label_seq_id 
_struct_conn.ptnr1_label_atom_id 
_struct_conn.pdbx_ptnr1_label_alt_id 
_struct_conn.pdbx_ptnr1_PDB_ins_code 
_struct_conn.pdbx_ptnr1_standard_comp_id 
_struct_conn.ptnr1_symmetry 
_struct_conn.ptnr2_label_asym_id 
_struct_conn.ptnr2_label_comp_id 
_struct_conn.ptnr2_label_seq_id 
_struct_conn.ptnr2_label_atom_id 
_struct_conn.pdbx_ptnr2_label_alt_id 
_struct_conn.pdbx_ptnr2_PDB_ins_code 
_struct_conn.ptnr1_auth_asym_id 
_struct_conn.ptnr1_auth_comp_id 
_struct_conn.ptnr1_auth_seq_id 
_struct_conn.ptnr2_auth_asym_id 
_struct_conn.ptnr2_auth_comp_id 
_struct_conn.ptnr2_auth_seq_id 
_struct_conn.ptnr2_symmetry 
_struct_conn.pdbx_ptnr3_label_atom_id 
_struct_conn.pdbx_ptnr3_label_seq_id 
_struct_conn.pdbx_ptnr3_label_comp_id 
_struct_conn.pdbx_ptnr3_label_asym_id 
_struct_conn.pdbx_ptnr3_label_alt_id 
_struct_conn.pdbx_ptnr3_PDB_ins_code 
_struct_conn.details 
_struct_conn.pdbx_dist_value 
_struct_conn.pdbx_value_order 
_struct_conn.pdbx_role 
hydrog1  hydrog ? ? A DT 1  N3 ? ? ? 1_555 B DA 10 N1 ? ? C DT 201 D DA 220 1_555 ? ? ? ? ? ? WATSON-CRICK ? ? ? 
hydrog2  hydrog ? ? A DT 1  O4 ? ? ? 1_555 B DA 10 N6 ? ? C DT 201 D DA 220 1_555 ? ? ? ? ? ? WATSON-CRICK ? ? ? 
hydrog3  hydrog ? ? A DA 2  N1 ? ? ? 1_555 B DT 9  N3 ? ? C DA 202 D DT 219 1_555 ? ? ? ? ? ? WATSON-CRICK ? ? ? 
hydrog4  hydrog ? ? A DA 2  N6 ? ? ? 1_555 B DT 9  O4 ? ? C DA 202 D DT 219 1_555 ? ? ? ? ? ? WATSON-CRICK ? ? ? 
hydrog5  hydrog ? ? A DA 3  N1 ? ? ? 1_555 B DT 8  N3 ? ? C DA 203 D DT 218 1_555 ? ? ? ? ? ? WATSON-CRICK ? ? ? 
hydrog6  hydrog ? ? A DA 3  N6 ? ? ? 1_555 B DT 8  O4 ? ? C DA 203 D DT 218 1_555 ? ? ? ? ? ? WATSON-CRICK ? ? ? 
hydrog7  hydrog ? ? A DT 4  N3 ? ? ? 1_555 B DA 7  N1 ? ? C DT 204 D DA 217 1_555 ? ? ? ? ? ? WATSON-CRICK ? ? ? 
hydrog8  hydrog ? ? A DT 4  O4 ? ? ? 1_555 B DA 7  N6 ? ? C DT 204 D DA 217 1_555 ? ? ? ? ? ? WATSON-CRICK ? ? ? 
hydrog9  hydrog ? ? A DT 5  N3 ? ? ? 1_555 B DA 6  N1 ? ? C DT 205 D DA 216 1_555 ? ? ? ? ? ? WATSON-CRICK ? ? ? 
hydrog10 hydrog ? ? A DT 5  O4 ? ? ? 1_555 B DA 6  N6 ? ? C DT 205 D DA 216 1_555 ? ? ? ? ? ? WATSON-CRICK ? ? ? 
hydrog11 hydrog ? ? A DG 6  N1 ? ? ? 1_555 B DC 5  N3 ? ? C DG 206 D DC 215 1_555 ? ? ? ? ? ? WATSON-CRICK ? ? ? 
hydrog12 hydrog ? ? A DG 6  N2 ? ? ? 1_555 B DC 5  O2 ? ? C DG 206 D DC 215 1_555 ? ? ? ? ? ? WATSON-CRICK ? ? ? 
hydrog13 hydrog ? ? A DG 6  O6 ? ? ? 1_555 B DC 5  N4 ? ? C DG 206 D DC 215 1_555 ? ? ? ? ? ? WATSON-CRICK ? ? ? 
hydrog14 hydrog ? ? A DA 7  N1 ? ? ? 1_555 B DT 4  N3 ? ? C DA 207 D DT 214 1_555 ? ? ? ? ? ? WATSON-CRICK ? ? ? 
hydrog15 hydrog ? ? A DA 7  N6 ? ? ? 1_555 B DT 4  O4 ? ? C DA 207 D DT 214 1_555 ? ? ? ? ? ? WATSON-CRICK ? ? ? 
hydrog16 hydrog ? ? A DA 8  N1 ? ? ? 1_555 B DT 3  N3 ? ? C DA 208 D DT 213 1_555 ? ? ? ? ? ? WATSON-CRICK ? ? ? 
hydrog17 hydrog ? ? A DA 8  N6 ? ? ? 1_555 B DT 3  O4 ? ? C DA 208 D DT 213 1_555 ? ? ? ? ? ? WATSON-CRICK ? ? ? 
hydrog18 hydrog ? ? A DT 9  N3 ? ? ? 1_555 B DA 2  N1 ? ? C DT 209 D DA 212 1_555 ? ? ? ? ? ? WATSON-CRICK ? ? ? 
hydrog19 hydrog ? ? A DT 9  O4 ? ? ? 1_555 B DA 2  N6 ? ? C DT 209 D DA 212 1_555 ? ? ? ? ? ? WATSON-CRICK ? ? ? 
hydrog20 hydrog ? ? A DT 10 N3 ? ? ? 1_555 B DA 1  N1 ? ? C DT 210 D DA 211 1_555 ? ? ? ? ? ? WATSON-CRICK ? ? ? 
hydrog21 hydrog ? ? A DT 10 O4 ? ? ? 1_555 B DA 1  N6 ? ? C DT 210 D DA 211 1_555 ? ? ? ? ? ? WATSON-CRICK ? ? ? 
# 
_struct_conn_type.id          hydrog 
_struct_conn_type.criteria    ? 
_struct_conn_type.reference   ? 
# 
loop_
_pdbx_validate_rmsd_angle.id 
_pdbx_validate_rmsd_angle.PDB_model_num 
_pdbx_validate_rmsd_angle.auth_atom_id_1 
_pdbx_validate_rmsd_angle.auth_asym_id_1 
_pdbx_validate_rmsd_angle.auth_comp_id_1 
_pdbx_validate_rmsd_angle.auth_seq_id_1 
_pdbx_validate_rmsd_angle.PDB_ins_code_1 
_pdbx_validate_rmsd_angle.label_alt_id_1 
_pdbx_validate_rmsd_angle.auth_atom_id_2 
_pdbx_validate_rmsd_angle.auth_asym_id_2 
_pdbx_validate_rmsd_angle.auth_comp_id_2 
_pdbx_validate_rmsd_angle.auth_seq_id_2 
_pdbx_validate_rmsd_angle.PDB_ins_code_2 
_pdbx_validate_rmsd_angle.label_alt_id_2 
_pdbx_validate_rmsd_angle.auth_atom_id_3 
_pdbx_validate_rmsd_angle.auth_asym_id_3 
_pdbx_validate_rmsd_angle.auth_comp_id_3 
_pdbx_validate_rmsd_angle.auth_seq_id_3 
_pdbx_validate_rmsd_angle.PDB_ins_code_3 
_pdbx_validate_rmsd_angle.label_alt_id_3 
_pdbx_validate_rmsd_angle.angle_value 
_pdbx_validate_rmsd_angle.angle_target_value 
_pdbx_validate_rmsd_angle.angle_deviation 
_pdbx_validate_rmsd_angle.angle_standard_deviation 
_pdbx_validate_rmsd_angle.linker_flag 
1 1 "O4'" C DT  210 ? ? "C1'" C DT  210 ? ? N1 C DT  210 ? ? 110.32 108.30 2.02  0.30 N 
2 1 "O4'" D DA  217 ? ? "C1'" D DA  217 ? ? N9 D DA  217 ? ? 110.56 108.30 2.26  0.30 N 
3 1 "O4'" D DT  219 ? ? "C1'" D DT  219 ? ? N1 D DT  219 ? ? 110.18 108.30 1.88  0.30 N 
4 1 N     B TYR 304 ? ? CA    B TYR 304 ? ? C  B TYR 304 ? ? 127.51 111.00 16.51 2.70 N 
5 1 N     B ARG 305 ? ? CA    B ARG 305 ? ? C  B ARG 305 ? ? 130.72 111.00 19.72 2.70 N 
# 
loop_
_pdbx_validate_torsion.id 
_pdbx_validate_torsion.PDB_model_num 
_pdbx_validate_torsion.auth_comp_id 
_pdbx_validate_torsion.auth_asym_id 
_pdbx_validate_torsion.auth_seq_id 
_pdbx_validate_torsion.PDB_ins_code 
_pdbx_validate_torsion.label_alt_id 
_pdbx_validate_torsion.phi 
_pdbx_validate_torsion.psi 
1 1 TYR A 104 ? ? 177.10  -152.77 
2 1 ARG A 105 ? ? 147.12  81.94   
3 1 TYR B 304 ? ? -170.05 -161.74 
4 1 ARG B 305 ? ? 138.42  103.97  
# 
loop_
_pdbx_validate_planes.id 
_pdbx_validate_planes.PDB_model_num 
_pdbx_validate_planes.auth_comp_id 
_pdbx_validate_planes.auth_asym_id 
_pdbx_validate_planes.auth_seq_id 
_pdbx_validate_planes.PDB_ins_code 
_pdbx_validate_planes.label_alt_id 
_pdbx_validate_planes.rmsd 
_pdbx_validate_planes.type 
1 1 DT C 210 ? ? 0.091 'SIDE CHAIN' 
2 1 DT D 214 ? ? 0.091 'SIDE CHAIN' 
3 1 DA D 217 ? ? 0.054 'SIDE CHAIN' 
# 
loop_
_pdbx_unobs_or_zero_occ_residues.id 
_pdbx_unobs_or_zero_occ_residues.PDB_model_num 
_pdbx_unobs_or_zero_occ_residues.polymer_flag 
_pdbx_unobs_or_zero_occ_residues.occupancy_flag 
_pdbx_unobs_or_zero_occ_residues.auth_asym_id 
_pdbx_unobs_or_zero_occ_residues.auth_comp_id 
_pdbx_unobs_or_zero_occ_residues.auth_seq_id 
_pdbx_unobs_or_zero_occ_residues.PDB_ins_code 
_pdbx_unobs_or_zero_occ_residues.label_asym_id 
_pdbx_unobs_or_zero_occ_residues.label_comp_id 
_pdbx_unobs_or_zero_occ_residues.label_seq_id 
1 1 Y 1 A VAL 101 ? C VAL 1  
2 1 Y 1 A ARG 102 ? C ARG 2  
3 1 Y 1 A ARG 160 ? C ARG 60 
4 1 Y 1 B VAL 301 ? D VAL 1  
5 1 Y 1 B ARG 302 ? D ARG 2  
6 1 Y 1 B ARG 360 ? D ARG 60 
# 
loop_
_chem_comp_atom.comp_id 
_chem_comp_atom.atom_id 
_chem_comp_atom.type_symbol 
_chem_comp_atom.pdbx_aromatic_flag 
_chem_comp_atom.pdbx_stereo_config 
_chem_comp_atom.pdbx_ordinal 
ALA N      N N N 1   
ALA CA     C N S 2   
ALA C      C N N 3   
ALA O      O N N 4   
ALA CB     C N N 5   
ALA OXT    O N N 6   
ALA H      H N N 7   
ALA H2     H N N 8   
ALA HA     H N N 9   
ALA HB1    H N N 10  
ALA HB2    H N N 11  
ALA HB3    H N N 12  
ALA HXT    H N N 13  
ARG N      N N N 14  
ARG CA     C N S 15  
ARG C      C N N 16  
ARG O      O N N 17  
ARG CB     C N N 18  
ARG CG     C N N 19  
ARG CD     C N N 20  
ARG NE     N N N 21  
ARG CZ     C N N 22  
ARG NH1    N N N 23  
ARG NH2    N N N 24  
ARG OXT    O N N 25  
ARG H      H N N 26  
ARG H2     H N N 27  
ARG HA     H N N 28  
ARG HB2    H N N 29  
ARG HB3    H N N 30  
ARG HG2    H N N 31  
ARG HG3    H N N 32  
ARG HD2    H N N 33  
ARG HD3    H N N 34  
ARG HE     H N N 35  
ARG HH11   H N N 36  
ARG HH12   H N N 37  
ARG HH21   H N N 38  
ARG HH22   H N N 39  
ARG HXT    H N N 40  
ASN N      N N N 41  
ASN CA     C N S 42  
ASN C      C N N 43  
ASN O      O N N 44  
ASN CB     C N N 45  
ASN CG     C N N 46  
ASN OD1    O N N 47  
ASN ND2    N N N 48  
ASN OXT    O N N 49  
ASN H      H N N 50  
ASN H2     H N N 51  
ASN HA     H N N 52  
ASN HB2    H N N 53  
ASN HB3    H N N 54  
ASN HD21   H N N 55  
ASN HD22   H N N 56  
ASN HXT    H N N 57  
ASP N      N N N 58  
ASP CA     C N S 59  
ASP C      C N N 60  
ASP O      O N N 61  
ASP CB     C N N 62  
ASP CG     C N N 63  
ASP OD1    O N N 64  
ASP OD2    O N N 65  
ASP OXT    O N N 66  
ASP H      H N N 67  
ASP H2     H N N 68  
ASP HA     H N N 69  
ASP HB2    H N N 70  
ASP HB3    H N N 71  
ASP HD2    H N N 72  
ASP HXT    H N N 73  
CYS N      N N N 74  
CYS CA     C N R 75  
CYS C      C N N 76  
CYS O      O N N 77  
CYS CB     C N N 78  
CYS SG     S N N 79  
CYS OXT    O N N 80  
CYS H      H N N 81  
CYS H2     H N N 82  
CYS HA     H N N 83  
CYS HB2    H N N 84  
CYS HB3    H N N 85  
CYS HG     H N N 86  
CYS HXT    H N N 87  
DA  OP3    O N N 88  
DA  P      P N N 89  
DA  OP1    O N N 90  
DA  OP2    O N N 91  
DA  "O5'"  O N N 92  
DA  "C5'"  C N N 93  
DA  "C4'"  C N R 94  
DA  "O4'"  O N N 95  
DA  "C3'"  C N S 96  
DA  "O3'"  O N N 97  
DA  "C2'"  C N N 98  
DA  "C1'"  C N R 99  
DA  N9     N Y N 100 
DA  C8     C Y N 101 
DA  N7     N Y N 102 
DA  C5     C Y N 103 
DA  C6     C Y N 104 
DA  N6     N N N 105 
DA  N1     N Y N 106 
DA  C2     C Y N 107 
DA  N3     N Y N 108 
DA  C4     C Y N 109 
DA  HOP3   H N N 110 
DA  HOP2   H N N 111 
DA  "H5'"  H N N 112 
DA  "H5''" H N N 113 
DA  "H4'"  H N N 114 
DA  "H3'"  H N N 115 
DA  "HO3'" H N N 116 
DA  "H2'"  H N N 117 
DA  "H2''" H N N 118 
DA  "H1'"  H N N 119 
DA  H8     H N N 120 
DA  H61    H N N 121 
DA  H62    H N N 122 
DA  H2     H N N 123 
DC  OP3    O N N 124 
DC  P      P N N 125 
DC  OP1    O N N 126 
DC  OP2    O N N 127 
DC  "O5'"  O N N 128 
DC  "C5'"  C N N 129 
DC  "C4'"  C N R 130 
DC  "O4'"  O N N 131 
DC  "C3'"  C N S 132 
DC  "O3'"  O N N 133 
DC  "C2'"  C N N 134 
DC  "C1'"  C N R 135 
DC  N1     N N N 136 
DC  C2     C N N 137 
DC  O2     O N N 138 
DC  N3     N N N 139 
DC  C4     C N N 140 
DC  N4     N N N 141 
DC  C5     C N N 142 
DC  C6     C N N 143 
DC  HOP3   H N N 144 
DC  HOP2   H N N 145 
DC  "H5'"  H N N 146 
DC  "H5''" H N N 147 
DC  "H4'"  H N N 148 
DC  "H3'"  H N N 149 
DC  "HO3'" H N N 150 
DC  "H2'"  H N N 151 
DC  "H2''" H N N 152 
DC  "H1'"  H N N 153 
DC  H41    H N N 154 
DC  H42    H N N 155 
DC  H5     H N N 156 
DC  H6     H N N 157 
DG  OP3    O N N 158 
DG  P      P N N 159 
DG  OP1    O N N 160 
DG  OP2    O N N 161 
DG  "O5'"  O N N 162 
DG  "C5'"  C N N 163 
DG  "C4'"  C N R 164 
DG  "O4'"  O N N 165 
DG  "C3'"  C N S 166 
DG  "O3'"  O N N 167 
DG  "C2'"  C N N 168 
DG  "C1'"  C N R 169 
DG  N9     N Y N 170 
DG  C8     C Y N 171 
DG  N7     N Y N 172 
DG  C5     C Y N 173 
DG  C6     C N N 174 
DG  O6     O N N 175 
DG  N1     N N N 176 
DG  C2     C N N 177 
DG  N2     N N N 178 
DG  N3     N N N 179 
DG  C4     C Y N 180 
DG  HOP3   H N N 181 
DG  HOP2   H N N 182 
DG  "H5'"  H N N 183 
DG  "H5''" H N N 184 
DG  "H4'"  H N N 185 
DG  "H3'"  H N N 186 
DG  "HO3'" H N N 187 
DG  "H2'"  H N N 188 
DG  "H2''" H N N 189 
DG  "H1'"  H N N 190 
DG  H8     H N N 191 
DG  H1     H N N 192 
DG  H21    H N N 193 
DG  H22    H N N 194 
DT  OP3    O N N 195 
DT  P      P N N 196 
DT  OP1    O N N 197 
DT  OP2    O N N 198 
DT  "O5'"  O N N 199 
DT  "C5'"  C N N 200 
DT  "C4'"  C N R 201 
DT  "O4'"  O N N 202 
DT  "C3'"  C N S 203 
DT  "O3'"  O N N 204 
DT  "C2'"  C N N 205 
DT  "C1'"  C N R 206 
DT  N1     N N N 207 
DT  C2     C N N 208 
DT  O2     O N N 209 
DT  N3     N N N 210 
DT  C4     C N N 211 
DT  O4     O N N 212 
DT  C5     C N N 213 
DT  C7     C N N 214 
DT  C6     C N N 215 
DT  HOP3   H N N 216 
DT  HOP2   H N N 217 
DT  "H5'"  H N N 218 
DT  "H5''" H N N 219 
DT  "H4'"  H N N 220 
DT  "H3'"  H N N 221 
DT  "HO3'" H N N 222 
DT  "H2'"  H N N 223 
DT  "H2''" H N N 224 
DT  "H1'"  H N N 225 
DT  H3     H N N 226 
DT  H71    H N N 227 
DT  H72    H N N 228 
DT  H73    H N N 229 
DT  H6     H N N 230 
GLN N      N N N 231 
GLN CA     C N S 232 
GLN C      C N N 233 
GLN O      O N N 234 
GLN CB     C N N 235 
GLN CG     C N N 236 
GLN CD     C N N 237 
GLN OE1    O N N 238 
GLN NE2    N N N 239 
GLN OXT    O N N 240 
GLN H      H N N 241 
GLN H2     H N N 242 
GLN HA     H N N 243 
GLN HB2    H N N 244 
GLN HB3    H N N 245 
GLN HG2    H N N 246 
GLN HG3    H N N 247 
GLN HE21   H N N 248 
GLN HE22   H N N 249 
GLN HXT    H N N 250 
GLU N      N N N 251 
GLU CA     C N S 252 
GLU C      C N N 253 
GLU O      O N N 254 
GLU CB     C N N 255 
GLU CG     C N N 256 
GLU CD     C N N 257 
GLU OE1    O N N 258 
GLU OE2    O N N 259 
GLU OXT    O N N 260 
GLU H      H N N 261 
GLU H2     H N N 262 
GLU HA     H N N 263 
GLU HB2    H N N 264 
GLU HB3    H N N 265 
GLU HG2    H N N 266 
GLU HG3    H N N 267 
GLU HE2    H N N 268 
GLU HXT    H N N 269 
GLY N      N N N 270 
GLY CA     C N N 271 
GLY C      C N N 272 
GLY O      O N N 273 
GLY OXT    O N N 274 
GLY H      H N N 275 
GLY H2     H N N 276 
GLY HA2    H N N 277 
GLY HA3    H N N 278 
GLY HXT    H N N 279 
HOH O      O N N 280 
HOH H1     H N N 281 
HOH H2     H N N 282 
ILE N      N N N 283 
ILE CA     C N S 284 
ILE C      C N N 285 
ILE O      O N N 286 
ILE CB     C N S 287 
ILE CG1    C N N 288 
ILE CG2    C N N 289 
ILE CD1    C N N 290 
ILE OXT    O N N 291 
ILE H      H N N 292 
ILE H2     H N N 293 
ILE HA     H N N 294 
ILE HB     H N N 295 
ILE HG12   H N N 296 
ILE HG13   H N N 297 
ILE HG21   H N N 298 
ILE HG22   H N N 299 
ILE HG23   H N N 300 
ILE HD11   H N N 301 
ILE HD12   H N N 302 
ILE HD13   H N N 303 
ILE HXT    H N N 304 
LEU N      N N N 305 
LEU CA     C N S 306 
LEU C      C N N 307 
LEU O      O N N 308 
LEU CB     C N N 309 
LEU CG     C N N 310 
LEU CD1    C N N 311 
LEU CD2    C N N 312 
LEU OXT    O N N 313 
LEU H      H N N 314 
LEU H2     H N N 315 
LEU HA     H N N 316 
LEU HB2    H N N 317 
LEU HB3    H N N 318 
LEU HG     H N N 319 
LEU HD11   H N N 320 
LEU HD12   H N N 321 
LEU HD13   H N N 322 
LEU HD21   H N N 323 
LEU HD22   H N N 324 
LEU HD23   H N N 325 
LEU HXT    H N N 326 
LYS N      N N N 327 
LYS CA     C N S 328 
LYS C      C N N 329 
LYS O      O N N 330 
LYS CB     C N N 331 
LYS CG     C N N 332 
LYS CD     C N N 333 
LYS CE     C N N 334 
LYS NZ     N N N 335 
LYS OXT    O N N 336 
LYS H      H N N 337 
LYS H2     H N N 338 
LYS HA     H N N 339 
LYS HB2    H N N 340 
LYS HB3    H N N 341 
LYS HG2    H N N 342 
LYS HG3    H N N 343 
LYS HD2    H N N 344 
LYS HD3    H N N 345 
LYS HE2    H N N 346 
LYS HE3    H N N 347 
LYS HZ1    H N N 348 
LYS HZ2    H N N 349 
LYS HZ3    H N N 350 
LYS HXT    H N N 351 
MET N      N N N 352 
MET CA     C N S 353 
MET C      C N N 354 
MET O      O N N 355 
MET CB     C N N 356 
MET CG     C N N 357 
MET SD     S N N 358 
MET CE     C N N 359 
MET OXT    O N N 360 
MET H      H N N 361 
MET H2     H N N 362 
MET HA     H N N 363 
MET HB2    H N N 364 
MET HB3    H N N 365 
MET HG2    H N N 366 
MET HG3    H N N 367 
MET HE1    H N N 368 
MET HE2    H N N 369 
MET HE3    H N N 370 
MET HXT    H N N 371 
PHE N      N N N 372 
PHE CA     C N S 373 
PHE C      C N N 374 
PHE O      O N N 375 
PHE CB     C N N 376 
PHE CG     C Y N 377 
PHE CD1    C Y N 378 
PHE CD2    C Y N 379 
PHE CE1    C Y N 380 
PHE CE2    C Y N 381 
PHE CZ     C Y N 382 
PHE OXT    O N N 383 
PHE H      H N N 384 
PHE H2     H N N 385 
PHE HA     H N N 386 
PHE HB2    H N N 387 
PHE HB3    H N N 388 
PHE HD1    H N N 389 
PHE HD2    H N N 390 
PHE HE1    H N N 391 
PHE HE2    H N N 392 
PHE HZ     H N N 393 
PHE HXT    H N N 394 
PRO N      N N N 395 
PRO CA     C N S 396 
PRO C      C N N 397 
PRO O      O N N 398 
PRO CB     C N N 399 
PRO CG     C N N 400 
PRO CD     C N N 401 
PRO OXT    O N N 402 
PRO H      H N N 403 
PRO HA     H N N 404 
PRO HB2    H N N 405 
PRO HB3    H N N 406 
PRO HG2    H N N 407 
PRO HG3    H N N 408 
PRO HD2    H N N 409 
PRO HD3    H N N 410 
PRO HXT    H N N 411 
SER N      N N N 412 
SER CA     C N S 413 
SER C      C N N 414 
SER O      O N N 415 
SER CB     C N N 416 
SER OG     O N N 417 
SER OXT    O N N 418 
SER H      H N N 419 
SER H2     H N N 420 
SER HA     H N N 421 
SER HB2    H N N 422 
SER HB3    H N N 423 
SER HG     H N N 424 
SER HXT    H N N 425 
THR N      N N N 426 
THR CA     C N S 427 
THR C      C N N 428 
THR O      O N N 429 
THR CB     C N R 430 
THR OG1    O N N 431 
THR CG2    C N N 432 
THR OXT    O N N 433 
THR H      H N N 434 
THR H2     H N N 435 
THR HA     H N N 436 
THR HB     H N N 437 
THR HG1    H N N 438 
THR HG21   H N N 439 
THR HG22   H N N 440 
THR HG23   H N N 441 
THR HXT    H N N 442 
TRP N      N N N 443 
TRP CA     C N S 444 
TRP C      C N N 445 
TRP O      O N N 446 
TRP CB     C N N 447 
TRP CG     C Y N 448 
TRP CD1    C Y N 449 
TRP CD2    C Y N 450 
TRP NE1    N Y N 451 
TRP CE2    C Y N 452 
TRP CE3    C Y N 453 
TRP CZ2    C Y N 454 
TRP CZ3    C Y N 455 
TRP CH2    C Y N 456 
TRP OXT    O N N 457 
TRP H      H N N 458 
TRP H2     H N N 459 
TRP HA     H N N 460 
TRP HB2    H N N 461 
TRP HB3    H N N 462 
TRP HD1    H N N 463 
TRP HE1    H N N 464 
TRP HE3    H N N 465 
TRP HZ2    H N N 466 
TRP HZ3    H N N 467 
TRP HH2    H N N 468 
TRP HXT    H N N 469 
TYR N      N N N 470 
TYR CA     C N S 471 
TYR C      C N N 472 
TYR O      O N N 473 
TYR CB     C N N 474 
TYR CG     C Y N 475 
TYR CD1    C Y N 476 
TYR CD2    C Y N 477 
TYR CE1    C Y N 478 
TYR CE2    C Y N 479 
TYR CZ     C Y N 480 
TYR OH     O N N 481 
TYR OXT    O N N 482 
TYR H      H N N 483 
TYR H2     H N N 484 
TYR HA     H N N 485 
TYR HB2    H N N 486 
TYR HB3    H N N 487 
TYR HD1    H N N 488 
TYR HD2    H N N 489 
TYR HE1    H N N 490 
TYR HE2    H N N 491 
TYR HH     H N N 492 
TYR HXT    H N N 493 
VAL N      N N N 494 
VAL CA     C N S 495 
VAL C      C N N 496 
VAL O      O N N 497 
VAL CB     C N N 498 
VAL CG1    C N N 499 
VAL CG2    C N N 500 
VAL OXT    O N N 501 
VAL H      H N N 502 
VAL H2     H N N 503 
VAL HA     H N N 504 
VAL HB     H N N 505 
VAL HG11   H N N 506 
VAL HG12   H N N 507 
VAL HG13   H N N 508 
VAL HG21   H N N 509 
VAL HG22   H N N 510 
VAL HG23   H N N 511 
VAL HXT    H N N 512 
# 
loop_
_chem_comp_bond.comp_id 
_chem_comp_bond.atom_id_1 
_chem_comp_bond.atom_id_2 
_chem_comp_bond.value_order 
_chem_comp_bond.pdbx_aromatic_flag 
_chem_comp_bond.pdbx_stereo_config 
_chem_comp_bond.pdbx_ordinal 
ALA N     CA     sing N N 1   
ALA N     H      sing N N 2   
ALA N     H2     sing N N 3   
ALA CA    C      sing N N 4   
ALA CA    CB     sing N N 5   
ALA CA    HA     sing N N 6   
ALA C     O      doub N N 7   
ALA C     OXT    sing N N 8   
ALA CB    HB1    sing N N 9   
ALA CB    HB2    sing N N 10  
ALA CB    HB3    sing N N 11  
ALA OXT   HXT    sing N N 12  
ARG N     CA     sing N N 13  
ARG N     H      sing N N 14  
ARG N     H2     sing N N 15  
ARG CA    C      sing N N 16  
ARG CA    CB     sing N N 17  
ARG CA    HA     sing N N 18  
ARG C     O      doub N N 19  
ARG C     OXT    sing N N 20  
ARG CB    CG     sing N N 21  
ARG CB    HB2    sing N N 22  
ARG CB    HB3    sing N N 23  
ARG CG    CD     sing N N 24  
ARG CG    HG2    sing N N 25  
ARG CG    HG3    sing N N 26  
ARG CD    NE     sing N N 27  
ARG CD    HD2    sing N N 28  
ARG CD    HD3    sing N N 29  
ARG NE    CZ     sing N N 30  
ARG NE    HE     sing N N 31  
ARG CZ    NH1    sing N N 32  
ARG CZ    NH2    doub N N 33  
ARG NH1   HH11   sing N N 34  
ARG NH1   HH12   sing N N 35  
ARG NH2   HH21   sing N N 36  
ARG NH2   HH22   sing N N 37  
ARG OXT   HXT    sing N N 38  
ASN N     CA     sing N N 39  
ASN N     H      sing N N 40  
ASN N     H2     sing N N 41  
ASN CA    C      sing N N 42  
ASN CA    CB     sing N N 43  
ASN CA    HA     sing N N 44  
ASN C     O      doub N N 45  
ASN C     OXT    sing N N 46  
ASN CB    CG     sing N N 47  
ASN CB    HB2    sing N N 48  
ASN CB    HB3    sing N N 49  
ASN CG    OD1    doub N N 50  
ASN CG    ND2    sing N N 51  
ASN ND2   HD21   sing N N 52  
ASN ND2   HD22   sing N N 53  
ASN OXT   HXT    sing N N 54  
ASP N     CA     sing N N 55  
ASP N     H      sing N N 56  
ASP N     H2     sing N N 57  
ASP CA    C      sing N N 58  
ASP CA    CB     sing N N 59  
ASP CA    HA     sing N N 60  
ASP C     O      doub N N 61  
ASP C     OXT    sing N N 62  
ASP CB    CG     sing N N 63  
ASP CB    HB2    sing N N 64  
ASP CB    HB3    sing N N 65  
ASP CG    OD1    doub N N 66  
ASP CG    OD2    sing N N 67  
ASP OD2   HD2    sing N N 68  
ASP OXT   HXT    sing N N 69  
CYS N     CA     sing N N 70  
CYS N     H      sing N N 71  
CYS N     H2     sing N N 72  
CYS CA    C      sing N N 73  
CYS CA    CB     sing N N 74  
CYS CA    HA     sing N N 75  
CYS C     O      doub N N 76  
CYS C     OXT    sing N N 77  
CYS CB    SG     sing N N 78  
CYS CB    HB2    sing N N 79  
CYS CB    HB3    sing N N 80  
CYS SG    HG     sing N N 81  
CYS OXT   HXT    sing N N 82  
DA  OP3   P      sing N N 83  
DA  OP3   HOP3   sing N N 84  
DA  P     OP1    doub N N 85  
DA  P     OP2    sing N N 86  
DA  P     "O5'"  sing N N 87  
DA  OP2   HOP2   sing N N 88  
DA  "O5'" "C5'"  sing N N 89  
DA  "C5'" "C4'"  sing N N 90  
DA  "C5'" "H5'"  sing N N 91  
DA  "C5'" "H5''" sing N N 92  
DA  "C4'" "O4'"  sing N N 93  
DA  "C4'" "C3'"  sing N N 94  
DA  "C4'" "H4'"  sing N N 95  
DA  "O4'" "C1'"  sing N N 96  
DA  "C3'" "O3'"  sing N N 97  
DA  "C3'" "C2'"  sing N N 98  
DA  "C3'" "H3'"  sing N N 99  
DA  "O3'" "HO3'" sing N N 100 
DA  "C2'" "C1'"  sing N N 101 
DA  "C2'" "H2'"  sing N N 102 
DA  "C2'" "H2''" sing N N 103 
DA  "C1'" N9     sing N N 104 
DA  "C1'" "H1'"  sing N N 105 
DA  N9    C8     sing Y N 106 
DA  N9    C4     sing Y N 107 
DA  C8    N7     doub Y N 108 
DA  C8    H8     sing N N 109 
DA  N7    C5     sing Y N 110 
DA  C5    C6     sing Y N 111 
DA  C5    C4     doub Y N 112 
DA  C6    N6     sing N N 113 
DA  C6    N1     doub Y N 114 
DA  N6    H61    sing N N 115 
DA  N6    H62    sing N N 116 
DA  N1    C2     sing Y N 117 
DA  C2    N3     doub Y N 118 
DA  C2    H2     sing N N 119 
DA  N3    C4     sing Y N 120 
DC  OP3   P      sing N N 121 
DC  OP3   HOP3   sing N N 122 
DC  P     OP1    doub N N 123 
DC  P     OP2    sing N N 124 
DC  P     "O5'"  sing N N 125 
DC  OP2   HOP2   sing N N 126 
DC  "O5'" "C5'"  sing N N 127 
DC  "C5'" "C4'"  sing N N 128 
DC  "C5'" "H5'"  sing N N 129 
DC  "C5'" "H5''" sing N N 130 
DC  "C4'" "O4'"  sing N N 131 
DC  "C4'" "C3'"  sing N N 132 
DC  "C4'" "H4'"  sing N N 133 
DC  "O4'" "C1'"  sing N N 134 
DC  "C3'" "O3'"  sing N N 135 
DC  "C3'" "C2'"  sing N N 136 
DC  "C3'" "H3'"  sing N N 137 
DC  "O3'" "HO3'" sing N N 138 
DC  "C2'" "C1'"  sing N N 139 
DC  "C2'" "H2'"  sing N N 140 
DC  "C2'" "H2''" sing N N 141 
DC  "C1'" N1     sing N N 142 
DC  "C1'" "H1'"  sing N N 143 
DC  N1    C2     sing N N 144 
DC  N1    C6     sing N N 145 
DC  C2    O2     doub N N 146 
DC  C2    N3     sing N N 147 
DC  N3    C4     doub N N 148 
DC  C4    N4     sing N N 149 
DC  C4    C5     sing N N 150 
DC  N4    H41    sing N N 151 
DC  N4    H42    sing N N 152 
DC  C5    C6     doub N N 153 
DC  C5    H5     sing N N 154 
DC  C6    H6     sing N N 155 
DG  OP3   P      sing N N 156 
DG  OP3   HOP3   sing N N 157 
DG  P     OP1    doub N N 158 
DG  P     OP2    sing N N 159 
DG  P     "O5'"  sing N N 160 
DG  OP2   HOP2   sing N N 161 
DG  "O5'" "C5'"  sing N N 162 
DG  "C5'" "C4'"  sing N N 163 
DG  "C5'" "H5'"  sing N N 164 
DG  "C5'" "H5''" sing N N 165 
DG  "C4'" "O4'"  sing N N 166 
DG  "C4'" "C3'"  sing N N 167 
DG  "C4'" "H4'"  sing N N 168 
DG  "O4'" "C1'"  sing N N 169 
DG  "C3'" "O3'"  sing N N 170 
DG  "C3'" "C2'"  sing N N 171 
DG  "C3'" "H3'"  sing N N 172 
DG  "O3'" "HO3'" sing N N 173 
DG  "C2'" "C1'"  sing N N 174 
DG  "C2'" "H2'"  sing N N 175 
DG  "C2'" "H2''" sing N N 176 
DG  "C1'" N9     sing N N 177 
DG  "C1'" "H1'"  sing N N 178 
DG  N9    C8     sing Y N 179 
DG  N9    C4     sing Y N 180 
DG  C8    N7     doub Y N 181 
DG  C8    H8     sing N N 182 
DG  N7    C5     sing Y N 183 
DG  C5    C6     sing N N 184 
DG  C5    C4     doub Y N 185 
DG  C6    O6     doub N N 186 
DG  C6    N1     sing N N 187 
DG  N1    C2     sing N N 188 
DG  N1    H1     sing N N 189 
DG  C2    N2     sing N N 190 
DG  C2    N3     doub N N 191 
DG  N2    H21    sing N N 192 
DG  N2    H22    sing N N 193 
DG  N3    C4     sing N N 194 
DT  OP3   P      sing N N 195 
DT  OP3   HOP3   sing N N 196 
DT  P     OP1    doub N N 197 
DT  P     OP2    sing N N 198 
DT  P     "O5'"  sing N N 199 
DT  OP2   HOP2   sing N N 200 
DT  "O5'" "C5'"  sing N N 201 
DT  "C5'" "C4'"  sing N N 202 
DT  "C5'" "H5'"  sing N N 203 
DT  "C5'" "H5''" sing N N 204 
DT  "C4'" "O4'"  sing N N 205 
DT  "C4'" "C3'"  sing N N 206 
DT  "C4'" "H4'"  sing N N 207 
DT  "O4'" "C1'"  sing N N 208 
DT  "C3'" "O3'"  sing N N 209 
DT  "C3'" "C2'"  sing N N 210 
DT  "C3'" "H3'"  sing N N 211 
DT  "O3'" "HO3'" sing N N 212 
DT  "C2'" "C1'"  sing N N 213 
DT  "C2'" "H2'"  sing N N 214 
DT  "C2'" "H2''" sing N N 215 
DT  "C1'" N1     sing N N 216 
DT  "C1'" "H1'"  sing N N 217 
DT  N1    C2     sing N N 218 
DT  N1    C6     sing N N 219 
DT  C2    O2     doub N N 220 
DT  C2    N3     sing N N 221 
DT  N3    C4     sing N N 222 
DT  N3    H3     sing N N 223 
DT  C4    O4     doub N N 224 
DT  C4    C5     sing N N 225 
DT  C5    C7     sing N N 226 
DT  C5    C6     doub N N 227 
DT  C7    H71    sing N N 228 
DT  C7    H72    sing N N 229 
DT  C7    H73    sing N N 230 
DT  C6    H6     sing N N 231 
GLN N     CA     sing N N 232 
GLN N     H      sing N N 233 
GLN N     H2     sing N N 234 
GLN CA    C      sing N N 235 
GLN CA    CB     sing N N 236 
GLN CA    HA     sing N N 237 
GLN C     O      doub N N 238 
GLN C     OXT    sing N N 239 
GLN CB    CG     sing N N 240 
GLN CB    HB2    sing N N 241 
GLN CB    HB3    sing N N 242 
GLN CG    CD     sing N N 243 
GLN CG    HG2    sing N N 244 
GLN CG    HG3    sing N N 245 
GLN CD    OE1    doub N N 246 
GLN CD    NE2    sing N N 247 
GLN NE2   HE21   sing N N 248 
GLN NE2   HE22   sing N N 249 
GLN OXT   HXT    sing N N 250 
GLU N     CA     sing N N 251 
GLU N     H      sing N N 252 
GLU N     H2     sing N N 253 
GLU CA    C      sing N N 254 
GLU CA    CB     sing N N 255 
GLU CA    HA     sing N N 256 
GLU C     O      doub N N 257 
GLU C     OXT    sing N N 258 
GLU CB    CG     sing N N 259 
GLU CB    HB2    sing N N 260 
GLU CB    HB3    sing N N 261 
GLU CG    CD     sing N N 262 
GLU CG    HG2    sing N N 263 
GLU CG    HG3    sing N N 264 
GLU CD    OE1    doub N N 265 
GLU CD    OE2    sing N N 266 
GLU OE2   HE2    sing N N 267 
GLU OXT   HXT    sing N N 268 
GLY N     CA     sing N N 269 
GLY N     H      sing N N 270 
GLY N     H2     sing N N 271 
GLY CA    C      sing N N 272 
GLY CA    HA2    sing N N 273 
GLY CA    HA3    sing N N 274 
GLY C     O      doub N N 275 
GLY C     OXT    sing N N 276 
GLY OXT   HXT    sing N N 277 
HOH O     H1     sing N N 278 
HOH O     H2     sing N N 279 
ILE N     CA     sing N N 280 
ILE N     H      sing N N 281 
ILE N     H2     sing N N 282 
ILE CA    C      sing N N 283 
ILE CA    CB     sing N N 284 
ILE CA    HA     sing N N 285 
ILE C     O      doub N N 286 
ILE C     OXT    sing N N 287 
ILE CB    CG1    sing N N 288 
ILE CB    CG2    sing N N 289 
ILE CB    HB     sing N N 290 
ILE CG1   CD1    sing N N 291 
ILE CG1   HG12   sing N N 292 
ILE CG1   HG13   sing N N 293 
ILE CG2   HG21   sing N N 294 
ILE CG2   HG22   sing N N 295 
ILE CG2   HG23   sing N N 296 
ILE CD1   HD11   sing N N 297 
ILE CD1   HD12   sing N N 298 
ILE CD1   HD13   sing N N 299 
ILE OXT   HXT    sing N N 300 
LEU N     CA     sing N N 301 
LEU N     H      sing N N 302 
LEU N     H2     sing N N 303 
LEU CA    C      sing N N 304 
LEU CA    CB     sing N N 305 
LEU CA    HA     sing N N 306 
LEU C     O      doub N N 307 
LEU C     OXT    sing N N 308 
LEU CB    CG     sing N N 309 
LEU CB    HB2    sing N N 310 
LEU CB    HB3    sing N N 311 
LEU CG    CD1    sing N N 312 
LEU CG    CD2    sing N N 313 
LEU CG    HG     sing N N 314 
LEU CD1   HD11   sing N N 315 
LEU CD1   HD12   sing N N 316 
LEU CD1   HD13   sing N N 317 
LEU CD2   HD21   sing N N 318 
LEU CD2   HD22   sing N N 319 
LEU CD2   HD23   sing N N 320 
LEU OXT   HXT    sing N N 321 
LYS N     CA     sing N N 322 
LYS N     H      sing N N 323 
LYS N     H2     sing N N 324 
LYS CA    C      sing N N 325 
LYS CA    CB     sing N N 326 
LYS CA    HA     sing N N 327 
LYS C     O      doub N N 328 
LYS C     OXT    sing N N 329 
LYS CB    CG     sing N N 330 
LYS CB    HB2    sing N N 331 
LYS CB    HB3    sing N N 332 
LYS CG    CD     sing N N 333 
LYS CG    HG2    sing N N 334 
LYS CG    HG3    sing N N 335 
LYS CD    CE     sing N N 336 
LYS CD    HD2    sing N N 337 
LYS CD    HD3    sing N N 338 
LYS CE    NZ     sing N N 339 
LYS CE    HE2    sing N N 340 
LYS CE    HE3    sing N N 341 
LYS NZ    HZ1    sing N N 342 
LYS NZ    HZ2    sing N N 343 
LYS NZ    HZ3    sing N N 344 
LYS OXT   HXT    sing N N 345 
MET N     CA     sing N N 346 
MET N     H      sing N N 347 
MET N     H2     sing N N 348 
MET CA    C      sing N N 349 
MET CA    CB     sing N N 350 
MET CA    HA     sing N N 351 
MET C     O      doub N N 352 
MET C     OXT    sing N N 353 
MET CB    CG     sing N N 354 
MET CB    HB2    sing N N 355 
MET CB    HB3    sing N N 356 
MET CG    SD     sing N N 357 
MET CG    HG2    sing N N 358 
MET CG    HG3    sing N N 359 
MET SD    CE     sing N N 360 
MET CE    HE1    sing N N 361 
MET CE    HE2    sing N N 362 
MET CE    HE3    sing N N 363 
MET OXT   HXT    sing N N 364 
PHE N     CA     sing N N 365 
PHE N     H      sing N N 366 
PHE N     H2     sing N N 367 
PHE CA    C      sing N N 368 
PHE CA    CB     sing N N 369 
PHE CA    HA     sing N N 370 
PHE C     O      doub N N 371 
PHE C     OXT    sing N N 372 
PHE CB    CG     sing N N 373 
PHE CB    HB2    sing N N 374 
PHE CB    HB3    sing N N 375 
PHE CG    CD1    doub Y N 376 
PHE CG    CD2    sing Y N 377 
PHE CD1   CE1    sing Y N 378 
PHE CD1   HD1    sing N N 379 
PHE CD2   CE2    doub Y N 380 
PHE CD2   HD2    sing N N 381 
PHE CE1   CZ     doub Y N 382 
PHE CE1   HE1    sing N N 383 
PHE CE2   CZ     sing Y N 384 
PHE CE2   HE2    sing N N 385 
PHE CZ    HZ     sing N N 386 
PHE OXT   HXT    sing N N 387 
PRO N     CA     sing N N 388 
PRO N     CD     sing N N 389 
PRO N     H      sing N N 390 
PRO CA    C      sing N N 391 
PRO CA    CB     sing N N 392 
PRO CA    HA     sing N N 393 
PRO C     O      doub N N 394 
PRO C     OXT    sing N N 395 
PRO CB    CG     sing N N 396 
PRO CB    HB2    sing N N 397 
PRO CB    HB3    sing N N 398 
PRO CG    CD     sing N N 399 
PRO CG    HG2    sing N N 400 
PRO CG    HG3    sing N N 401 
PRO CD    HD2    sing N N 402 
PRO CD    HD3    sing N N 403 
PRO OXT   HXT    sing N N 404 
SER N     CA     sing N N 405 
SER N     H      sing N N 406 
SER N     H2     sing N N 407 
SER CA    C      sing N N 408 
SER CA    CB     sing N N 409 
SER CA    HA     sing N N 410 
SER C     O      doub N N 411 
SER C     OXT    sing N N 412 
SER CB    OG     sing N N 413 
SER CB    HB2    sing N N 414 
SER CB    HB3    sing N N 415 
SER OG    HG     sing N N 416 
SER OXT   HXT    sing N N 417 
THR N     CA     sing N N 418 
THR N     H      sing N N 419 
THR N     H2     sing N N 420 
THR CA    C      sing N N 421 
THR CA    CB     sing N N 422 
THR CA    HA     sing N N 423 
THR C     O      doub N N 424 
THR C     OXT    sing N N 425 
THR CB    OG1    sing N N 426 
THR CB    CG2    sing N N 427 
THR CB    HB     sing N N 428 
THR OG1   HG1    sing N N 429 
THR CG2   HG21   sing N N 430 
THR CG2   HG22   sing N N 431 
THR CG2   HG23   sing N N 432 
THR OXT   HXT    sing N N 433 
TRP N     CA     sing N N 434 
TRP N     H      sing N N 435 
TRP N     H2     sing N N 436 
TRP CA    C      sing N N 437 
TRP CA    CB     sing N N 438 
TRP CA    HA     sing N N 439 
TRP C     O      doub N N 440 
TRP C     OXT    sing N N 441 
TRP CB    CG     sing N N 442 
TRP CB    HB2    sing N N 443 
TRP CB    HB3    sing N N 444 
TRP CG    CD1    doub Y N 445 
TRP CG    CD2    sing Y N 446 
TRP CD1   NE1    sing Y N 447 
TRP CD1   HD1    sing N N 448 
TRP CD2   CE2    doub Y N 449 
TRP CD2   CE3    sing Y N 450 
TRP NE1   CE2    sing Y N 451 
TRP NE1   HE1    sing N N 452 
TRP CE2   CZ2    sing Y N 453 
TRP CE3   CZ3    doub Y N 454 
TRP CE3   HE3    sing N N 455 
TRP CZ2   CH2    doub Y N 456 
TRP CZ2   HZ2    sing N N 457 
TRP CZ3   CH2    sing Y N 458 
TRP CZ3   HZ3    sing N N 459 
TRP CH2   HH2    sing N N 460 
TRP OXT   HXT    sing N N 461 
TYR N     CA     sing N N 462 
TYR N     H      sing N N 463 
TYR N     H2     sing N N 464 
TYR CA    C      sing N N 465 
TYR CA    CB     sing N N 466 
TYR CA    HA     sing N N 467 
TYR C     O      doub N N 468 
TYR C     OXT    sing N N 469 
TYR CB    CG     sing N N 470 
TYR CB    HB2    sing N N 471 
TYR CB    HB3    sing N N 472 
TYR CG    CD1    doub Y N 473 
TYR CG    CD2    sing Y N 474 
TYR CD1   CE1    sing Y N 475 
TYR CD1   HD1    sing N N 476 
TYR CD2   CE2    doub Y N 477 
TYR CD2   HD2    sing N N 478 
TYR CE1   CZ     doub Y N 479 
TYR CE1   HE1    sing N N 480 
TYR CE2   CZ     sing Y N 481 
TYR CE2   HE2    sing N N 482 
TYR CZ    OH     sing N N 483 
TYR OH    HH     sing N N 484 
TYR OXT   HXT    sing N N 485 
VAL N     CA     sing N N 486 
VAL N     H      sing N N 487 
VAL N     H2     sing N N 488 
VAL CA    C      sing N N 489 
VAL CA    CB     sing N N 490 
VAL CA    HA     sing N N 491 
VAL C     O      doub N N 492 
VAL C     OXT    sing N N 493 
VAL CB    CG1    sing N N 494 
VAL CB    CG2    sing N N 495 
VAL CB    HB     sing N N 496 
VAL CG1   HG11   sing N N 497 
VAL CG1   HG12   sing N N 498 
VAL CG1   HG13   sing N N 499 
VAL CG2   HG21   sing N N 500 
VAL CG2   HG22   sing N N 501 
VAL CG2   HG23   sing N N 502 
VAL OXT   HXT    sing N N 503 
# 
_ndb_struct_conf_na.entry_id   1JGG 
_ndb_struct_conf_na.feature    'b-form double helix' 
# 
loop_
_ndb_struct_na_base_pair.model_number 
_ndb_struct_na_base_pair.i_label_asym_id 
_ndb_struct_na_base_pair.i_label_comp_id 
_ndb_struct_na_base_pair.i_label_seq_id 
_ndb_struct_na_base_pair.i_symmetry 
_ndb_struct_na_base_pair.j_label_asym_id 
_ndb_struct_na_base_pair.j_label_comp_id 
_ndb_struct_na_base_pair.j_label_seq_id 
_ndb_struct_na_base_pair.j_symmetry 
_ndb_struct_na_base_pair.shear 
_ndb_struct_na_base_pair.stretch 
_ndb_struct_na_base_pair.stagger 
_ndb_struct_na_base_pair.buckle 
_ndb_struct_na_base_pair.propeller 
_ndb_struct_na_base_pair.opening 
_ndb_struct_na_base_pair.pair_number 
_ndb_struct_na_base_pair.pair_name 
_ndb_struct_na_base_pair.i_auth_asym_id 
_ndb_struct_na_base_pair.i_auth_seq_id 
_ndb_struct_na_base_pair.i_PDB_ins_code 
_ndb_struct_na_base_pair.j_auth_asym_id 
_ndb_struct_na_base_pair.j_auth_seq_id 
_ndb_struct_na_base_pair.j_PDB_ins_code 
_ndb_struct_na_base_pair.hbond_type_28 
_ndb_struct_na_base_pair.hbond_type_12 
1 A DT 1  1_555 B DA 10 1_555 -0.401 -0.134 -0.966 5.892  -10.523 11.362 1  C_DT201:DA220_D C 201 ? D 220 ? 20 1 
1 A DA 2  1_555 B DT 9  1_555 0.146  -0.264 -0.385 -9.293 -20.041 0.685  2  C_DA202:DT219_D C 202 ? D 219 ? 20 1 
1 A DA 3  1_555 B DT 8  1_555 -0.492 -0.239 0.574  1.135  -7.240  4.944  3  C_DA203:DT218_D C 203 ? D 218 ? 20 1 
1 A DT 4  1_555 B DA 7  1_555 0.293  -0.293 -0.074 1.841  -7.656  1.172  4  C_DT204:DA217_D C 204 ? D 217 ? 20 1 
1 A DT 5  1_555 B DA 6  1_555 0.033  -0.165 -0.224 -1.372 -20.888 1.599  5  C_DT205:DA216_D C 205 ? D 216 ? 20 1 
1 A DG 6  1_555 B DC 5  1_555 0.146  0.027  0.452  8.063  -6.345  10.122 6  C_DG206:DC215_D C 206 ? D 215 ? 19 1 
1 A DA 7  1_555 B DT 4  1_555 0.439  -0.228 0.471  3.675  -12.029 7.060  7  C_DA207:DT214_D C 207 ? D 214 ? 20 1 
1 A DA 8  1_555 B DT 3  1_555 -0.251 0.154  0.050  -0.763 -12.905 5.863  8  C_DA208:DT213_D C 208 ? D 213 ? 20 1 
1 A DT 9  1_555 B DA 2  1_555 0.367  -0.307 0.290  -1.272 -13.276 0.575  9  C_DT209:DA212_D C 209 ? D 212 ? 20 1 
1 A DT 10 1_555 B DA 1  1_555 -0.034 -0.424 -0.356 -0.219 -14.105 -7.933 10 C_DT210:DA211_D C 210 ? D 211 ? 20 1 
# 
loop_
_ndb_struct_na_base_pair_step.model_number 
_ndb_struct_na_base_pair_step.i_label_asym_id_1 
_ndb_struct_na_base_pair_step.i_label_comp_id_1 
_ndb_struct_na_base_pair_step.i_label_seq_id_1 
_ndb_struct_na_base_pair_step.i_symmetry_1 
_ndb_struct_na_base_pair_step.j_label_asym_id_1 
_ndb_struct_na_base_pair_step.j_label_comp_id_1 
_ndb_struct_na_base_pair_step.j_label_seq_id_1 
_ndb_struct_na_base_pair_step.j_symmetry_1 
_ndb_struct_na_base_pair_step.i_label_asym_id_2 
_ndb_struct_na_base_pair_step.i_label_comp_id_2 
_ndb_struct_na_base_pair_step.i_label_seq_id_2 
_ndb_struct_na_base_pair_step.i_symmetry_2 
_ndb_struct_na_base_pair_step.j_label_asym_id_2 
_ndb_struct_na_base_pair_step.j_label_comp_id_2 
_ndb_struct_na_base_pair_step.j_label_seq_id_2 
_ndb_struct_na_base_pair_step.j_symmetry_2 
_ndb_struct_na_base_pair_step.shift 
_ndb_struct_na_base_pair_step.slide 
_ndb_struct_na_base_pair_step.rise 
_ndb_struct_na_base_pair_step.tilt 
_ndb_struct_na_base_pair_step.roll 
_ndb_struct_na_base_pair_step.twist 
_ndb_struct_na_base_pair_step.x_displacement 
_ndb_struct_na_base_pair_step.y_displacement 
_ndb_struct_na_base_pair_step.helical_rise 
_ndb_struct_na_base_pair_step.inclination 
_ndb_struct_na_base_pair_step.tip 
_ndb_struct_na_base_pair_step.helical_twist 
_ndb_struct_na_base_pair_step.step_number 
_ndb_struct_na_base_pair_step.step_name 
_ndb_struct_na_base_pair_step.i_auth_asym_id_1 
_ndb_struct_na_base_pair_step.i_auth_seq_id_1 
_ndb_struct_na_base_pair_step.i_PDB_ins_code_1 
_ndb_struct_na_base_pair_step.j_auth_asym_id_1 
_ndb_struct_na_base_pair_step.j_auth_seq_id_1 
_ndb_struct_na_base_pair_step.j_PDB_ins_code_1 
_ndb_struct_na_base_pair_step.i_auth_asym_id_2 
_ndb_struct_na_base_pair_step.i_auth_seq_id_2 
_ndb_struct_na_base_pair_step.i_PDB_ins_code_2 
_ndb_struct_na_base_pair_step.j_auth_asym_id_2 
_ndb_struct_na_base_pair_step.j_auth_seq_id_2 
_ndb_struct_na_base_pair_step.j_PDB_ins_code_2 
1 A DT 1 1_555 B DA 10 1_555 A DA 2  1_555 B DT 9 1_555 -1.349 1.932  3.857 -10.256 5.965  42.025 1.873  0.565  4.280 8.125  
13.970  43.595 1 CC_DT201DA202:DT219DA220_DD C 201 ? D 220 ? C 202 ? D 219 ? 
1 A DA 2 1_555 B DT 9  1_555 A DA 3  1_555 B DT 8 1_555 0.539  -0.171 2.852 -9.876  1.198  32.076 -0.464 -2.310 2.571 2.107  
17.358  33.545 2 CC_DA202DA203:DT218DT219_DD C 202 ? D 219 ? C 203 ? D 218 ? 
1 A DA 3 1_555 B DT 8  1_555 A DT 4  1_555 B DA 7 1_555 -0.591 -0.437 3.523 1.410   -2.263 37.023 -0.361 1.131  3.519 -3.558 
-2.217  37.116 3 CC_DA203DT204:DA217DT218_DD C 203 ? D 218 ? C 204 ? D 217 ? 
1 A DT 4 1_555 B DA 7  1_555 A DT 5  1_555 B DA 6 1_555 -0.537 -0.437 3.382 2.499   1.473  32.124 -1.055 1.423  3.309 2.655  
-4.504  32.251 4 CC_DT204DT205:DA216DA217_DD C 204 ? D 217 ? C 205 ? D 216 ? 
1 A DT 5 1_555 B DA 6  1_555 A DG 6  1_555 B DC 5 1_555 1.330  1.245  3.170 -2.006  1.345  38.788 1.714  -2.235 3.139 2.022  3.017 
38.861 5 CC_DT205DG206:DC215DA216_DD C 205 ? D 216 ? C 206 ? D 215 ? 
1 A DG 6 1_555 B DC 5  1_555 A DA 7  1_555 B DT 4 1_555 -1.010 1.377  3.653 -1.703  -4.686 40.989 2.507  1.231  3.519 -6.662 2.421 
41.278 6 CC_DG206DA207:DT214DC215_DD C 206 ? D 215 ? C 207 ? D 214 ? 
1 A DA 7 1_555 B DT 4  1_555 A DA 8  1_555 B DT 3 1_555 0.031  -0.366 3.375 -0.141  6.619  30.960 -1.919 -0.084 3.229 12.224 0.261 
31.643 7 CC_DA207DA208:DT213DT214_DD C 207 ? D 214 ? C 208 ? D 213 ? 
1 A DA 8 1_555 B DT 3  1_555 A DT 9  1_555 B DA 2 1_555 -0.727 -0.438 3.299 -5.446  -2.610 37.729 -0.331 0.405  3.389 -4.005 8.356 
38.192 8 CC_DA208DT209:DA212DT213_DD C 208 ? D 213 ? C 209 ? D 212 ? 
1 A DT 9 1_555 B DA 2  1_555 A DT 10 1_555 B DA 1 1_555 -0.370 -0.242 3.299 6.632   2.036  29.367 -0.877 2.055  3.119 3.946  
-12.856 30.158 9 CC_DT209DT210:DA211DA212_DD C 209 ? D 212 ? C 210 ? D 211 ? 
# 
_atom_sites.entry_id                    1JGG 
_atom_sites.fract_transf_matrix[1][1]   0.00600873 
_atom_sites.fract_transf_matrix[1][2]   0.01606413 
_atom_sites.fract_transf_matrix[1][3]   -0.02382957 
_atom_sites.fract_transf_matrix[2][1]   -0.00418626 
_atom_sites.fract_transf_matrix[2][2]   0.01347214 
_atom_sites.fract_transf_matrix[2][3]   0.00802634 
_atom_sites.fract_transf_matrix[3][1]   0.02361173 
_atom_sites.fract_transf_matrix[3][2]   0.00270390 
_atom_sites.fract_transf_matrix[3][3]   0.00777657 
_atom_sites.fract_transf_vector[1]      0.693548 
_atom_sites.fract_transf_vector[2]      0.286932 
_atom_sites.fract_transf_vector[3]      1.001355 
# 
loop_
_atom_type.symbol 
C 
N 
O 
P 
S 
# 
loop_
_atom_site.group_PDB 
_atom_site.id 
_atom_site.type_symbol 
_atom_site.label_atom_id 
_atom_site.label_alt_id 
_atom_site.label_comp_id 
_atom_site.label_asym_id 
_atom_site.label_entity_id 
_atom_site.label_seq_id 
_atom_site.pdbx_PDB_ins_code 
_atom_site.Cartn_x 
_atom_site.Cartn_y 
_atom_site.Cartn_z 
_atom_site.occupancy 
_atom_site.B_iso_or_equiv 
_atom_site.pdbx_formal_charge 
_atom_site.auth_seq_id 
_atom_site.auth_comp_id 
_atom_site.auth_asym_id 
_atom_site.auth_atom_id 
_atom_site.pdbx_PDB_model_num 
ATOM   1    P P     . DT  A 1 1  ? -5.033  11.129  -17.057 1.00 31.29 ? 201 DT  C P     1 
ATOM   2    O OP1   . DT  A 1 1  ? -5.881  11.659  -15.976 1.00 26.97 ? 201 DT  C OP1   1 
ATOM   3    O OP2   . DT  A 1 1  ? -5.502  11.189  -18.471 1.00 38.32 ? 201 DT  C OP2   1 
ATOM   4    O "O5'" . DT  A 1 1  ? -4.600  9.638   -16.713 1.00 27.76 ? 201 DT  C "O5'" 1 
ATOM   5    C "C5'" . DT  A 1 1  ? -3.830  8.861   -17.605 1.00 23.02 ? 201 DT  C "C5'" 1 
ATOM   6    C "C4'" . DT  A 1 1  ? -3.035  7.846   -16.817 1.00 27.39 ? 201 DT  C "C4'" 1 
ATOM   7    O "O4'" . DT  A 1 1  ? -1.818  8.427   -16.281 1.00 26.47 ? 201 DT  C "O4'" 1 
ATOM   8    C "C3'" . DT  A 1 1  ? -3.787  7.230   -15.622 1.00 25.74 ? 201 DT  C "C3'" 1 
ATOM   9    O "O3'" . DT  A 1 1  ? -3.489  5.842   -15.515 1.00 27.68 ? 201 DT  C "O3'" 1 
ATOM   10   C "C2'" . DT  A 1 1  ? -3.113  7.890   -14.434 1.00 23.06 ? 201 DT  C "C2'" 1 
ATOM   11   C "C1'" . DT  A 1 1  ? -1.691  7.995   -14.934 1.00 24.73 ? 201 DT  C "C1'" 1 
ATOM   12   N N1    . DT  A 1 1  ? -0.856  8.942   -14.211 1.00 22.22 ? 201 DT  C N1    1 
ATOM   13   C C2    . DT  A 1 1  ? 0.499   8.869   -14.383 1.00 20.81 ? 201 DT  C C2    1 
ATOM   14   O O2    . DT  A 1 1  ? 1.036   8.014   -15.054 1.00 21.56 ? 201 DT  C O2    1 
ATOM   15   N N3    . DT  A 1 1  ? 1.205   9.839   -13.739 1.00 22.06 ? 201 DT  C N3    1 
ATOM   16   C C4    . DT  A 1 1  ? 0.701   10.839  -12.936 1.00 24.28 ? 201 DT  C C4    1 
ATOM   17   O O4    . DT  A 1 1  ? 1.452   11.715  -12.503 1.00 22.16 ? 201 DT  C O4    1 
ATOM   18   C C5    . DT  A 1 1  ? -0.719  10.787  -12.708 1.00 25.16 ? 201 DT  C C5    1 
ATOM   19   C C7    . DT  A 1 1  ? -1.331  11.716  -11.721 1.00 32.65 ? 201 DT  C C7    1 
ATOM   20   C C6    . DT  A 1 1  ? -1.420  9.871   -13.375 1.00 22.76 ? 201 DT  C C6    1 
ATOM   21   P P     . DA  A 1 2  ? -4.604  4.755   -15.822 1.00 27.96 ? 202 DA  C P     1 
ATOM   22   O OP1   . DA  A 1 2  ? -5.306  5.139   -17.072 1.00 28.72 ? 202 DA  C OP1   1 
ATOM   23   O OP2   . DA  A 1 2  ? -5.380  4.554   -14.547 1.00 31.78 ? 202 DA  C OP2   1 
ATOM   24   O "O5'" . DA  A 1 2  ? -3.727  3.455   -16.100 1.00 23.93 ? 202 DA  C "O5'" 1 
ATOM   25   C "C5'" . DA  A 1 2  ? -2.757  3.458   -17.142 1.00 23.40 ? 202 DA  C "C5'" 1 
ATOM   26   C "C4'" . DA  A 1 2  ? -1.512  2.697   -16.733 1.00 23.49 ? 202 DA  C "C4'" 1 
ATOM   27   O "O4'" . DA  A 1 2  ? -0.683  3.561   -15.939 1.00 20.04 ? 202 DA  C "O4'" 1 
ATOM   28   C "C3'" . DA  A 1 2  ? -1.743  1.430   -15.909 1.00 21.76 ? 202 DA  C "C3'" 1 
ATOM   29   O "O3'" . DA  A 1 2  ? -0.783  0.427   -16.257 1.00 22.43 ? 202 DA  C "O3'" 1 
ATOM   30   C "C2'" . DA  A 1 2  ? -1.527  1.913   -14.485 1.00 23.57 ? 202 DA  C "C2'" 1 
ATOM   31   C "C1'" . DA  A 1 2  ? -0.489  3.018   -14.658 1.00 24.55 ? 202 DA  C "C1'" 1 
ATOM   32   N N9    . DA  A 1 2  ? -0.616  4.118   -13.709 1.00 22.73 ? 202 DA  C N9    1 
ATOM   33   C C8    . DA  A 1 2  ? -1.744  4.773   -13.303 1.00 22.73 ? 202 DA  C C8    1 
ATOM   34   N N7    . DA  A 1 2  ? -1.521  5.707   -12.420 1.00 25.32 ? 202 DA  C N7    1 
ATOM   35   C C5    . DA  A 1 2  ? -0.144  5.683   -12.248 1.00 22.09 ? 202 DA  C C5    1 
ATOM   36   C C6    . DA  A 1 2  ? 0.727   6.471   -11.506 1.00 17.81 ? 202 DA  C C6    1 
ATOM   37   N N6    . DA  A 1 2  ? 0.360   7.488   -10.714 1.00 21.47 ? 202 DA  C N6    1 
ATOM   38   N N1    . DA  A 1 2  ? 2.030   6.191   -11.602 1.00 22.14 ? 202 DA  C N1    1 
ATOM   39   C C2    . DA  A 1 2  ? 2.428   5.189   -12.384 1.00 20.10 ? 202 DA  C C2    1 
ATOM   40   N N3    . DA  A 1 2  ? 1.714   4.388   -13.138 1.00 20.25 ? 202 DA  C N3    1 
ATOM   41   C C4    . DA  A 1 2  ? 0.415   4.697   -13.034 1.00 21.94 ? 202 DA  C C4    1 
ATOM   42   P P     . DA  A 1 3  ? -0.819  -1.011  -15.539 1.00 22.62 ? 203 DA  C P     1 
ATOM   43   O OP1   . DA  A 1 3  ? -0.452  -2.030  -16.560 1.00 23.76 ? 203 DA  C OP1   1 
ATOM   44   O OP2   . DA  A 1 3  ? -2.089  -1.158  -14.779 1.00 31.41 ? 203 DA  C OP2   1 
ATOM   45   O "O5'" . DA  A 1 3  ? 0.301   -0.923  -14.418 1.00 19.87 ? 203 DA  C "O5'" 1 
ATOM   46   C "C5'" . DA  A 1 3  ? 1.631   -0.614  -14.765 1.00 20.74 ? 203 DA  C "C5'" 1 
ATOM   47   C "C4'" . DA  A 1 3  ? 2.484   -0.446  -13.535 1.00 18.87 ? 203 DA  C "C4'" 1 
ATOM   48   O "O4'" . DA  A 1 3  ? 2.221   0.815   -12.871 1.00 16.99 ? 203 DA  C "O4'" 1 
ATOM   49   C "C3'" . DA  A 1 3  ? 2.376   -1.532  -12.473 1.00 20.65 ? 203 DA  C "C3'" 1 
ATOM   50   O "O3'" . DA  A 1 3  ? 3.705   -1.820  -12.033 1.00 25.45 ? 203 DA  C "O3'" 1 
ATOM   51   C "C2'" . DA  A 1 3  ? 1.588   -0.839  -11.372 1.00 20.52 ? 203 DA  C "C2'" 1 
ATOM   52   C "C1'" . DA  A 1 3  ? 2.087   0.592   -11.496 1.00 18.93 ? 203 DA  C "C1'" 1 
ATOM   53   N N9    . DA  A 1 3  ? 1.205   1.627   -10.960 1.00 17.94 ? 203 DA  C N9    1 
ATOM   54   C C8    . DA  A 1 3  ? -0.133  1.795   -11.192 1.00 22.08 ? 203 DA  C C8    1 
ATOM   55   N N7    . DA  A 1 3  ? -0.653  2.810   -10.556 1.00 20.75 ? 203 DA  C N7    1 
ATOM   56   C C5    . DA  A 1 3  ? 0.416   3.346   -9.850  1.00 13.88 ? 203 DA  C C5    1 
ATOM   57   C C6    . DA  A 1 3  ? 0.509   4.410   -8.967  1.00 12.88 ? 203 DA  C C6    1 
ATOM   58   N N6    . DA  A 1 3  ? -0.526  5.148   -8.579  1.00 10.44 ? 203 DA  C N6    1 
ATOM   59   N N1    . DA  A 1 3  ? 1.723   4.697   -8.467  1.00 15.66 ? 203 DA  C N1    1 
ATOM   60   C C2    . DA  A 1 3  ? 2.763   3.929   -8.821  1.00 16.18 ? 203 DA  C C2    1 
ATOM   61   N N3    . DA  A 1 3  ? 2.790   2.882   -9.614  1.00 12.71 ? 203 DA  C N3    1 
ATOM   62   C C4    . DA  A 1 3  ? 1.567   2.638   -10.110 1.00 16.24 ? 203 DA  C C4    1 
ATOM   63   P P     . DT  A 1 4  ? 4.025   -3.203  -11.288 1.00 25.03 ? 204 DT  C P     1 
ATOM   64   O OP1   . DT  A 1 4  ? 4.994   -3.928  -12.147 1.00 24.28 ? 204 DT  C OP1   1 
ATOM   65   O OP2   . DT  A 1 4  ? 2.741   -3.847  -10.908 1.00 25.76 ? 204 DT  C OP2   1 
ATOM   66   O "O5'" . DT  A 1 4  ? 4.783   -2.717  -9.995  1.00 20.58 ? 204 DT  C "O5'" 1 
ATOM   67   C "C5'" . DT  A 1 4  ? 5.739   -1.705  -10.137 1.00 22.59 ? 204 DT  C "C5'" 1 
ATOM   68   C "C4'" . DT  A 1 4  ? 5.941   -0.987  -8.833  1.00 24.26 ? 204 DT  C "C4'" 1 
ATOM   69   O "O4'" . DT  A 1 4  ? 4.918   -0.013  -8.570  1.00 20.95 ? 204 DT  C "O4'" 1 
ATOM   70   C "C3'" . DT  A 1 4  ? 6.043   -1.868  -7.598  1.00 26.99 ? 204 DT  C "C3'" 1 
ATOM   71   O "O3'" . DT  A 1 4  ? 7.164   -1.386  -6.907  1.00 31.21 ? 204 DT  C "O3'" 1 
ATOM   72   C "C2'" . DT  A 1 4  ? 4.802   -1.507  -6.808  1.00 26.29 ? 204 DT  C "C2'" 1 
ATOM   73   C "C1'" . DT  A 1 4  ? 4.576   -0.061  -7.214  1.00 22.35 ? 204 DT  C "C1'" 1 
ATOM   74   N N1    . DT  A 1 4  ? 3.197   0.391   -7.111  1.00 21.84 ? 204 DT  C N1    1 
ATOM   75   C C2    . DT  A 1 4  ? 2.959   1.520   -6.390  1.00 23.41 ? 204 DT  C C2    1 
ATOM   76   O O2    . DT  A 1 4  ? 3.858   2.128   -5.840  1.00 21.42 ? 204 DT  C O2    1 
ATOM   77   N N3    . DT  A 1 4  ? 1.636   1.924   -6.356  1.00 19.77 ? 204 DT  C N3    1 
ATOM   78   C C4    . DT  A 1 4  ? 0.571   1.324   -7.003  1.00 21.21 ? 204 DT  C C4    1 
ATOM   79   O O4    . DT  A 1 4  ? -0.546  1.850   -6.967  1.00 21.92 ? 204 DT  C O4    1 
ATOM   80   C C5    . DT  A 1 4  ? 0.901   0.099   -7.732  1.00 19.02 ? 204 DT  C C5    1 
ATOM   81   C C7    . DT  A 1 4  ? -0.163  -0.661  -8.438  1.00 11.03 ? 204 DT  C C7    1 
ATOM   82   C C6    . DT  A 1 4  ? 2.182   -0.287  -7.734  1.00 20.83 ? 204 DT  C C6    1 
ATOM   83   P P     . DT  A 1 5  ? 7.960   -2.336  -5.926  1.00 32.47 ? 205 DT  C P     1 
ATOM   84   O OP1   . DT  A 1 5  ? 9.320   -2.379  -6.524  1.00 35.21 ? 205 DT  C OP1   1 
ATOM   85   O OP2   . DT  A 1 5  ? 7.209   -3.604  -5.689  1.00 29.09 ? 205 DT  C OP2   1 
ATOM   86   O "O5'" . DT  A 1 5  ? 7.954   -1.474  -4.594  1.00 34.49 ? 205 DT  C "O5'" 1 
ATOM   87   C "C5'" . DT  A 1 5  ? 8.378   -0.105  -4.627  1.00 30.95 ? 205 DT  C "C5'" 1 
ATOM   88   C "C4'" . DT  A 1 5  ? 7.826   0.651   -3.442  1.00 24.98 ? 205 DT  C "C4'" 1 
ATOM   89   O "O4'" . DT  A 1 5  ? 6.410   0.881   -3.640  1.00 22.83 ? 205 DT  C "O4'" 1 
ATOM   90   C "C3'" . DT  A 1 5  ? 7.958   -0.083  -2.100  1.00 25.14 ? 205 DT  C "C3'" 1 
ATOM   91   O "O3'" . DT  A 1 5  ? 8.550   0.766   -1.126  1.00 27.83 ? 205 DT  C "O3'" 1 
ATOM   92   C "C2'" . DT  A 1 5  ? 6.527   -0.411  -1.703  1.00 22.86 ? 205 DT  C "C2'" 1 
ATOM   93   C "C1'" . DT  A 1 5  ? 5.755   0.691   -2.400  1.00 19.05 ? 205 DT  C "C1'" 1 
ATOM   94   N N1    . DT  A 1 5  ? 4.340   0.423   -2.673  1.00 19.18 ? 205 DT  C N1    1 
ATOM   95   C C2    . DT  A 1 5  ? 3.445   1.368   -2.290  1.00 16.63 ? 205 DT  C C2    1 
ATOM   96   O O2    . DT  A 1 5  ? 3.752   2.360   -1.690  1.00 20.59 ? 205 DT  C O2    1 
ATOM   97   N N3    . DT  A 1 5  ? 2.154   1.104   -2.633  1.00 15.41 ? 205 DT  C N3    1 
ATOM   98   C C4    . DT  A 1 5  ? 1.676   0.010   -3.290  1.00 13.60 ? 205 DT  C C4    1 
ATOM   99   O O4    . DT  A 1 5  ? 0.487   -0.029  -3.589  1.00 19.57 ? 205 DT  C O4    1 
ATOM   100  C C5    . DT  A 1 5  ? 2.658   -1.000  -3.609  1.00 14.51 ? 205 DT  C C5    1 
ATOM   101  C C7    . DT  A 1 5  ? 2.238   -2.285  -4.242  1.00 13.10 ? 205 DT  C C7    1 
ATOM   102  C C6    . DT  A 1 5  ? 3.932   -0.732  -3.301  1.00 19.40 ? 205 DT  C C6    1 
ATOM   103  P P     . DG  A 1 6  ? 9.350   0.120   0.110   1.00 32.04 ? 206 DG  C P     1 
ATOM   104  O OP1   . DG  A 1 6  ? 10.652  0.839   0.220   1.00 30.73 ? 206 DG  C OP1   1 
ATOM   105  O OP2   . DG  A 1 6  ? 9.325   -1.363  0.010   1.00 28.85 ? 206 DG  C OP2   1 
ATOM   106  O "O5'" . DG  A 1 6  ? 8.443   0.476   1.370   1.00 31.92 ? 206 DG  C "O5'" 1 
ATOM   107  C "C5'" . DG  A 1 6  ? 7.945   1.800   1.558   1.00 28.56 ? 206 DG  C "C5'" 1 
ATOM   108  C "C4'" . DG  A 1 6  ? 6.745   1.781   2.479   1.00 27.94 ? 206 DG  C "C4'" 1 
ATOM   109  O "O4'" . DG  A 1 6  ? 5.546   1.353   1.790   1.00 28.15 ? 206 DG  C "O4'" 1 
ATOM   110  C "C3'" . DG  A 1 6  ? 6.884   0.835   3.668   1.00 26.16 ? 206 DG  C "C3'" 1 
ATOM   111  O "O3'" . DG  A 1 6  ? 6.164   1.366   4.761   1.00 29.86 ? 206 DG  C "O3'" 1 
ATOM   112  C "C2'" . DG  A 1 6  ? 6.123   -0.384  3.213   1.00 22.32 ? 206 DG  C "C2'" 1 
ATOM   113  C "C1'" . DG  A 1 6  ? 4.984   0.278   2.506   1.00 23.03 ? 206 DG  C "C1'" 1 
ATOM   114  N N9    . DG  A 1 6  ? 4.275   -0.578  1.588   1.00 18.64 ? 206 DG  C N9    1 
ATOM   115  C C8    . DG  A 1 6  ? 4.722   -1.744  1.006   1.00 16.61 ? 206 DG  C C8    1 
ATOM   116  N N7    . DG  A 1 6  ? 3.826   -2.330  0.277   1.00 15.08 ? 206 DG  C N7    1 
ATOM   117  C C5    . DG  A 1 6  ? 2.726   -1.496  0.365   1.00 12.31 ? 206 DG  C C5    1 
ATOM   118  C C6    . DG  A 1 6  ? 1.483   -1.631  -0.204  1.00 16.13 ? 206 DG  C C6    1 
ATOM   119  O O6    . DG  A 1 6  ? 1.092   -2.497  -0.995  1.00 22.22 ? 206 DG  C O6    1 
ATOM   120  N N1    . DG  A 1 6  ? 0.631   -0.607  0.195   1.00 15.20 ? 206 DG  C N1    1 
ATOM   121  C C2    . DG  A 1 6  ? 0.978   0.430   1.018   1.00 16.96 ? 206 DG  C C2    1 
ATOM   122  N N2    . DG  A 1 6  ? 0.001   1.279   1.324   1.00 23.38 ? 206 DG  C N2    1 
ATOM   123  N N3    . DG  A 1 6  ? 2.188   0.604   1.520   1.00 10.98 ? 206 DG  C N3    1 
ATOM   124  C C4    . DG  A 1 6  ? 3.004   -0.413  1.162   1.00 14.20 ? 206 DG  C C4    1 
ATOM   125  P P     . DA  A 1 7  ? 6.952   2.040   5.960   1.00 29.46 ? 207 DA  C P     1 
ATOM   126  O OP1   . DA  A 1 7  ? 8.005   2.904   5.357   1.00 34.61 ? 207 DA  C OP1   1 
ATOM   127  O OP2   . DA  A 1 7  ? 7.327   0.931   6.853   1.00 32.46 ? 207 DA  C OP2   1 
ATOM   128  O "O5'" . DA  A 1 7  ? 5.860   2.931   6.695   1.00 28.82 ? 207 DA  C "O5'" 1 
ATOM   129  C "C5'" . DA  A 1 7  ? 5.244   4.023   6.038   1.00 24.93 ? 207 DA  C "C5'" 1 
ATOM   130  C "C4'" . DA  A 1 7  ? 3.803   4.133   6.485   1.00 24.79 ? 207 DA  C "C4'" 1 
ATOM   131  O "O4'" . DA  A 1 7  ? 2.986   3.173   5.775   1.00 23.19 ? 207 DA  C "O4'" 1 
ATOM   132  C "C3'" . DA  A 1 7  ? 3.610   3.830   7.969   1.00 21.50 ? 207 DA  C "C3'" 1 
ATOM   133  O "O3'" . DA  A 1 7  ? 2.643   4.725   8.496   1.00 20.98 ? 207 DA  C "O3'" 1 
ATOM   134  C "C2'" . DA  A 1 7  ? 3.166   2.375   7.978   1.00 19.80 ? 207 DA  C "C2'" 1 
ATOM   135  C "C1'" . DA  A 1 7  ? 2.432   2.209   6.663   1.00 18.14 ? 207 DA  C "C1'" 1 
ATOM   136  N N9    . DA  A 1 7  ? 2.564   0.892   6.025   1.00 10.46 ? 207 DA  C N9    1 
ATOM   137  C C8    . DA  A 1 7  ? 3.665   0.071   6.016   1.00 7.62  ? 207 DA  C C8    1 
ATOM   138  N N7    . DA  A 1 7  ? 3.494   -1.036  5.365   1.00 7.08  ? 207 DA  C N7    1 
ATOM   139  C C5    . DA  A 1 7  ? 2.187   -0.954  4.902   1.00 8.73  ? 207 DA  C C5    1 
ATOM   140  C C6    . DA  A 1 7  ? 1.385   -1.822  4.143   1.00 8.93  ? 207 DA  C C6    1 
ATOM   141  N N6    . DA  A 1 7  ? 1.775   -3.012  3.664   1.00 18.86 ? 207 DA  C N6    1 
ATOM   142  N N1    . DA  A 1 7  ? 0.129   -1.427  3.881   1.00 11.57 ? 207 DA  C N1    1 
ATOM   143  C C2    . DA  A 1 7  ? -0.291  -0.242  4.333   1.00 11.92 ? 207 DA  C C2    1 
ATOM   144  N N3    . DA  A 1 7  ? 0.361   0.657   5.043   1.00 13.19 ? 207 DA  C N3    1 
ATOM   145  C C4    . DA  A 1 7  ? 1.612   0.239   5.307   1.00 9.55  ? 207 DA  C C4    1 
ATOM   146  P P     . DA  A 1 8  ? 2.201   4.637   10.026  1.00 21.81 ? 208 DA  C P     1 
ATOM   147  O OP1   . DA  A 1 8  ? 1.793   6.000   10.425  1.00 26.42 ? 208 DA  C OP1   1 
ATOM   148  O OP2   . DA  A 1 8  ? 3.240   3.930   10.792  1.00 29.25 ? 208 DA  C OP2   1 
ATOM   149  O "O5'" . DA  A 1 8  ? 0.874   3.778   10.000  1.00 22.44 ? 208 DA  C "O5'" 1 
ATOM   150  C "C5'" . DA  A 1 8  ? -0.285  4.424   9.542   1.00 22.38 ? 208 DA  C "C5'" 1 
ATOM   151  C "C4'" . DA  A 1 8  ? -1.416  3.474   9.247   1.00 17.38 ? 208 DA  C "C4'" 1 
ATOM   152  O "O4'" . DA  A 1 8  ? -1.054  2.376   8.372   1.00 17.60 ? 208 DA  C "O4'" 1 
ATOM   153  C "C3'" . DA  A 1 8  ? -2.031  2.870   10.493  1.00 22.33 ? 208 DA  C "C3'" 1 
ATOM   154  O "O3'" . DA  A 1 8  ? -3.425  3.039   10.338  1.00 29.24 ? 208 DA  C "O3'" 1 
ATOM   155  C "C2'" . DA  A 1 8  ? -1.610  1.413   10.436  1.00 21.20 ? 208 DA  C "C2'" 1 
ATOM   156  C "C1'" . DA  A 1 8  ? -1.536  1.165   8.935   1.00 18.42 ? 208 DA  C "C1'" 1 
ATOM   157  N N9    . DA  A 1 8  ? -0.636  0.084   8.557   1.00 11.59 ? 208 DA  C N9    1 
ATOM   158  C C8    . DA  A 1 8  ? 0.691   -0.104  8.861   1.00 13.60 ? 208 DA  C C8    1 
ATOM   159  N N7    . DA  A 1 8  ? 1.190   -1.186  8.334   1.00 13.12 ? 208 DA  C N7    1 
ATOM   160  C C5    . DA  A 1 8  ? 0.118   -1.744  7.643   1.00 10.97 ? 208 DA  C C5    1 
ATOM   161  C C6    . DA  A 1 8  ? -0.015  -2.906  6.864   1.00 11.43 ? 208 DA  C C6    1 
ATOM   162  N N6    . DA  A 1 8  ? 0.966   -3.769  6.644   1.00 11.88 ? 208 DA  C N6    1 
ATOM   163  N N1    . DA  A 1 8  ? -1.215  -3.158  6.320   1.00 12.89 ? 208 DA  C N1    1 
ATOM   164  C C2    . DA  A 1 8  ? -2.213  -2.325  6.574   1.00 12.03 ? 208 DA  C C2    1 
ATOM   165  N N3    . DA  A 1 8  ? -2.220  -1.225  7.307   1.00 13.29 ? 208 DA  C N3    1 
ATOM   166  C C4    . DA  A 1 8  ? -1.000  -0.977  7.798   1.00 8.53  ? 208 DA  C C4    1 
ATOM   167  P P     . DT  A 1 9  ? -4.369  3.037   11.611  1.00 23.65 ? 209 DT  C P     1 
ATOM   168  O OP1   . DT  A 1 9  ? -5.155  4.288   11.566  1.00 25.99 ? 209 DT  C OP1   1 
ATOM   169  O OP2   . DT  A 1 9  ? -3.593  2.707   12.813  1.00 28.99 ? 209 DT  C OP2   1 
ATOM   170  O "O5'" . DT  A 1 9  ? -5.279  1.777   11.308  1.00 26.29 ? 209 DT  C "O5'" 1 
ATOM   171  C "C5'" . DT  A 1 9  ? -6.018  1.714   10.090  1.00 23.94 ? 209 DT  C "C5'" 1 
ATOM   172  C "C4'" . DT  A 1 9  ? -6.452  0.296   9.807   1.00 26.24 ? 209 DT  C "C4'" 1 
ATOM   173  O "O4'" . DT  A 1 9  ? -5.369  -0.504  9.303   1.00 22.50 ? 209 DT  C "O4'" 1 
ATOM   174  C "C3'" . DT  A 1 9  ? -7.083  -0.501  10.958  1.00 28.67 ? 209 DT  C "C3'" 1 
ATOM   175  O "O3'" . DT  A 1 9  ? -8.180  -1.189  10.409  1.00 35.06 ? 209 DT  C "O3'" 1 
ATOM   176  C "C2'" . DT  A 1 9  ? -6.069  -1.591  11.232  1.00 24.54 ? 209 DT  C "C2'" 1 
ATOM   177  C "C1'" . DT  A 1 9  ? -5.501  -1.807  9.834   1.00 20.46 ? 209 DT  C "C1'" 1 
ATOM   178  N N1    . DT  A 1 9  ? -4.189  -2.396  9.875   1.00 15.26 ? 209 DT  C N1    1 
ATOM   179  C C2    . DT  A 1 9  ? -3.951  -3.579  9.221   1.00 15.76 ? 209 DT  C C2    1 
ATOM   180  O O2    . DT  A 1 9  ? -4.772  -4.138  8.524   1.00 19.45 ? 209 DT  C O2    1 
ATOM   181  N N3    . DT  A 1 9  ? -2.698  -4.081  9.392   1.00 12.55 ? 209 DT  C N3    1 
ATOM   182  C C4    . DT  A 1 9  ? -1.684  -3.524  10.095  1.00 10.16 ? 209 DT  C C4    1 
ATOM   183  O O4    . DT  A 1 9  ? -0.617  -4.098  10.143  1.00 14.43 ? 209 DT  C O4    1 
ATOM   184  C C5    . DT  A 1 9  ? -1.983  -2.257  10.730  1.00 11.93 ? 209 DT  C C5    1 
ATOM   185  C C7    . DT  A 1 9  ? -0.932  -1.548  11.499  1.00 12.24 ? 209 DT  C C7    1 
ATOM   186  C C6    . DT  A 1 9  ? -3.218  -1.773  10.587  1.00 13.23 ? 209 DT  C C6    1 
ATOM   187  P P     . DT  A 1 10 ? -9.597  -1.146  11.111  1.00 35.70 ? 210 DT  C P     1 
ATOM   188  O OP1   . DT  A 1 10 ? -10.478 -0.469  10.104  1.00 39.98 ? 210 DT  C OP1   1 
ATOM   189  O OP2   . DT  A 1 10 ? -9.456  -0.589  12.466  1.00 33.15 ? 210 DT  C OP2   1 
ATOM   190  O "O5'" . DT  A 1 10 ? -9.985  -2.687  11.165  1.00 37.59 ? 210 DT  C "O5'" 1 
ATOM   191  C "C5'" . DT  A 1 10 ? -9.809  -3.505  10.007  1.00 38.59 ? 210 DT  C "C5'" 1 
ATOM   192  C "C4'" . DT  A 1 10 ? -9.617  -4.949  10.411  1.00 39.72 ? 210 DT  C "C4'" 1 
ATOM   193  O "O4'" . DT  A 1 10 ? -8.222  -5.334  10.276  1.00 36.08 ? 210 DT  C "O4'" 1 
ATOM   194  C "C3'" . DT  A 1 10 ? -9.992  -5.211  11.873  1.00 44.80 ? 210 DT  C "C3'" 1 
ATOM   195  O "O3'" . DT  A 1 10 ? -10.371 -6.533  12.194  1.00 52.18 ? 210 DT  C "O3'" 1 
ATOM   196  C "C2'" . DT  A 1 10 ? -8.644  -5.242  12.565  1.00 43.11 ? 210 DT  C "C2'" 1 
ATOM   197  C "C1'" . DT  A 1 10 ? -7.822  -5.929  11.497  1.00 36.27 ? 210 DT  C "C1'" 1 
ATOM   198  N N1    . DT  A 1 10 ? -6.379  -5.792  11.680  1.00 31.43 ? 210 DT  C N1    1 
ATOM   199  C C2    . DT  A 1 10 ? -5.572  -6.686  11.038  1.00 28.34 ? 210 DT  C C2    1 
ATOM   200  O O2    . DT  A 1 10 ? -5.974  -7.436  10.182  1.00 27.04 ? 210 DT  C O2    1 
ATOM   201  N N3    . DT  A 1 10 ? -4.264  -6.647  11.424  1.00 26.93 ? 210 DT  C N3    1 
ATOM   202  C C4    . DT  A 1 10 ? -3.687  -5.775  12.311  1.00 27.15 ? 210 DT  C C4    1 
ATOM   203  O O4    . DT  A 1 10 ? -2.509  -5.899  12.586  1.00 32.27 ? 210 DT  C O4    1 
ATOM   204  C C5    . DT  A 1 10 ? -4.564  -4.768  12.858  1.00 27.35 ? 210 DT  C C5    1 
ATOM   205  C C7    . DT  A 1 10 ? -4.005  -3.693  13.725  1.00 24.29 ? 210 DT  C C7    1 
ATOM   206  C C6    . DT  A 1 10 ? -5.857  -4.838  12.524  1.00 30.33 ? 210 DT  C C6    1 
ATOM   207  P P     . DA  B 2 1  ? 3.309   -15.548 10.751  1.00 38.66 ? 211 DA  D P     1 
ATOM   208  O OP1   . DA  B 2 1  ? 3.752   -16.979 10.735  1.00 40.59 ? 211 DA  D OP1   1 
ATOM   209  O OP2   . DA  B 2 1  ? 4.307   -14.471 10.593  1.00 37.98 ? 211 DA  D OP2   1 
ATOM   210  O "O5'" . DA  B 2 1  ? 2.222   -15.352 9.595   1.00 38.58 ? 211 DA  D "O5'" 1 
ATOM   211  C "C5'" . DA  B 2 1  ? 0.855   -15.763 9.749   1.00 33.86 ? 211 DA  D "C5'" 1 
ATOM   212  C "C4'" . DA  B 2 1  ? -0.033  -14.917 8.858   1.00 33.18 ? 211 DA  D "C4'" 1 
ATOM   213  O "O4'" . DA  B 2 1  ? -0.445  -13.679 9.524   1.00 30.68 ? 211 DA  D "O4'" 1 
ATOM   214  C "C3'" . DA  B 2 1  ? 0.727   -14.482 7.591   1.00 34.54 ? 211 DA  D "C3'" 1 
ATOM   215  O "O3'" . DA  B 2 1  ? -0.144  -14.315 6.481   1.00 36.14 ? 211 DA  D "O3'" 1 
ATOM   216  C "C2'" . DA  B 2 1  ? 1.119   -13.055 7.919   1.00 32.32 ? 211 DA  D "C2'" 1 
ATOM   217  C "C1'" . DA  B 2 1  ? -0.159  -12.617 8.595   1.00 29.88 ? 211 DA  D "C1'" 1 
ATOM   218  N N9    . DA  B 2 1  ? -0.072  -11.340 9.308   1.00 23.36 ? 211 DA  D N9    1 
ATOM   219  C C8    . DA  B 2 1  ? 1.063   -10.684 9.686   1.00 20.24 ? 211 DA  D C8    1 
ATOM   220  N N7    . DA  B 2 1  ? 0.837   -9.564  10.306  1.00 23.42 ? 211 DA  D N7    1 
ATOM   221  C C5    . DA  B 2 1  ? -0.547  -9.470  10.324  1.00 19.95 ? 211 DA  D C5    1 
ATOM   222  C C6    . DA  B 2 1  ? -1.403  -8.517  10.862  1.00 19.70 ? 211 DA  D C6    1 
ATOM   223  N N6    . DA  B 2 1  ? -0.970  -7.426  11.484  1.00 22.26 ? 211 DA  D N6    1 
ATOM   224  N N1    . DA  B 2 1  ? -2.734  -8.722  10.744  1.00 19.78 ? 211 DA  D N1    1 
ATOM   225  C C2    . DA  B 2 1  ? -3.155  -9.835  10.117  1.00 19.48 ? 211 DA  D C2    1 
ATOM   226  N N3    . DA  B 2 1  ? -2.434  -10.812 9.570   1.00 23.08 ? 211 DA  D N3    1 
ATOM   227  C C4    . DA  B 2 1  ? -1.111  -10.562 9.716   1.00 21.12 ? 211 DA  D C4    1 
ATOM   228  P P     . DA  B 2 2  ? -0.712  -15.577 5.696   1.00 35.18 ? 212 DA  D P     1 
ATOM   229  O OP1   . DA  B 2 2  ? -1.191  -16.562 6.680   1.00 35.55 ? 212 DA  D OP1   1 
ATOM   230  O OP2   . DA  B 2 2  ? 0.239   -16.003 4.646   1.00 35.38 ? 212 DA  D OP2   1 
ATOM   231  O "O5'" . DA  B 2 2  ? -1.998  -14.910 5.041   1.00 34.69 ? 212 DA  D "O5'" 1 
ATOM   232  C "C5'" . DA  B 2 2  ? -2.993  -14.365 5.900   1.00 35.22 ? 212 DA  D "C5'" 1 
ATOM   233  C "C4'" . DA  B 2 2  ? -3.555  -13.078 5.343   1.00 33.66 ? 212 DA  D "C4'" 1 
ATOM   234  O "O4'" . DA  B 2 2  ? -3.261  -11.923 6.177   1.00 29.08 ? 212 DA  D "O4'" 1 
ATOM   235  C "C3'" . DA  B 2 2  ? -3.149  -12.706 3.913   1.00 33.07 ? 212 DA  D "C3'" 1 
ATOM   236  O "O3'" . DA  B 2 2  ? -4.339  -12.300 3.232   1.00 39.55 ? 212 DA  D "O3'" 1 
ATOM   237  C "C2'" . DA  B 2 2  ? -2.257  -11.503 4.120   1.00 30.86 ? 212 DA  D "C2'" 1 
ATOM   238  C "C1'" . DA  B 2 2  ? -2.920  -10.847 5.315   1.00 27.63 ? 212 DA  D "C1'" 1 
ATOM   239  N N9    . DA  B 2 2  ? -2.061  -9.909  6.031   1.00 21.11 ? 212 DA  D N9    1 
ATOM   240  C C8    . DA  B 2 2  ? -0.711  -9.973  6.143   1.00 17.34 ? 212 DA  D C8    1 
ATOM   241  N N7    . DA  B 2 2  ? -0.184  -8.937  6.739   1.00 18.37 ? 212 DA  D N7    1 
ATOM   242  C C5    . DA  B 2 2  ? -1.272  -8.148  7.082   1.00 18.58 ? 212 DA  D C5    1 
ATOM   243  C C6    . DA  B 2 2  ? -1.381  -6.889  7.754   1.00 20.58 ? 212 DA  D C6    1 
ATOM   244  N N6    . DA  B 2 2  ? -0.341  -6.220  8.261   1.00 22.43 ? 212 DA  D N6    1 
ATOM   245  N N1    . DA  B 2 2  ? -2.604  -6.363  7.904   1.00 14.82 ? 212 DA  D N1    1 
ATOM   246  C C2    . DA  B 2 2  ? -3.651  -7.064  7.459   1.00 17.91 ? 212 DA  D C2    1 
ATOM   247  N N3    . DA  B 2 2  ? -3.681  -8.253  6.845   1.00 19.94 ? 212 DA  D N3    1 
ATOM   248  C C4    . DA  B 2 2  ? -2.436  -8.743  6.676   1.00 19.49 ? 212 DA  D C4    1 
ATOM   249  P P     . DT  B 2 3  ? -4.285  -11.782 1.710   1.00 41.26 ? 213 DT  D P     1 
ATOM   250  O OP1   . DT  B 2 3  ? -4.982  -12.811 0.901   1.00 40.83 ? 213 DT  D OP1   1 
ATOM   251  O OP2   . DT  B 2 3  ? -2.921  -11.335 1.331   1.00 41.87 ? 213 DT  D OP2   1 
ATOM   252  O "O5'" . DT  B 2 3  ? -5.184  -10.469 1.757   1.00 37.62 ? 213 DT  D "O5'" 1 
ATOM   253  C "C5'" . DT  B 2 3  ? -6.162  -10.314 2.776   1.00 36.43 ? 213 DT  D "C5'" 1 
ATOM   254  C "C4'" . DT  B 2 3  ? -6.380  -8.849  3.080   1.00 37.07 ? 213 DT  D "C4'" 1 
ATOM   255  O "O4'" . DT  B 2 3  ? -5.263  -8.319  3.834   1.00 35.22 ? 213 DT  D "O4'" 1 
ATOM   256  C "C3'" . DT  B 2 3  ? -6.564  -7.925  1.871   1.00 36.01 ? 213 DT  D "C3'" 1 
ATOM   257  O "O3'" . DT  B 2 3  ? -7.622  -7.020  2.149   1.00 42.19 ? 213 DT  D "O3'" 1 
ATOM   258  C "C2'" . DT  B 2 3  ? -5.266  -7.145  1.825   1.00 31.90 ? 213 DT  D "C2'" 1 
ATOM   259  C "C1'" . DT  B 2 3  ? -4.901  -7.063  3.293   1.00 29.54 ? 213 DT  D "C1'" 1 
ATOM   260  N N1    . DT  B 2 3  ? -3.471  -6.841  3.558   1.00 23.72 ? 213 DT  D N1    1 
ATOM   261  C C2    . DT  B 2 3  ? -3.106  -5.799  4.394   1.00 20.63 ? 213 DT  D C2    1 
ATOM   262  O O2    . DT  B 2 3  ? -3.915  -5.082  4.956   1.00 20.07 ? 213 DT  D O2    1 
ATOM   263  N N3    . DT  B 2 3  ? -1.757  -5.642  4.559   1.00 17.33 ? 213 DT  D N3    1 
ATOM   264  C C4    . DT  B 2 3  ? -0.770  -6.422  4.024   1.00 19.30 ? 213 DT  D C4    1 
ATOM   265  O O4    . DT  B 2 3  ? 0.394   -6.197  4.296   1.00 27.86 ? 213 DT  D O4    1 
ATOM   266  C C5    . DT  B 2 3  ? -1.214  -7.500  3.162   1.00 19.18 ? 213 DT  D C5    1 
ATOM   267  C C7    . DT  B 2 3  ? -0.200  -8.387  2.533   1.00 22.57 ? 213 DT  D C7    1 
ATOM   268  C C6    . DT  B 2 3  ? -2.529  -7.647  2.977   1.00 18.00 ? 213 DT  D C6    1 
ATOM   269  P P     . DT  B 2 4  ? -8.343  -6.211  0.958   1.00 46.08 ? 214 DT  D P     1 
ATOM   270  O OP1   . DT  B 2 4  ? -9.787  -6.510  1.109   1.00 47.44 ? 214 DT  D OP1   1 
ATOM   271  O OP2   . DT  B 2 4  ? -7.670  -6.437  -0.351  1.00 49.44 ? 214 DT  D OP2   1 
ATOM   272  O "O5'" . DT  B 2 4  ? -8.070  -4.698  1.361   1.00 41.23 ? 214 DT  D "O5'" 1 
ATOM   273  C "C5'" . DT  B 2 4  ? -8.210  -4.297  2.722   1.00 36.90 ? 214 DT  D "C5'" 1 
ATOM   274  C "C4'" . DT  B 2 4  ? -7.596  -2.934  2.929   1.00 34.72 ? 214 DT  D "C4'" 1 
ATOM   275  O "O4'" . DT  B 2 4  ? -6.158  -3.025  3.081   1.00 31.82 ? 214 DT  D "O4'" 1 
ATOM   276  C "C3'" . DT  B 2 4  ? -7.849  -1.969  1.765   1.00 34.67 ? 214 DT  D "C3'" 1 
ATOM   277  O "O3'" . DT  B 2 4  ? -8.120  -0.666  2.267   1.00 36.45 ? 214 DT  D "O3'" 1 
ATOM   278  C "C2'" . DT  B 2 4  ? -6.518  -1.934  1.038   1.00 33.05 ? 214 DT  D "C2'" 1 
ATOM   279  C "C1'" . DT  B 2 4  ? -5.565  -2.058  2.207   1.00 32.09 ? 214 DT  D "C1'" 1 
ATOM   280  N N1    . DT  B 2 4  ? -4.186  -2.472  1.927   1.00 26.59 ? 214 DT  D N1    1 
ATOM   281  C C2    . DT  B 2 4  ? -3.189  -1.748  2.527   1.00 24.40 ? 214 DT  D C2    1 
ATOM   282  O O2    . DT  B 2 4  ? -3.408  -0.700  3.135   1.00 25.79 ? 214 DT  D O2    1 
ATOM   283  N N3    . DT  B 2 4  ? -1.930  -2.294  2.395   1.00 18.42 ? 214 DT  D N3    1 
ATOM   284  C C4    . DT  B 2 4  ? -1.594  -3.441  1.712   1.00 17.00 ? 214 DT  D C4    1 
ATOM   285  O O4    . DT  B 2 4  ? -0.453  -3.856  1.765   1.00 19.69 ? 214 DT  D O4    1 
ATOM   286  C C5    . DT  B 2 4  ? -2.674  -4.076  0.994   1.00 17.58 ? 214 DT  D C5    1 
ATOM   287  C C7    . DT  B 2 4  ? -2.396  -5.244  0.109   1.00 18.82 ? 214 DT  D C7    1 
ATOM   288  C C6    . DT  B 2 4  ? -3.903  -3.563  1.148   1.00 22.04 ? 214 DT  D C6    1 
ATOM   289  P P     . DC  B 2 5  ? -9.180  0.261   1.518   1.00 35.43 ? 215 DC  D P     1 
ATOM   290  O OP1   . DC  B 2 5  ? -10.507 0.077   2.143   1.00 34.45 ? 215 DC  D OP1   1 
ATOM   291  O OP2   . DC  B 2 5  ? -8.991  -0.050  0.076   1.00 36.88 ? 215 DC  D OP2   1 
ATOM   292  O "O5'" . DC  B 2 5  ? -8.661  1.736   1.816   1.00 33.40 ? 215 DC  D "O5'" 1 
ATOM   293  C "C5'" . DC  B 2 5  ? -7.655  1.963   2.796   1.00 29.38 ? 215 DC  D "C5'" 1 
ATOM   294  C "C4'" . DC  B 2 5  ? -6.477  2.705   2.200   1.00 30.48 ? 215 DC  D "C4'" 1 
ATOM   295  O "O4'" . DC  B 2 5  ? -5.471  1.755   1.781   1.00 29.16 ? 215 DC  D "O4'" 1 
ATOM   296  C "C3'" . DC  B 2 5  ? -6.749  3.597   0.977   1.00 31.99 ? 215 DC  D "C3'" 1 
ATOM   297  O "O3'" . DC  B 2 5  ? -6.041  4.831   1.116   1.00 32.58 ? 215 DC  D "O3'" 1 
ATOM   298  C "C2'" . DC  B 2 5  ? -6.086  2.839   -0.170  1.00 27.25 ? 215 DC  D "C2'" 1 
ATOM   299  C "C1'" . DC  B 2 5  ? -4.918  2.216   0.554   1.00 25.86 ? 215 DC  D "C1'" 1 
ATOM   300  N N1    . DC  B 2 5  ? -4.210  1.107   -0.117  1.00 22.74 ? 215 DC  D N1    1 
ATOM   301  C C2    . DC  B 2 5  ? -2.846  0.962   0.101   1.00 19.93 ? 215 DC  D C2    1 
ATOM   302  O O2    . DC  B 2 5  ? -2.297  1.719   0.897   1.00 18.06 ? 215 DC  D O2    1 
ATOM   303  N N3    . DC  B 2 5  ? -2.148  0.007   -0.555  1.00 16.94 ? 215 DC  D N3    1 
ATOM   304  C C4    . DC  B 2 5  ? -2.769  -0.803  -1.383  1.00 15.13 ? 215 DC  D C4    1 
ATOM   305  N N4    . DC  B 2 5  ? -2.041  -1.705  -2.013  1.00 19.06 ? 215 DC  D N4    1 
ATOM   306  C C5    . DC  B 2 5  ? -4.172  -0.722  -1.603  1.00 17.79 ? 215 DC  D C5    1 
ATOM   307  C C6    . DC  B 2 5  ? -4.850  0.245   -0.960  1.00 21.07 ? 215 DC  D C6    1 
ATOM   308  P P     . DA  B 2 6  ? -6.801  6.145   1.622   1.00 31.76 ? 216 DA  D P     1 
ATOM   309  O OP1   . DA  B 2 6  ? -7.360  5.898   2.973   1.00 30.15 ? 216 DA  D OP1   1 
ATOM   310  O OP2   . DA  B 2 6  ? -7.697  6.614   0.540   1.00 30.32 ? 216 DA  D OP2   1 
ATOM   311  O "O5'" . DA  B 2 6  ? -5.597  7.161   1.826   1.00 29.81 ? 216 DA  D "O5'" 1 
ATOM   312  C "C5'" . DA  B 2 6  ? -4.860  7.132   3.037   1.00 34.06 ? 216 DA  D "C5'" 1 
ATOM   313  C "C4'" . DA  B 2 6  ? -3.381  7.292   2.772   1.00 34.36 ? 216 DA  D "C4'" 1 
ATOM   314  O "O4'" . DA  B 2 6  ? -2.865  6.177   1.998   1.00 34.97 ? 216 DA  D "O4'" 1 
ATOM   315  C "C3'" . DA  B 2 6  ? -2.976  8.559   2.019   1.00 33.45 ? 216 DA  D "C3'" 1 
ATOM   316  O "O3'" . DA  B 2 6  ? -1.734  8.987   2.578   1.00 37.34 ? 216 DA  D "O3'" 1 
ATOM   317  C "C2'" . DA  B 2 6  ? -2.766  8.064   0.601   1.00 31.96 ? 216 DA  D "C2'" 1 
ATOM   318  C "C1'" . DA  B 2 6  ? -2.159  6.699   0.860   1.00 31.91 ? 216 DA  D "C1'" 1 
ATOM   319  N N9    . DA  B 2 6  ? -2.252  5.727   -0.233  1.00 23.63 ? 216 DA  D N9    1 
ATOM   320  C C8    . DA  B 2 6  ? -3.295  5.474   -1.094  1.00 21.96 ? 216 DA  D C8    1 
ATOM   321  N N7    . DA  B 2 6  ? -3.069  4.473   -1.909  1.00 20.58 ? 216 DA  D N7    1 
ATOM   322  C C5    . DA  B 2 6  ? -1.785  4.057   -1.573  1.00 15.23 ? 216 DA  D C5    1 
ATOM   323  C C6    . DA  B 2 6  ? -0.980  3.024   -2.052  1.00 13.14 ? 216 DA  D C6    1 
ATOM   324  N N6    . DA  B 2 6  ? -1.348  2.199   -3.025  1.00 9.07  ? 216 DA  D N6    1 
ATOM   325  N N1    . DA  B 2 6  ? 0.230   2.869   -1.490  1.00 11.06 ? 216 DA  D N1    1 
ATOM   326  C C2    . DA  B 2 6  ? 0.604   3.713   -0.538  1.00 10.11 ? 216 DA  D C2    1 
ATOM   327  N N3    . DA  B 2 6  ? -0.052  4.731   -0.013  1.00 10.36 ? 216 DA  D N3    1 
ATOM   328  C C4    . DA  B 2 6  ? -1.269  4.834   -0.566  1.00 14.40 ? 216 DA  D C4    1 
ATOM   329  P P     . DA  B 2 7  ? -1.209  10.476  2.328   1.00 38.47 ? 217 DA  D P     1 
ATOM   330  O OP1   . DA  B 2 7  ? -1.174  11.233  3.616   1.00 34.62 ? 217 DA  D OP1   1 
ATOM   331  O OP2   . DA  B 2 7  ? -1.917  11.040  1.160   1.00 38.12 ? 217 DA  D OP2   1 
ATOM   332  O "O5'" . DA  B 2 7  ? 0.280   10.239  1.815   1.00 37.15 ? 217 DA  D "O5'" 1 
ATOM   333  C "C5'" . DA  B 2 7  ? 0.635   10.560  0.487   1.00 34.52 ? 217 DA  D "C5'" 1 
ATOM   334  C "C4'" . DA  B 2 7  ? 1.776   9.688   0.019   1.00 32.70 ? 217 DA  D "C4'" 1 
ATOM   335  O "O4'" . DA  B 2 7  ? 1.369   8.339   -0.378  1.00 32.36 ? 217 DA  D "O4'" 1 
ATOM   336  C "C3'" . DA  B 2 7  ? 2.373   10.317  -1.226  1.00 31.41 ? 217 DA  D "C3'" 1 
ATOM   337  O "O3'" . DA  B 2 7  ? 3.739   10.068  -1.230  1.00 37.42 ? 217 DA  D "O3'" 1 
ATOM   338  C "C2'" . DA  B 2 7  ? 1.814   9.492   -2.339  1.00 28.04 ? 217 DA  D "C2'" 1 
ATOM   339  C "C1'" . DA  B 2 7  ? 1.827   8.135   -1.720  1.00 24.70 ? 217 DA  D "C1'" 1 
ATOM   340  N N9    . DA  B 2 7  ? 0.880   7.320   -2.464  1.00 18.05 ? 217 DA  D N9    1 
ATOM   341  C C8    . DA  B 2 7  ? -0.440  7.529   -2.724  1.00 14.26 ? 217 DA  D C8    1 
ATOM   342  N N7    . DA  B 2 7  ? -0.947  6.669   -3.571  1.00 19.15 ? 217 DA  D N7    1 
ATOM   343  C C5    . DA  B 2 7  ? 0.108   5.816   -3.852  1.00 12.99 ? 217 DA  D C5    1 
ATOM   344  C C6    . DA  B 2 7  ? 0.244   4.709   -4.697  1.00 13.39 ? 217 DA  D C6    1 
ATOM   345  N N6    . DA  B 2 7  ? -0.725  4.205   -5.471  1.00 16.13 ? 217 DA  D N6    1 
ATOM   346  N N1    . DA  B 2 7  ? 1.442   4.110   -4.727  1.00 13.99 ? 217 DA  D N1    1 
ATOM   347  C C2    . DA  B 2 7  ? 2.435   4.586   -3.980  1.00 11.97 ? 217 DA  D C2    1 
ATOM   348  N N3    . DA  B 2 7  ? 2.438   5.616   -3.166  1.00 17.18 ? 217 DA  D N3    1 
ATOM   349  C C4    . DA  B 2 7  ? 1.223   6.195   -3.147  1.00 15.62 ? 217 DA  D C4    1 
ATOM   350  P P     . DT  B 2 8  ? 4.740   11.259  -0.966  1.00 41.07 ? 218 DT  D P     1 
ATOM   351  O OP1   . DT  B 2 8  ? 5.066   11.219  0.487   1.00 41.69 ? 218 DT  D OP1   1 
ATOM   352  O OP2   . DT  B 2 8  ? 4.205   12.505  -1.583  1.00 36.83 ? 218 DT  D OP2   1 
ATOM   353  O "O5'" . DT  B 2 8  ? 5.981   10.823  -1.840  1.00 41.06 ? 218 DT  D "O5'" 1 
ATOM   354  C "C5'" . DT  B 2 8  ? 5.851   10.784  -3.246  1.00 38.08 ? 218 DT  D "C5'" 1 
ATOM   355  C "C4'" . DT  B 2 8  ? 6.155   9.392   -3.736  1.00 37.51 ? 218 DT  D "C4'" 1 
ATOM   356  O "O4'" . DT  B 2 8  ? 4.930   8.652   -3.967  1.00 36.71 ? 218 DT  D "O4'" 1 
ATOM   357  C "C3'" . DT  B 2 8  ? 6.892   9.401   -5.062  1.00 37.94 ? 218 DT  D "C3'" 1 
ATOM   358  O "O3'" . DT  B 2 8  ? 7.836   8.358   -5.034  1.00 39.87 ? 218 DT  D "O3'" 1 
ATOM   359  C "C2'" . DT  B 2 8  ? 5.815   9.096   -6.074  1.00 36.35 ? 218 DT  D "C2'" 1 
ATOM   360  C "C1'" . DT  B 2 8  ? 4.947   8.146   -5.289  1.00 32.16 ? 218 DT  D "C1'" 1 
ATOM   361  N N1    . DT  B 2 8  ? 3.584   8.126   -5.784  1.00 28.24 ? 218 DT  D N1    1 
ATOM   362  C C2    . DT  B 2 8  ? 3.262   7.114   -6.632  1.00 26.44 ? 218 DT  D C2    1 
ATOM   363  O O2    . DT  B 2 8  ? 4.048   6.232   -6.921  1.00 26.52 ? 218 DT  D O2    1 
ATOM   364  N N3    . DT  B 2 8  ? 1.988   7.170   -7.126  1.00 24.50 ? 218 DT  D N3    1 
ATOM   365  C C4    . DT  B 2 8  ? 1.034   8.128   -6.844  1.00 22.62 ? 218 DT  D C4    1 
ATOM   366  O O4    . DT  B 2 8  ? -0.049  8.087   -7.409  1.00 31.62 ? 218 DT  D O4    1 
ATOM   367  C C5    . DT  B 2 8  ? 1.426   9.136   -5.890  1.00 20.17 ? 218 DT  D C5    1 
ATOM   368  C C7    . DT  B 2 8  ? 0.436   10.149  -5.435  1.00 18.75 ? 218 DT  D C7    1 
ATOM   369  C C6    . DT  B 2 8  ? 2.676   9.089   -5.428  1.00 21.72 ? 218 DT  D C6    1 
ATOM   370  P P     . DT  B 2 9  ? 9.368   8.706   -5.270  1.00 39.43 ? 219 DT  D P     1 
ATOM   371  O OP1   . DT  B 2 9  ? 10.169  8.056   -4.196  1.00 43.67 ? 219 DT  D OP1   1 
ATOM   372  O OP2   . DT  B 2 9  ? 9.363   10.179  -5.405  1.00 32.89 ? 219 DT  D OP2   1 
ATOM   373  O "O5'" . DT  B 2 9  ? 9.691   8.025   -6.672  1.00 39.06 ? 219 DT  D "O5'" 1 
ATOM   374  C "C5'" . DT  B 2 9  ? 9.643   6.598   -6.841  1.00 36.91 ? 219 DT  D "C5'" 1 
ATOM   375  C "C4'" . DT  B 2 9  ? 9.275   6.257   -8.270  1.00 37.05 ? 219 DT  D "C4'" 1 
ATOM   376  O "O4'" . DT  B 2 9  ? 7.833   6.315   -8.459  1.00 35.42 ? 219 DT  D "O4'" 1 
ATOM   377  C "C3'" . DT  B 2 9  ? 9.877   7.235   -9.288  1.00 36.92 ? 219 DT  D "C3'" 1 
ATOM   378  O "O3'" . DT  B 2 9  ? 10.103  6.618   -10.558 1.00 39.44 ? 219 DT  D "O3'" 1 
ATOM   379  C "C2'" . DT  B 2 9  ? 8.707   8.157   -9.585  1.00 35.48 ? 219 DT  D "C2'" 1 
ATOM   380  C "C1'" . DT  B 2 9  ? 7.601   7.120   -9.613  1.00 32.53 ? 219 DT  D "C1'" 1 
ATOM   381  N N1    . DT  B 2 9  ? 6.215   7.629   -9.609  1.00 27.89 ? 219 DT  D N1    1 
ATOM   382  C C2    . DT  B 2 9  ? 5.214   6.798   -10.059 1.00 23.99 ? 219 DT  D C2    1 
ATOM   383  O O2    . DT  B 2 9  ? 5.400   5.638   -10.390 1.00 21.90 ? 219 DT  D O2    1 
ATOM   384  N N3    . DT  B 2 9  ? 3.979   7.378   -10.104 1.00 20.47 ? 219 DT  D N3    1 
ATOM   385  C C4    . DT  B 2 9  ? 3.644   8.661   -9.743  1.00 18.46 ? 219 DT  D C4    1 
ATOM   386  O O4    . DT  B 2 9  ? 2.480   9.035   -9.856  1.00 22.68 ? 219 DT  D O4    1 
ATOM   387  C C5    . DT  B 2 9  ? 4.732   9.473   -9.246  1.00 17.52 ? 219 DT  D C5    1 
ATOM   388  C C7    . DT  B 2 9  ? 4.474   10.879  -8.819  1.00 17.56 ? 219 DT  D C7    1 
ATOM   389  C C6    . DT  B 2 9  ? 5.941   8.916   -9.200  1.00 21.70 ? 219 DT  D C6    1 
ATOM   390  P P     . DA  B 2 10 ? 11.253  5.538   -10.745 1.00 38.79 ? 220 DA  D P     1 
ATOM   391  O OP1   . DA  B 2 10 ? 11.054  4.496   -9.703  1.00 42.99 ? 220 DA  D OP1   1 
ATOM   392  O OP2   . DA  B 2 10 ? 12.543  6.238   -10.839 1.00 42.55 ? 220 DA  D OP2   1 
ATOM   393  O "O5'" . DA  B 2 10 ? 10.896  4.926   -12.175 1.00 40.28 ? 220 DA  D "O5'" 1 
ATOM   394  C "C5'" . DA  B 2 10 ? 9.588   4.405   -12.439 1.00 39.30 ? 220 DA  D "C5'" 1 
ATOM   395  C "C4'" . DA  B 2 10 ? 9.057   4.947   -13.752 1.00 38.30 ? 220 DA  D "C4'" 1 
ATOM   396  O "O4'" . DA  B 2 10 ? 8.021   5.942   -13.556 1.00 36.44 ? 220 DA  D "O4'" 1 
ATOM   397  C "C3'" . DA  B 2 10 ? 10.099  5.607   -14.658 1.00 37.40 ? 220 DA  D "C3'" 1 
ATOM   398  O "O3'" . DA  B 2 10 ? 9.736   5.362   -16.011 1.00 34.34 ? 220 DA  D "O3'" 1 
ATOM   399  C "C2'" . DA  B 2 10 ? 9.838   7.092   -14.456 1.00 35.22 ? 220 DA  D "C2'" 1 
ATOM   400  C "C1'" . DA  B 2 10 ? 8.335   7.094   -14.337 1.00 33.10 ? 220 DA  D "C1'" 1 
ATOM   401  N N9    . DA  B 2 10 ? 7.746   8.276   -13.699 1.00 29.41 ? 220 DA  D N9    1 
ATOM   402  C C8    . DA  B 2 10 ? 8.371   9.363   -13.145 1.00 29.54 ? 220 DA  D C8    1 
ATOM   403  N N7    . DA  B 2 10 ? 7.546   10.268  -12.675 1.00 24.56 ? 220 DA  D N7    1 
ATOM   404  C C5    . DA  B 2 10 ? 6.294   9.734   -12.940 1.00 23.99 ? 220 DA  D C5    1 
ATOM   405  C C6    . DA  B 2 10 ? 5.018   10.195  -12.683 1.00 23.58 ? 220 DA  D C6    1 
ATOM   406  N N6    . DA  B 2 10 ? 4.759   11.374  -12.117 1.00 29.97 ? 220 DA  D N6    1 
ATOM   407  N N1    . DA  B 2 10 ? 3.987   9.405   -13.038 1.00 26.86 ? 220 DA  D N1    1 
ATOM   408  C C2    . DA  B 2 10 ? 4.244   8.239   -13.642 1.00 26.05 ? 220 DA  D C2    1 
ATOM   409  N N3    . DA  B 2 10 ? 5.409   7.707   -13.964 1.00 26.31 ? 220 DA  D N3    1 
ATOM   410  C C4    . DA  B 2 10 ? 6.409   8.511   -13.567 1.00 25.19 ? 220 DA  D C4    1 
ATOM   411  N N     . ARG C 3 3  ? -6.349  6.523   6.518   1.00 59.33 ? 103 ARG A N     1 
ATOM   412  C CA    . ARG C 3 3  ? -5.742  5.809   7.664   1.00 58.59 ? 103 ARG A CA    1 
ATOM   413  C C     . ARG C 3 3  ? -4.577  6.549   8.299   1.00 58.19 ? 103 ARG A C     1 
ATOM   414  O O     . ARG C 3 3  ? -4.525  6.638   9.525   1.00 57.81 ? 103 ARG A O     1 
ATOM   415  C CB    . ARG C 3 3  ? -5.186  4.447   7.231   1.00 57.86 ? 103 ARG A CB    1 
ATOM   416  C CG    . ARG C 3 3  ? -6.136  3.320   6.913   1.00 58.41 ? 103 ARG A CG    1 
ATOM   417  C CD    . ARG C 3 3  ? -5.289  2.061   6.898   1.00 59.91 ? 103 ARG A CD    1 
ATOM   418  N NE    . ARG C 3 3  ? -5.889  0.938   6.194   1.00 62.43 ? 103 ARG A NE    1 
ATOM   419  C CZ    . ARG C 3 3  ? -5.186  0.043   5.506   1.00 64.67 ? 103 ARG A CZ    1 
ATOM   420  N NH1   . ARG C 3 3  ? -3.869  0.146   5.445   1.00 64.24 ? 103 ARG A NH1   1 
ATOM   421  N NH2   . ARG C 3 3  ? -5.796  -0.926  4.832   1.00 65.82 ? 103 ARG A NH2   1 
ATOM   422  N N     . TYR C 3 4  ? -3.688  7.130   7.477   1.00 57.77 ? 104 TYR A N     1 
ATOM   423  C CA    . TYR C 3 4  ? -2.451  7.736   8.004   1.00 56.75 ? 104 TYR A CA    1 
ATOM   424  C C     . TYR C 3 4  ? -1.512  8.294   6.933   1.00 51.74 ? 104 TYR A C     1 
ATOM   425  O O     . TYR C 3 4  ? -1.922  8.621   5.817   1.00 54.64 ? 104 TYR A O     1 
ATOM   426  C CB    . TYR C 3 4  ? -1.637  6.559   8.495   1.00 62.84 ? 104 TYR A CB    1 
ATOM   427  C CG    . TYR C 3 4  ? -1.232  5.611   7.325   1.00 70.74 ? 104 TYR A CG    1 
ATOM   428  C CD1   . TYR C 3 4  ? 0.105   5.314   7.048   1.00 73.16 ? 104 TYR A CD1   1 
ATOM   429  C CD2   . TYR C 3 4  ? -2.197  4.964   6.560   1.00 72.46 ? 104 TYR A CD2   1 
ATOM   430  C CE1   . TYR C 3 4  ? 0.449   4.384   6.060   1.00 75.34 ? 104 TYR A CE1   1 
ATOM   431  C CE2   . TYR C 3 4  ? -1.853  4.049   5.562   1.00 73.94 ? 104 TYR A CE2   1 
ATOM   432  C CZ    . TYR C 3 4  ? -0.535  3.762   5.325   1.00 75.11 ? 104 TYR A CZ    1 
ATOM   433  O OH    . TYR C 3 4  ? -0.212  2.848   4.355   1.00 78.06 ? 104 TYR A OH    1 
ATOM   434  N N     . ARG C 3 5  ? -0.233  8.289   7.332   1.00 43.07 ? 105 ARG A N     1 
ATOM   435  C CA    . ARG C 3 5  ? 0.963   8.559   6.539   1.00 37.16 ? 105 ARG A CA    1 
ATOM   436  C C     . ARG C 3 5  ? 2.162   9.231   7.208   1.00 32.05 ? 105 ARG A C     1 
ATOM   437  O O     . ARG C 3 5  ? 2.361   10.455  7.138   1.00 31.68 ? 105 ARG A O     1 
ATOM   438  C CB    . ARG C 3 5  ? 0.681   9.093   5.135   1.00 41.48 ? 105 ARG A CB    1 
ATOM   439  C CG    . ARG C 3 5  ? 1.595   8.447   4.065   1.00 46.93 ? 105 ARG A CG    1 
ATOM   440  C CD    . ARG C 3 5  ? 1.515   6.900   4.048   1.00 47.74 ? 105 ARG A CD    1 
ATOM   441  N NE    . ARG C 3 5  ? 2.733   6.336   3.451   1.00 54.39 ? 105 ARG A NE    1 
ATOM   442  C CZ    . ARG C 3 5  ? 2.790   5.230   2.723   1.00 54.28 ? 105 ARG A CZ    1 
ATOM   443  N NH1   . ARG C 3 5  ? 1.690   4.569   2.476   1.00 54.60 ? 105 ARG A NH1   1 
ATOM   444  N NH2   . ARG C 3 5  ? 3.955   4.774   2.270   1.00 57.51 ? 105 ARG A NH2   1 
ATOM   445  N N     . THR C 3 6  ? 2.938   8.387   7.889   1.00 27.00 ? 106 THR A N     1 
ATOM   446  C CA    . THR C 3 6  ? 4.153   8.821   8.544   1.00 25.23 ? 106 THR A CA    1 
ATOM   447  C C     . THR C 3 6  ? 5.183   8.612   7.432   1.00 24.71 ? 106 THR A C     1 
ATOM   448  O O     . THR C 3 6  ? 5.145   7.606   6.717   1.00 21.91 ? 106 THR A O     1 
ATOM   449  C CB    . THR C 3 6  ? 4.541   7.914   9.785   1.00 25.80 ? 106 THR A CB    1 
ATOM   450  O OG1   . THR C 3 6  ? 3.581   8.084   10.828  1.00 28.53 ? 106 THR A OG1   1 
ATOM   451  C CG2   . THR C 3 6  ? 5.914   8.287   10.333  1.00 22.44 ? 106 THR A CG2   1 
ATOM   452  N N     . ALA C 3 7  ? 5.891   9.688   7.126   1.00 24.01 ? 107 ALA A N     1 
ATOM   453  C CA    . ALA C 3 7  ? 6.965   9.670   6.158   1.00 22.09 ? 107 ALA A CA    1 
ATOM   454  C C     . ALA C 3 7  ? 8.130   9.823   7.075   1.00 20.92 ? 107 ALA A C     1 
ATOM   455  O O     . ALA C 3 7  ? 8.212   10.791  7.838   1.00 24.33 ? 107 ALA A O     1 
ATOM   456  C CB    . ALA C 3 7  ? 6.870   10.866  5.212   1.00 20.01 ? 107 ALA A CB    1 
ATOM   457  N N     . PHE C 3 8  ? 8.955   8.801   7.118   1.00 19.92 ? 108 PHE A N     1 
ATOM   458  C CA    . PHE C 3 8  ? 10.114  8.836   7.980   1.00 20.27 ? 108 PHE A CA    1 
ATOM   459  C C     . PHE C 3 8  ? 11.190  9.593   7.206   1.00 19.50 ? 108 PHE A C     1 
ATOM   460  O O     . PHE C 3 8  ? 11.166  9.647   5.975   1.00 21.72 ? 108 PHE A O     1 
ATOM   461  C CB    . PHE C 3 8  ? 10.625  7.406   8.278   1.00 18.44 ? 108 PHE A CB    1 
ATOM   462  C CG    . PHE C 3 8  ? 9.571   6.466   8.828   1.00 20.28 ? 108 PHE A CG    1 
ATOM   463  C CD1   . PHE C 3 8  ? 8.900   5.601   7.995   1.00 19.03 ? 108 PHE A CD1   1 
ATOM   464  C CD2   . PHE C 3 8  ? 9.266   6.445   10.179  1.00 22.95 ? 108 PHE A CD2   1 
ATOM   465  C CE1   . PHE C 3 8  ? 7.942   4.727   8.480   1.00 21.78 ? 108 PHE A CE1   1 
ATOM   466  C CE2   . PHE C 3 8  ? 8.295   5.561   10.680  1.00 21.26 ? 108 PHE A CE2   1 
ATOM   467  C CZ    . PHE C 3 8  ? 7.631   4.699   9.817   1.00 21.85 ? 108 PHE A CZ    1 
ATOM   468  N N     . THR C 3 9  ? 12.102  10.239  7.911   1.00 20.61 ? 109 THR A N     1 
ATOM   469  C CA    . THR C 3 9  ? 13.197  10.898  7.213   1.00 18.50 ? 109 THR A CA    1 
ATOM   470  C C     . THR C 3 9  ? 14.322  9.887   7.214   1.00 16.90 ? 109 THR A C     1 
ATOM   471  O O     . THR C 3 9  ? 14.291  8.922   7.981   1.00 17.17 ? 109 THR A O     1 
ATOM   472  C CB    . THR C 3 9  ? 13.686  12.140  7.910   1.00 17.15 ? 109 THR A CB    1 
ATOM   473  O OG1   . THR C 3 9  ? 14.061  11.812  9.240   1.00 19.09 ? 109 THR A OG1   1 
ATOM   474  C CG2   . THR C 3 9  ? 12.631  13.206  7.895   1.00 19.44 ? 109 THR A CG2   1 
ATOM   475  N N     . ARG C 3 10 ? 15.320  10.112  6.371   1.00 14.91 ? 110 ARG A N     1 
ATOM   476  C CA    . ARG C 3 10 ? 16.421  9.204   6.289   1.00 13.30 ? 110 ARG A CA    1 
ATOM   477  C C     . ARG C 3 10 ? 17.119  8.970   7.600   1.00 12.49 ? 110 ARG A C     1 
ATOM   478  O O     . ARG C 3 10 ? 17.666  7.888   7.789   1.00 11.70 ? 110 ARG A O     1 
ATOM   479  C CB    . ARG C 3 10 ? 17.409  9.603   5.204   1.00 17.32 ? 110 ARG A CB    1 
ATOM   480  C CG    . ARG C 3 10 ? 18.146  10.906  5.427   1.00 16.73 ? 110 ARG A CG    1 
ATOM   481  C CD    . ARG C 3 10 ? 18.790  11.383  4.111   1.00 15.40 ? 110 ARG A CD    1 
ATOM   482  N NE    . ARG C 3 10 ? 19.393  12.709  4.303   1.00 18.95 ? 110 ARG A NE    1 
ATOM   483  C CZ    . ARG C 3 10 ? 18.697  13.842  4.367   1.00 17.40 ? 110 ARG A CZ    1 
ATOM   484  N NH1   . ARG C 3 10 ? 17.388  13.830  4.260   1.00 16.74 ? 110 ARG A NH1   1 
ATOM   485  N NH2   . ARG C 3 10 ? 19.316  14.990  4.562   1.00 18.05 ? 110 ARG A NH2   1 
ATOM   486  N N     . ASP C 3 11 ? 17.115  9.959   8.500   1.00 12.99 ? 111 ASP A N     1 
ATOM   487  C CA    . ASP C 3 11 ? 17.756  9.762   9.814   1.00 17.95 ? 111 ASP A CA    1 
ATOM   488  C C     . ASP C 3 11 ? 16.929  8.753   10.676  1.00 14.40 ? 111 ASP A C     1 
ATOM   489  O O     . ASP C 3 11 ? 17.488  7.856   11.292  1.00 12.12 ? 111 ASP A O     1 
ATOM   490  C CB    . ASP C 3 11 ? 18.019  11.114  10.545  1.00 24.24 ? 111 ASP A CB    1 
ATOM   491  C CG    . ASP C 3 11 ? 16.846  12.089  10.438  1.00 33.40 ? 111 ASP A CG    1 
ATOM   492  O OD1   . ASP C 3 11 ? 16.809  12.903  9.469   1.00 40.09 ? 111 ASP A OD1   1 
ATOM   493  O OD2   . ASP C 3 11 ? 15.969  12.082  11.336  1.00 34.91 ? 111 ASP A OD2   1 
ATOM   494  N N     . GLN C 3 12 ? 15.600  8.858   10.627  1.00 14.52 ? 112 GLN A N     1 
ATOM   495  C CA    . GLN C 3 12 ? 14.734  7.930   11.371  1.00 15.70 ? 112 GLN A CA    1 
ATOM   496  C C     . GLN C 3 12 ? 14.774  6.515   10.797  1.00 15.51 ? 112 GLN A C     1 
ATOM   497  O O     . GLN C 3 12 ? 15.108  5.591   11.514  1.00 16.34 ? 112 GLN A O     1 
ATOM   498  C CB    . GLN C 3 12 ? 13.294  8.430   11.439  1.00 15.34 ? 112 GLN A CB    1 
ATOM   499  C CG    . GLN C 3 12 ? 13.104  9.663   12.369  1.00 15.33 ? 112 GLN A CG    1 
ATOM   500  C CD    . GLN C 3 12 ? 11.877  10.463  11.971  1.00 15.83 ? 112 GLN A CD    1 
ATOM   501  O OE1   . GLN C 3 12 ? 11.548  10.525  10.796  1.00 16.78 ? 112 GLN A OE1   1 
ATOM   502  N NE2   . GLN C 3 12 ? 11.202  11.080  12.935  1.00 15.78 ? 112 GLN A NE2   1 
ATOM   503  N N     . LEU C 3 13 ? 14.515  6.364   9.493   1.00 15.21 ? 113 LEU A N     1 
ATOM   504  C CA    . LEU C 3 13 ? 14.519  5.052   8.825   1.00 12.11 ? 113 LEU A CA    1 
ATOM   505  C C     . LEU C 3 13 ? 15.894  4.413   8.867   1.00 11.98 ? 113 LEU A C     1 
ATOM   506  O O     . LEU C 3 13 ? 16.027  3.191   8.929   1.00 14.49 ? 113 LEU A O     1 
ATOM   507  C CB    . LEU C 3 13 ? 14.048  5.212   7.383   1.00 12.49 ? 113 LEU A CB    1 
ATOM   508  C CG    . LEU C 3 13 ? 13.876  4.020   6.439   1.00 19.14 ? 113 LEU A CG    1 
ATOM   509  C CD1   . LEU C 3 13 ? 13.233  2.833   7.147   1.00 21.17 ? 113 LEU A CD1   1 
ATOM   510  C CD2   . LEU C 3 13 ? 13.026  4.448   5.262   1.00 14.42 ? 113 LEU A CD2   1 
ATOM   511  N N     . GLY C 3 14 ? 16.920  5.253   8.820   1.00 11.18 ? 114 GLY A N     1 
ATOM   512  C CA    . GLY C 3 14 ? 18.296  4.832   8.863   1.00 9.74  ? 114 GLY A CA    1 
ATOM   513  C C     . GLY C 3 14 ? 18.623  4.260   10.202  1.00 11.29 ? 114 GLY A C     1 
ATOM   514  O O     . GLY C 3 14 ? 19.297  3.235   10.250  1.00 14.17 ? 114 GLY A O     1 
ATOM   515  N N     . ARG C 3 15 ? 18.107  4.891   11.263  1.00 13.47 ? 115 ARG A N     1 
ATOM   516  C CA    . ARG C 3 15 ? 18.301  4.472   12.658  1.00 17.93 ? 115 ARG A CA    1 
ATOM   517  C C     . ARG C 3 15 ? 17.488  3.212   12.887  1.00 17.80 ? 115 ARG A C     1 
ATOM   518  O O     . ARG C 3 15 ? 17.938  2.247   13.574  1.00 21.53 ? 115 ARG A O     1 
ATOM   519  C CB    A ARG C 3 15 ? 17.774  5.572   13.595  0.70 21.52 ? 115 ARG A CB    1 
ATOM   520  C CB    B ARG C 3 15 ? 17.818  5.565   13.627  0.27 19.68 ? 115 ARG A CB    1 
ATOM   521  C CG    A ARG C 3 15 ? 18.542  5.779   14.879  0.70 25.77 ? 115 ARG A CG    1 
ATOM   522  C CG    B ARG C 3 15 ? 18.300  5.454   15.080  0.27 22.64 ? 115 ARG A CG    1 
ATOM   523  C CD    A ARG C 3 15 ? 18.393  4.633   15.841  0.70 28.53 ? 115 ARG A CD    1 
ATOM   524  C CD    B ARG C 3 15 ? 17.942  6.755   15.793  0.27 25.46 ? 115 ARG A CD    1 
ATOM   525  N NE    A ARG C 3 15 ? 19.427  3.621   15.653  0.70 28.55 ? 115 ARG A NE    1 
ATOM   526  N NE    B ARG C 3 15 ? 18.510  6.927   17.128  0.27 26.57 ? 115 ARG A NE    1 
ATOM   527  C CZ    A ARG C 3 15 ? 19.532  2.528   16.395  0.70 28.37 ? 115 ARG A CZ    1 
ATOM   528  C CZ    B ARG C 3 15 ? 18.200  7.923   17.954  0.27 28.12 ? 115 ARG A CZ    1 
ATOM   529  N NH1   A ARG C 3 15 ? 18.669  2.308   17.375  0.70 28.76 ? 115 ARG A NH1   1 
ATOM   530  N NH1   B ARG C 3 15 ? 17.320  8.847   17.606  0.27 28.59 ? 115 ARG A NH1   1 
ATOM   531  N NH2   A ARG C 3 15 ? 20.484  1.646   16.146  0.70 27.05 ? 115 ARG A NH2   1 
ATOM   532  N NH2   B ARG C 3 15 ? 18.763  7.988   19.152  0.27 27.56 ? 115 ARG A NH2   1 
ATOM   533  N N     . LEU C 3 16 ? 16.289  3.195   12.312  1.00 13.57 ? 116 LEU A N     1 
ATOM   534  C CA    . LEU C 3 16 ? 15.450  2.038   12.491  1.00 10.25 ? 116 LEU A CA    1 
ATOM   535  C C     . LEU C 3 16 ? 16.070  0.800   11.895  1.00 13.69 ? 116 LEU A C     1 
ATOM   536  O O     . LEU C 3 16 ? 16.109  -0.251  12.589  1.00 15.58 ? 116 LEU A O     1 
ATOM   537  C CB    . LEU C 3 16 ? 14.026  2.273   11.993  1.00 10.18 ? 116 LEU A CB    1 
ATOM   538  C CG    . LEU C 3 16 ? 13.177  3.097   12.960  1.00 8.36  ? 116 LEU A CG    1 
ATOM   539  C CD1   . LEU C 3 16 ? 11.721  3.033   12.478  1.00 8.86  ? 116 LEU A CD1   1 
ATOM   540  C CD2   . LEU C 3 16 ? 13.293  2.628   14.403  1.00 6.84  ? 116 LEU A CD2   1 
ATOM   541  N N     . GLU C 3 17 ? 16.622  0.931   10.675  1.00 10.87 ? 117 GLU A N     1 
ATOM   542  C CA    . GLU C 3 17 ? 17.288  -0.168  9.983   1.00 11.67 ? 117 GLU A CA    1 
ATOM   543  C C     . GLU C 3 17 ? 18.574  -0.612  10.711  1.00 11.55 ? 117 GLU A C     1 
ATOM   544  O O     . GLU C 3 17 ? 18.982  -1.757  10.584  1.00 13.03 ? 117 GLU A O     1 
ATOM   545  C CB    . GLU C 3 17 ? 17.633  0.207   8.522   1.00 15.40 ? 117 GLU A CB    1 
ATOM   546  C CG    . GLU C 3 17 ? 16.445  0.258   7.551   1.00 17.17 ? 117 GLU A CG    1 
ATOM   547  C CD    . GLU C 3 17 ? 15.826  -1.096  7.295   1.00 17.78 ? 117 GLU A CD    1 
ATOM   548  O OE1   . GLU C 3 17 ? 14.632  -1.164  6.954   1.00 21.46 ? 117 GLU A OE1   1 
ATOM   549  O OE2   . GLU C 3 17 ? 16.520  -2.105  7.423   1.00 19.34 ? 117 GLU A OE2   1 
ATOM   550  N N     . LYS C 3 18 ? 19.288  0.301   11.343  1.00 10.54 ? 118 LYS A N     1 
ATOM   551  C CA    . LYS C 3 18 ? 20.474  -0.131  12.085  1.00 14.33 ? 118 LYS A CA    1 
ATOM   552  C C     . LYS C 3 18 ? 19.969  -1.011  13.288  1.00 16.03 ? 118 LYS A C     1 
ATOM   553  O O     . LYS C 3 18 ? 20.458  -2.111  13.539  1.00 14.48 ? 118 LYS A O     1 
ATOM   554  C CB    . LYS C 3 18 ? 21.308  1.076   12.577  1.00 16.61 ? 118 LYS A CB    1 
ATOM   555  C CG    . LYS C 3 18 ? 22.544  0.724   13.465  1.00 15.38 ? 118 LYS A CG    1 
ATOM   556  C CD    . LYS C 3 18 ? 23.626  1.794   13.374  1.00 21.18 ? 118 LYS A CD    1 
ATOM   557  C CE    . LYS C 3 18 ? 25.001  1.221   13.739  1.00 24.82 ? 118 LYS A CE    1 
ATOM   558  N NZ    . LYS C 3 18 ? 25.433  0.035   12.916  1.00 22.52 ? 118 LYS A NZ    1 
ATOM   559  N N     . GLU C 3 19 ? 18.945  -0.533  13.979  1.00 16.13 ? 119 GLU A N     1 
ATOM   560  C CA    . GLU C 3 19 ? 18.408  -1.280  15.094  1.00 16.19 ? 119 GLU A CA    1 
ATOM   561  C C     . GLU C 3 19 ? 17.859  -2.665  14.684  1.00 15.77 ? 119 GLU A C     1 
ATOM   562  O O     . GLU C 3 19 ? 18.185  -3.657  15.332  1.00 13.85 ? 119 GLU A O     1 
ATOM   563  C CB    . GLU C 3 19 ? 17.357  -0.436  15.827  1.00 19.17 ? 119 GLU A CB    1 
ATOM   564  C CG    . GLU C 3 19 ? 16.880  -1.032  17.163  1.00 26.69 ? 119 GLU A CG    1 
ATOM   565  C CD    . GLU C 3 19 ? 17.922  -1.014  18.275  1.00 31.42 ? 119 GLU A CD    1 
ATOM   566  O OE1   . GLU C 3 19 ? 17.622  -1.621  19.325  1.00 34.26 ? 119 GLU A OE1   1 
ATOM   567  O OE2   . GLU C 3 19 ? 19.014  -0.414  18.123  1.00 30.37 ? 119 GLU A OE2   1 
ATOM   568  N N     . PHE C 3 20 ? 17.165  -2.762  13.540  1.00 11.82 ? 120 PHE A N     1 
ATOM   569  C CA    . PHE C 3 20 ? 16.583  -4.019  13.111  1.00 10.33 ? 120 PHE A CA    1 
ATOM   570  C C     . PHE C 3 20 ? 17.566  -5.137  12.855  1.00 13.46 ? 120 PHE A C     1 
ATOM   571  O O     . PHE C 3 20 ? 17.299  -6.299  13.127  1.00 12.13 ? 120 PHE A O     1 
ATOM   572  C CB    . PHE C 3 20 ? 15.686  -3.838  11.879  1.00 8.66  ? 120 PHE A CB    1 
ATOM   573  C CG    . PHE C 3 20 ? 14.950  -5.088  11.483  1.00 9.44  ? 120 PHE A CG    1 
ATOM   574  C CD1   . PHE C 3 20 ? 15.475  -5.965  10.525  1.00 5.98  ? 120 PHE A CD1   1 
ATOM   575  C CD2   . PHE C 3 20 ? 13.743  -5.409  12.095  1.00 6.47  ? 120 PHE A CD2   1 
ATOM   576  C CE1   . PHE C 3 20 ? 14.806  -7.121  10.210  1.00 4.77  ? 120 PHE A CE1   1 
ATOM   577  C CE2   . PHE C 3 20 ? 13.072  -6.553  11.784  1.00 5.35  ? 120 PHE A CE2   1 
ATOM   578  C CZ    . PHE C 3 20 ? 13.594  -7.430  10.831  1.00 4.19  ? 120 PHE A CZ    1 
ATOM   579  N N     . TYR C 3 21 ? 18.731  -4.792  12.345  1.00 16.03 ? 121 TYR A N     1 
ATOM   580  C CA    . TYR C 3 21 ? 19.689  -5.827  12.032  1.00 18.73 ? 121 TYR A CA    1 
ATOM   581  C C     . TYR C 3 21 ? 20.502  -6.362  13.213  1.00 17.01 ? 121 TYR A C     1 
ATOM   582  O O     . TYR C 3 21 ? 21.206  -7.334  13.077  1.00 15.98 ? 121 TYR A O     1 
ATOM   583  C CB    A TYR C 3 21 ? 20.562  -5.441  10.850  0.57 22.08 ? 121 TYR A CB    1 
ATOM   584  C CB    B TYR C 3 21 ? 20.647  -5.266  10.993  0.52 20.05 ? 121 TYR A CB    1 
ATOM   585  C CG    A TYR C 3 21 ? 21.834  -4.842  11.250  0.57 24.68 ? 121 TYR A CG    1 
ATOM   586  C CG    B TYR C 3 21 ? 21.626  -6.270  10.435  0.52 21.52 ? 121 TYR A CG    1 
ATOM   587  C CD1   A TYR C 3 21 ? 23.014  -5.481  11.017  0.57 25.97 ? 121 TYR A CD1   1 
ATOM   588  C CD1   B TYR C 3 21 ? 21.241  -7.126  9.423   0.52 23.26 ? 121 TYR A CD1   1 
ATOM   589  C CD2   A TYR C 3 21 ? 21.837  -3.638  11.886  0.57 27.00 ? 121 TYR A CD2   1 
ATOM   590  C CD2   B TYR C 3 21 ? 22.926  -6.345  10.900  0.52 23.32 ? 121 TYR A CD2   1 
ATOM   591  C CE1   A TYR C 3 21 ? 24.177  -4.916  11.417  0.57 30.01 ? 121 TYR A CE1   1 
ATOM   592  C CE1   B TYR C 3 21 ? 22.118  -8.029  8.887   0.52 24.22 ? 121 TYR A CE1   1 
ATOM   593  C CE2   A TYR C 3 21 ? 22.967  -3.057  12.283  0.57 26.80 ? 121 TYR A CE2   1 
ATOM   594  C CE2   B TYR C 3 21 ? 23.820  -7.256  10.352  0.52 25.32 ? 121 TYR A CE2   1 
ATOM   595  C CZ    A TYR C 3 21 ? 24.158  -3.680  12.062  0.57 29.88 ? 121 TYR A CZ    1 
ATOM   596  C CZ    B TYR C 3 21 ? 23.402  -8.086  9.343   0.52 24.52 ? 121 TYR A CZ    1 
ATOM   597  O OH    A TYR C 3 21 ? 25.311  -3.057  12.467  0.57 29.21 ? 121 TYR A OH    1 
ATOM   598  O OH    B TYR C 3 21 ? 24.280  -8.947  8.743   0.52 25.74 ? 121 TYR A OH    1 
ATOM   599  N N     . LYS C 3 22 ? 20.546  -5.610  14.303  1.00 17.06 ? 122 LYS A N     1 
ATOM   600  C CA    . LYS C 3 22 ? 21.212  -6.106  15.490  1.00 14.51 ? 122 LYS A CA    1 
ATOM   601  C C     . LYS C 3 22 ? 20.162  -7.030  16.138  1.00 15.28 ? 122 LYS A C     1 
ATOM   602  O O     . LYS C 3 22 ? 20.505  -8.103  16.610  1.00 17.22 ? 122 LYS A O     1 
ATOM   603  C CB    . LYS C 3 22 ? 21.587  -4.976  16.428  1.00 19.36 ? 122 LYS A CB    1 
ATOM   604  C CG    . LYS C 3 22 ? 22.545  -3.926  15.849  1.00 27.46 ? 122 LYS A CG    1 
ATOM   605  C CD    . LYS C 3 22 ? 23.924  -4.505  15.494  1.00 30.64 ? 122 LYS A CD    1 
ATOM   606  C CE    . LYS C 3 22 ? 25.031  -3.478  15.737  1.00 31.17 ? 122 LYS A CE    1 
ATOM   607  N NZ    . LYS C 3 22 ? 26.438  -3.960  15.489  1.00 32.45 ? 122 LYS A NZ    1 
ATOM   608  N N     . GLU C 3 23 ? 18.873  -6.645  16.089  1.00 15.24 ? 123 GLU A N     1 
ATOM   609  C CA    . GLU C 3 23 ? 17.747  -7.447  16.625  1.00 13.94 ? 123 GLU A CA    1 
ATOM   610  C C     . GLU C 3 23 ? 16.385  -7.203  15.926  1.00 13.47 ? 123 GLU A C     1 
ATOM   611  O O     . GLU C 3 23 ? 15.832  -6.106  15.941  1.00 13.89 ? 123 GLU A O     1 
ATOM   612  C CB    . GLU C 3 23 ? 17.590  -7.240  18.133  1.00 12.12 ? 123 GLU A CB    1 
ATOM   613  C CG    . GLU C 3 23 ? 17.417  -5.767  18.513  1.00 17.21 ? 123 GLU A CG    1 
ATOM   614  C CD    . GLU C 3 23 ? 17.333  -5.575  19.992  1.00 22.97 ? 123 GLU A CD    1 
ATOM   615  O OE1   . GLU C 3 23 ? 16.224  -5.723  20.531  1.00 30.93 ? 123 GLU A OE1   1 
ATOM   616  O OE2   . GLU C 3 23 ? 18.369  -5.289  20.622  1.00 26.30 ? 123 GLU A OE2   1 
ATOM   617  N N     . ASN C 3 24 ? 15.782  -8.257  15.423  1.00 11.89 ? 124 ASN A N     1 
ATOM   618  C CA    . ASN C 3 24 ? 14.503  -8.134  14.734  1.00 11.66 ? 124 ASN A CA    1 
ATOM   619  C C     . ASN C 3 24 ? 13.291  -7.897  15.635  1.00 12.11 ? 124 ASN A C     1 
ATOM   620  O O     . ASN C 3 24 ? 12.140  -7.878  15.195  1.00 9.47  ? 124 ASN A O     1 
ATOM   621  C CB    . ASN C 3 24 ? 14.298  -9.344  13.812  1.00 14.02 ? 124 ASN A CB    1 
ATOM   622  C CG    . ASN C 3 24 ? 13.873  -10.621 14.536  1.00 16.66 ? 124 ASN A CG    1 
ATOM   623  O OD1   . ASN C 3 24 ? 14.160  -10.826 15.707  1.00 19.40 ? 124 ASN A OD1   1 
ATOM   624  N ND2   . ASN C 3 24 ? 13.248  -11.517 13.800  1.00 17.78 ? 124 ASN A ND2   1 
ATOM   625  N N     . TYR C 3 25 ? 13.568  -7.618  16.895  1.00 16.36 ? 125 TYR A N     1 
ATOM   626  C CA    . TYR C 3 25 ? 12.503  -7.419  17.835  1.00 20.55 ? 125 TYR A CA    1 
ATOM   627  C C     . TYR C 3 25 ? 13.011  -6.479  18.937  1.00 21.02 ? 125 TYR A C     1 
ATOM   628  O O     . TYR C 3 25 ? 14.180  -6.551  19.357  1.00 20.88 ? 125 TYR A O     1 
ATOM   629  C CB    . TYR C 3 25 ? 12.091  -8.789  18.368  1.00 24.04 ? 125 TYR A CB    1 
ATOM   630  C CG    . TYR C 3 25 ? 10.711  -8.853  18.907  1.00 30.34 ? 125 TYR A CG    1 
ATOM   631  C CD1   . TYR C 3 25 ? 10.361  -8.086  20.009  1.00 32.89 ? 125 TYR A CD1   1 
ATOM   632  C CD2   . TYR C 3 25 ? 9.744   -9.749  18.377  1.00 36.30 ? 125 TYR A CD2   1 
ATOM   633  C CE1   . TYR C 3 25 ? 9.153   -8.198  20.579  1.00 40.08 ? 125 TYR A CE1   1 
ATOM   634  C CE2   . TYR C 3 25 ? 8.448   -9.850  18.943  1.00 42.74 ? 125 TYR A CE2   1 
ATOM   635  C CZ    . TYR C 3 25 ? 8.194   -9.089  20.056  1.00 43.76 ? 125 TYR A CZ    1 
ATOM   636  O OH    . TYR C 3 25 ? 6.989   -9.239  20.743  1.00 47.50 ? 125 TYR A OH    1 
ATOM   637  N N     . VAL C 3 26 ? 12.141  -5.564  19.366  1.00 21.42 ? 126 VAL A N     1 
ATOM   638  C CA    . VAL C 3 26 ? 12.459  -4.538  20.376  1.00 19.41 ? 126 VAL A CA    1 
ATOM   639  C C     . VAL C 3 26 ? 11.242  -4.455  21.339  1.00 16.33 ? 126 VAL A C     1 
ATOM   640  O O     . VAL C 3 26 ? 10.100  -4.593  20.908  1.00 13.66 ? 126 VAL A O     1 
ATOM   641  C CB    . VAL C 3 26 ? 12.861  -3.220  19.580  1.00 19.49 ? 126 VAL A CB    1 
ATOM   642  C CG1   . VAL C 3 26 ? 12.708  -1.921  20.369  1.00 23.07 ? 126 VAL A CG1   1 
ATOM   643  C CG2   . VAL C 3 26 ? 14.327  -3.347  19.169  1.00 18.95 ? 126 VAL A CG2   1 
ATOM   644  N N     . SER C 3 27 ? 11.504  -4.429  22.651  1.00 17.10 ? 127 SER A N     1 
ATOM   645  C CA    . SER C 3 27 ? 10.448  -4.383  23.661  1.00 18.36 ? 127 SER A CA    1 
ATOM   646  C C     . SER C 3 27 ? 9.882   -2.996  23.929  1.00 20.04 ? 127 SER A C     1 
ATOM   647  O O     . SER C 3 27 ? 10.492  -2.011  23.517  1.00 19.01 ? 127 SER A O     1 
ATOM   648  C CB    . SER C 3 27 ? 10.917  -5.045  24.952  1.00 18.14 ? 127 SER A CB    1 
ATOM   649  O OG    . SER C 3 27 ? 10.911  -6.449  24.755  1.00 21.80 ? 127 SER A OG    1 
ATOM   650  N N     . ARG C 3 28 ? 8.774   -2.895  24.669  1.00 22.33 ? 128 ARG A N     1 
ATOM   651  C CA    . ARG C 3 28 ? 8.186   -1.571  24.877  1.00 22.62 ? 128 ARG A CA    1 
ATOM   652  C C     . ARG C 3 28 ? 9.118   -0.517  25.421  1.00 21.54 ? 128 ARG A C     1 
ATOM   653  O O     . ARG C 3 28 ? 9.061   0.603   24.964  1.00 22.60 ? 128 ARG A O     1 
ATOM   654  C CB    A ARG C 3 28 ? 6.885   -1.569  25.666  0.80 22.06 ? 128 ARG A CB    1 
ATOM   655  C CB    B ARG C 3 28 ? 6.931   -1.628  25.730  0.31 23.02 ? 128 ARG A CB    1 
ATOM   656  C CG    A ARG C 3 28 ? 6.156   -0.210  25.513  0.80 22.12 ? 128 ARG A CG    1 
ATOM   657  C CG    B ARG C 3 28 ? 6.146   -0.337  25.610  0.31 24.15 ? 128 ARG A CG    1 
ATOM   658  C CD    A ARG C 3 28 ? 5.104   0.036   26.578  0.80 23.09 ? 128 ARG A CD    1 
ATOM   659  C CD    B ARG C 3 28 ? 4.872   -0.310  26.398  0.31 24.99 ? 128 ARG A CD    1 
ATOM   660  N NE    A ARG C 3 28 ? 5.563   -0.474  27.858  0.80 25.40 ? 128 ARG A NE    1 
ATOM   661  N NE    B ARG C 3 28 ? 4.167   0.930   26.089  0.31 26.03 ? 128 ARG A NE    1 
ATOM   662  C CZ    A ARG C 3 28 ? 6.505   0.086   28.605  0.80 28.42 ? 128 ARG A CZ    1 
ATOM   663  C CZ    B ARG C 3 28 ? 4.262   2.039   26.792  0.31 25.50 ? 128 ARG A CZ    1 
ATOM   664  N NH1   A ARG C 3 28 ? 7.085   1.218   28.244  0.80 24.08 ? 128 ARG A NH1   1 
ATOM   665  N NH1   B ARG C 3 28 ? 5.004   2.057   27.866  0.31 24.14 ? 128 ARG A NH1   1 
ATOM   666  N NH2   A ARG C 3 28 ? 7.005   -0.605  29.614  0.80 27.36 ? 128 ARG A NH2   1 
ATOM   667  N NH2   B ARG C 3 28 ? 3.640   3.142   26.392  0.31 27.05 ? 128 ARG A NH2   1 
ATOM   668  N N     . PRO C 3 29 ? 9.881   -0.816  26.492  1.00 21.74 ? 129 PRO A N     1 
ATOM   669  C CA    . PRO C 3 29 ? 10.778  0.225   26.994  1.00 21.79 ? 129 PRO A CA    1 
ATOM   670  C C     . PRO C 3 29 ? 11.755  0.733   25.895  1.00 19.99 ? 129 PRO A C     1 
ATOM   671  O O     . PRO C 3 29 ? 11.919  1.926   25.692  1.00 23.25 ? 129 PRO A O     1 
ATOM   672  C CB    . PRO C 3 29 ? 11.526  -0.501  28.112  1.00 22.92 ? 129 PRO A CB    1 
ATOM   673  C CG    . PRO C 3 29 ? 10.465  -1.408  28.693  1.00 21.97 ? 129 PRO A CG    1 
ATOM   674  C CD    . PRO C 3 29 ? 9.846   -1.969  27.421  1.00 23.37 ? 129 PRO A CD    1 
ATOM   675  N N     . ARG C 3 30 ? 12.377  -0.189  25.196  1.00 17.18 ? 130 ARG A N     1 
ATOM   676  C CA    . ARG C 3 30 ? 13.309  0.089   24.124  1.00 17.45 ? 130 ARG A CA    1 
ATOM   677  C C     . ARG C 3 30 ? 12.651  0.953   23.003  1.00 16.01 ? 130 ARG A C     1 
ATOM   678  O O     . ARG C 3 30 ? 13.255  1.906   22.507  1.00 13.73 ? 130 ARG A O     1 
ATOM   679  C CB    . ARG C 3 30 ? 13.822  -1.257  23.595  1.00 18.71 ? 130 ARG A CB    1 
ATOM   680  C CG    . ARG C 3 30 ? 14.972  -1.151  22.613  1.00 23.15 ? 130 ARG A CG    1 
ATOM   681  C CD    . ARG C 3 30 ? 16.040  -0.212  23.141  1.00 22.42 ? 130 ARG A CD    1 
ATOM   682  N NE    . ARG C 3 30 ? 16.872  0.270   22.038  1.00 25.24 ? 130 ARG A NE    1 
ATOM   683  C CZ    . ARG C 3 30 ? 17.658  1.339   22.106  1.00 27.14 ? 130 ARG A CZ    1 
ATOM   684  N NH1   . ARG C 3 30 ? 17.739  2.049   23.224  1.00 28.61 ? 130 ARG A NH1   1 
ATOM   685  N NH2   . ARG C 3 30 ? 18.349  1.710   21.047  1.00 27.45 ? 130 ARG A NH2   1 
ATOM   686  N N     . ARG C 3 31 ? 11.438  0.612   22.598  1.00 14.44 ? 131 ARG A N     1 
ATOM   687  C CA    . ARG C 3 31 ? 10.735  1.390   21.595  1.00 16.63 ? 131 ARG A CA    1 
ATOM   688  C C     . ARG C 3 31 ? 10.421  2.771   22.125  1.00 18.40 ? 131 ARG A C     1 
ATOM   689  O O     . ARG C 3 31 ? 10.368  3.722   21.356  1.00 23.16 ? 131 ARG A O     1 
ATOM   690  C CB    . ARG C 3 31 ? 9.450   0.691   21.153  1.00 15.49 ? 131 ARG A CB    1 
ATOM   691  C CG    . ARG C 3 31 ? 9.643   -0.352  20.051  1.00 17.56 ? 131 ARG A CG    1 
ATOM   692  C CD    . ARG C 3 31 ? 8.493   -1.322  20.013  1.00 17.57 ? 131 ARG A CD    1 
ATOM   693  N NE    . ARG C 3 31 ? 7.258   -0.672  20.419  1.00 24.47 ? 131 ARG A NE    1 
ATOM   694  C CZ    . ARG C 3 31 ? 6.294   -1.232  21.156  1.00 26.07 ? 131 ARG A CZ    1 
ATOM   695  N NH1   . ARG C 3 31 ? 6.399   -2.493  21.575  1.00 17.89 ? 131 ARG A NH1   1 
ATOM   696  N NH2   . ARG C 3 31 ? 5.251   -0.483  21.518  1.00 25.86 ? 131 ARG A NH2   1 
ATOM   697  N N     . CYS C 3 32 ? 10.162  2.879   23.427  1.00 20.69 ? 132 CYS A N     1 
ATOM   698  C CA    . CYS C 3 32 ? 9.896   4.186   24.045  1.00 20.05 ? 132 CYS A CA    1 
ATOM   699  C C     . CYS C 3 32 ? 11.176  4.991   23.946  1.00 23.52 ? 132 CYS A C     1 
ATOM   700  O O     . CYS C 3 32 ? 11.148  6.182   23.596  1.00 24.09 ? 132 CYS A O     1 
ATOM   701  C CB    . CYS C 3 32 ? 9.457   4.043   25.510  1.00 18.74 ? 132 CYS A CB    1 
ATOM   702  S SG    . CYS C 3 32 ? 7.824   3.308   25.707  1.00 16.04 ? 132 CYS A SG    1 
ATOM   703  N N     . GLU C 3 33 ? 12.301  4.336   24.240  1.00 22.36 ? 133 GLU A N     1 
ATOM   704  C CA    . GLU C 3 33 ? 13.588  4.986   24.112  1.00 23.15 ? 133 GLU A CA    1 
ATOM   705  C C     . GLU C 3 33 ? 13.757  5.499   22.666  1.00 21.56 ? 133 GLU A C     1 
ATOM   706  O O     . GLU C 3 33 ? 13.940  6.692   22.458  1.00 20.22 ? 133 GLU A O     1 
ATOM   707  C CB    . GLU C 3 33 ? 14.718  4.032   24.485  1.00 24.32 ? 133 GLU A CB    1 
ATOM   708  C CG    . GLU C 3 33 ? 14.894  3.841   25.987  1.00 32.06 ? 133 GLU A CG    1 
ATOM   709  C CD    . GLU C 3 33 ? 16.124  3.032   26.331  1.00 37.17 ? 133 GLU A CD    1 
ATOM   710  O OE1   . GLU C 3 33 ? 16.010  2.088   27.146  1.00 38.30 ? 133 GLU A OE1   1 
ATOM   711  O OE2   . GLU C 3 33 ? 17.204  3.349   25.784  1.00 41.90 ? 133 GLU A OE2   1 
ATOM   712  N N     . LEU C 3 34 ? 13.609  4.611   21.679  1.00 19.55 ? 134 LEU A N     1 
ATOM   713  C CA    . LEU C 3 34 ? 13.735  4.984   20.257  1.00 19.91 ? 134 LEU A CA    1 
ATOM   714  C C     . LEU C 3 34 ? 12.781  6.120   19.886  1.00 18.67 ? 134 LEU A C     1 
ATOM   715  O O     . LEU C 3 34 ? 13.107  6.971   19.087  1.00 14.22 ? 134 LEU A O     1 
ATOM   716  C CB    . LEU C 3 34 ? 13.450  3.783   19.343  1.00 18.36 ? 134 LEU A CB    1 
ATOM   717  C CG    . LEU C 3 34 ? 14.493  3.004   18.540  1.00 17.06 ? 134 LEU A CG    1 
ATOM   718  C CD1   . LEU C 3 34 ? 15.893  3.549   18.710  1.00 18.03 ? 134 LEU A CD1   1 
ATOM   719  C CD2   . LEU C 3 34 ? 14.421  1.514   18.918  1.00 16.96 ? 134 LEU A CD2   1 
ATOM   720  N N     . ALA C 3 35 ? 11.613  6.139   20.510  1.00 20.13 ? 135 ALA A N     1 
ATOM   721  C CA    . ALA C 3 35 ? 10.607  7.150   20.252  1.00 18.38 ? 135 ALA A CA    1 
ATOM   722  C C     . ALA C 3 35 ? 10.976  8.536   20.741  1.00 20.26 ? 135 ALA A C     1 
ATOM   723  O O     . ALA C 3 35 ? 10.739  9.504   20.046  1.00 19.60 ? 135 ALA A O     1 
ATOM   724  C CB    . ALA C 3 35 ? 9.271   6.706   20.831  1.00 17.38 ? 135 ALA A CB    1 
ATOM   725  N N     . ALA C 3 36 ? 11.541  8.639   21.947  1.00 23.38 ? 136 ALA A N     1 
ATOM   726  C CA    . ALA C 3 36 ? 11.945  9.937   22.501  1.00 22.53 ? 136 ALA A CA    1 
ATOM   727  C C     . ALA C 3 36 ? 13.062  10.473  21.608  1.00 24.41 ? 136 ALA A C     1 
ATOM   728  O O     . ALA C 3 36 ? 12.976  11.583  21.058  1.00 26.04 ? 136 ALA A O     1 
ATOM   729  C CB    . ALA C 3 36 ? 12.425  9.771   23.948  1.00 17.24 ? 136 ALA A CB    1 
ATOM   730  N N     . GLN C 3 37 ? 14.071  9.626   21.433  1.00 26.10 ? 137 GLN A N     1 
ATOM   731  C CA    . GLN C 3 37 ? 15.230  9.872   20.595  1.00 26.36 ? 137 GLN A CA    1 
ATOM   732  C C     . GLN C 3 37 ? 14.782  10.252  19.159  1.00 27.14 ? 137 GLN A C     1 
ATOM   733  O O     . GLN C 3 37 ? 15.163  11.284  18.645  1.00 27.70 ? 137 GLN A O     1 
ATOM   734  C CB    A GLN C 3 37 ? 16.101  8.604   20.554  0.61 28.01 ? 137 GLN A CB    1 
ATOM   735  C CB    B GLN C 3 37 ? 16.093  8.614   20.507  0.42 26.92 ? 137 GLN A CB    1 
ATOM   736  C CG    A GLN C 3 37 ? 17.151  8.423   21.677  0.61 29.30 ? 137 GLN A CG    1 
ATOM   737  C CG    B GLN C 3 37 ? 16.746  8.122   21.788  0.42 26.78 ? 137 GLN A CG    1 
ATOM   738  C CD    A GLN C 3 37 ? 16.627  8.621   23.101  0.61 29.34 ? 137 GLN A CD    1 
ATOM   739  C CD    B GLN C 3 37 ? 17.613  6.883   21.528  0.42 26.93 ? 137 GLN A CD    1 
ATOM   740  O OE1   A GLN C 3 37 ? 16.220  7.682   23.774  0.61 30.25 ? 137 GLN A OE1   1 
ATOM   741  O OE1   B GLN C 3 37 ? 17.427  6.185   20.534  0.42 25.93 ? 137 GLN A OE1   1 
ATOM   742  N NE2   A GLN C 3 37 ? 16.678  9.846   23.568  0.61 30.34 ? 137 GLN A NE2   1 
ATOM   743  N NE2   B GLN C 3 37 ? 18.575  6.625   22.404  0.42 27.62 ? 137 GLN A NE2   1 
ATOM   744  N N     . LEU C 3 38 ? 13.948  9.422   18.540  1.00 27.56 ? 138 LEU A N     1 
ATOM   745  C CA    . LEU C 3 38 ? 13.442  9.636   17.167  1.00 27.27 ? 138 LEU A CA    1 
ATOM   746  C C     . LEU C 3 38 ? 12.319  10.637  16.954  1.00 28.92 ? 138 LEU A C     1 
ATOM   747  O O     . LEU C 3 38 ? 11.993  10.951  15.799  1.00 29.08 ? 138 LEU A O     1 
ATOM   748  C CB    . LEU C 3 38 ? 12.989  8.314   16.548  1.00 23.10 ? 138 LEU A CB    1 
ATOM   749  C CG    . LEU C 3 38 ? 13.818  7.742   15.405  1.00 21.28 ? 138 LEU A CG    1 
ATOM   750  C CD1   . LEU C 3 38 ? 15.232  8.214   15.484  1.00 19.78 ? 138 LEU A CD1   1 
ATOM   751  C CD2   . LEU C 3 38 ? 13.755  6.249   15.404  1.00 21.56 ? 138 LEU A CD2   1 
ATOM   752  N N     . ASN C 3 39 ? 11.703  11.101  18.040  1.00 31.32 ? 139 ASN A N     1 
ATOM   753  C CA    . ASN C 3 39 ? 10.600  12.053  17.972  1.00 33.83 ? 139 ASN A CA    1 
ATOM   754  C C     . ASN C 3 39 ? 9.441   11.505  17.129  1.00 33.35 ? 139 ASN A C     1 
ATOM   755  O O     . ASN C 3 39 ? 8.934   12.185  16.232  1.00 36.34 ? 139 ASN A O     1 
ATOM   756  C CB    . ASN C 3 39 ? 11.100  13.399  17.413  1.00 37.79 ? 139 ASN A CB    1 
ATOM   757  C CG    . ASN C 3 39 ? 11.239  14.476  18.477  1.00 41.45 ? 139 ASN A CG    1 
ATOM   758  O OD1   . ASN C 3 39 ? 10.993  15.652  18.196  1.00 45.11 ? 139 ASN A OD1   1 
ATOM   759  N ND2   . ASN C 3 39 ? 11.665  14.101  19.681  1.00 41.68 ? 139 ASN A ND2   1 
ATOM   760  N N     . LEU C 3 40 ? 9.034   10.275  17.450  1.00 29.68 ? 140 LEU A N     1 
ATOM   761  C CA    . LEU C 3 40 ? 7.944   9.524   16.800  1.00 26.67 ? 140 LEU A CA    1 
ATOM   762  C C     . LEU C 3 40 ? 7.156   8.805   17.888  1.00 25.15 ? 140 LEU A C     1 
ATOM   763  O O     . LEU C 3 40 ? 7.706   8.427   18.924  1.00 26.04 ? 140 LEU A O     1 
ATOM   764  C CB    . LEU C 3 40 ? 8.503   8.411   15.894  1.00 24.64 ? 140 LEU A CB    1 
ATOM   765  C CG    . LEU C 3 40 ? 9.287   8.585   14.585  1.00 25.43 ? 140 LEU A CG    1 
ATOM   766  C CD1   . LEU C 3 40 ? 9.928   7.262   14.205  1.00 20.62 ? 140 LEU A CD1   1 
ATOM   767  C CD2   . LEU C 3 40 ? 8.403   9.149   13.484  1.00 19.80 ? 140 LEU A CD2   1 
ATOM   768  N N     . PRO C 3 41 ? 5.863   8.538   17.642  1.00 24.98 ? 141 PRO A N     1 
ATOM   769  C CA    . PRO C 3 41 ? 5.102   7.814   18.673  1.00 25.86 ? 141 PRO A CA    1 
ATOM   770  C C     . PRO C 3 41 ? 5.542   6.368   18.792  1.00 26.27 ? 141 PRO A C     1 
ATOM   771  O O     . PRO C 3 41 ? 5.987   5.771   17.810  1.00 22.68 ? 141 PRO A O     1 
ATOM   772  C CB    . PRO C 3 41 ? 3.667   7.898   18.176  1.00 26.82 ? 141 PRO A CB    1 
ATOM   773  C CG    . PRO C 3 41 ? 3.785   8.199   16.701  1.00 29.07 ? 141 PRO A CG    1 
ATOM   774  C CD    . PRO C 3 41 ? 4.970   9.153   16.657  1.00 22.86 ? 141 PRO A CD    1 
ATOM   775  N N     . GLU C 3 42 ? 5.420   5.813   20.007  1.00 29.69 ? 142 GLU A N     1 
ATOM   776  C CA    . GLU C 3 42 ? 5.784   4.429   20.325  1.00 28.68 ? 142 GLU A CA    1 
ATOM   777  C C     . GLU C 3 42 ? 5.119   3.490   19.355  1.00 26.26 ? 142 GLU A C     1 
ATOM   778  O O     . GLU C 3 42 ? 5.736   2.571   18.842  1.00 27.34 ? 142 GLU A O     1 
ATOM   779  C CB    . GLU C 3 42 ? 5.321   4.070   21.747  1.00 35.82 ? 142 GLU A CB    1 
ATOM   780  C CG    . GLU C 3 42 ? 3.794   4.048   21.968  1.00 42.16 ? 142 GLU A CG    1 
ATOM   781  C CD    . GLU C 3 42 ? 3.420   3.671   23.398  1.00 46.64 ? 142 GLU A CD    1 
ATOM   782  O OE1   . GLU C 3 42 ? 4.107   2.784   23.945  1.00 47.83 ? 142 GLU A OE1   1 
ATOM   783  O OE2   . GLU C 3 42 ? 2.452   4.251   23.975  1.00 45.53 ? 142 GLU A OE2   1 
ATOM   784  N N     . SER C 3 43 ? 3.841   3.740   19.115  1.00 24.31 ? 143 SER A N     1 
ATOM   785  C CA    . SER C 3 43 ? 2.989   2.956   18.227  1.00 24.84 ? 143 SER A CA    1 
ATOM   786  C C     . SER C 3 43 ? 3.552   2.842   16.812  1.00 24.03 ? 143 SER A C     1 
ATOM   787  O O     . SER C 3 43 ? 3.466   1.787   16.164  1.00 22.47 ? 143 SER A O     1 
ATOM   788  C CB    . SER C 3 43 ? 1.628   3.641   18.161  1.00 28.38 ? 143 SER A CB    1 
ATOM   789  O OG    . SER C 3 43 ? 1.813   5.055   18.006  1.00 30.20 ? 143 SER A OG    1 
ATOM   790  N N     . THR C 3 44 ? 4.126   3.943   16.344  1.00 21.19 ? 144 THR A N     1 
ATOM   791  C CA    . THR C 3 44 ? 4.676   3.990   15.011  1.00 19.88 ? 144 THR A CA    1 
ATOM   792  C C     . THR C 3 44 ? 5.853   3.025   14.883  1.00 18.86 ? 144 THR A C     1 
ATOM   793  O O     . THR C 3 44 ? 5.930   2.279   13.905  1.00 19.10 ? 144 THR A O     1 
ATOM   794  C CB    . THR C 3 44 ? 5.022   5.445   14.631  1.00 18.15 ? 144 THR A CB    1 
ATOM   795  O OG1   . THR C 3 44 ? 3.789   6.176   14.512  1.00 17.72 ? 144 THR A OG1   1 
ATOM   796  C CG2   . THR C 3 44 ? 5.791   5.496   13.326  1.00 14.91 ? 144 THR A CG2   1 
ATOM   797  N N     . ILE C 3 45 ? 6.708   3.006   15.908  1.00 16.81 ? 145 ILE A N     1 
ATOM   798  C CA    . ILE C 3 45 ? 7.872   2.129   15.966  1.00 14.77 ? 145 ILE A CA    1 
ATOM   799  C C     . ILE C 3 45 ? 7.467   0.639   16.114  1.00 16.68 ? 145 ILE A C     1 
ATOM   800  O O     . ILE C 3 45 ? 8.016   -0.261  15.442  1.00 17.85 ? 145 ILE A O     1 
ATOM   801  C CB    . ILE C 3 45 ? 8.816   2.641   17.065  1.00 15.46 ? 145 ILE A CB    1 
ATOM   802  C CG1   . ILE C 3 45 ? 9.253   4.062   16.677  1.00 16.59 ? 145 ILE A CG1   1 
ATOM   803  C CG2   . ILE C 3 45 ? 10.017  1.720   17.268  1.00 11.44 ? 145 ILE A CG2   1 
ATOM   804  C CD1   . ILE C 3 45 ? 10.391  4.615   17.450  1.00 20.28 ? 145 ILE A CD1   1 
ATOM   805  N N     . LYS C 3 46 ? 6.461   0.388   16.932  1.00 11.62 ? 146 LYS A N     1 
ATOM   806  C CA    . LYS C 3 46 ? 5.968   -0.975  17.111  1.00 12.41 ? 146 LYS A CA    1 
ATOM   807  C C     . LYS C 3 46 ? 5.595   -1.539  15.732  1.00 11.39 ? 146 LYS A C     1 
ATOM   808  O O     . LYS C 3 46 ? 6.132   -2.562  15.325  1.00 11.73 ? 146 LYS A O     1 
ATOM   809  C CB    . LYS C 3 46 ? 4.720   -0.952  18.011  1.00 12.24 ? 146 LYS A CB    1 
ATOM   810  C CG    . LYS C 3 46 ? 4.255   -2.317  18.467  1.00 18.95 ? 146 LYS A CG    1 
ATOM   811  C CD    . LYS C 3 46 ? 3.058   -2.197  19.397  1.00 23.52 ? 146 LYS A CD    1 
ATOM   812  C CE    . LYS C 3 46 ? 1.840   -1.678  18.652  1.00 29.83 ? 146 LYS A CE    1 
ATOM   813  N NZ    . LYS C 3 46 ? 1.268   -2.681  17.707  1.00 38.05 ? 146 LYS A NZ    1 
ATOM   814  N N     . VAL C 3 47 ? 4.706   -0.830  15.017  1.00 13.94 ? 147 VAL A N     1 
ATOM   815  C CA    . VAL C 3 47 ? 4.214   -1.231  13.691  1.00 14.26 ? 147 VAL A CA    1 
ATOM   816  C C     . VAL C 3 47 ? 5.301   -1.409  12.647  1.00 14.72 ? 147 VAL A C     1 
ATOM   817  O O     . VAL C 3 47 ? 5.228   -2.308  11.814  1.00 17.06 ? 147 VAL A O     1 
ATOM   818  C CB    . VAL C 3 47 ? 3.070   -0.284  13.168  1.00 10.97 ? 147 VAL A CB    1 
ATOM   819  C CG1   . VAL C 3 47 ? 2.798   -0.514  11.689  1.00 11.73 ? 147 VAL A CG1   1 
ATOM   820  C CG2   . VAL C 3 47 ? 1.787   -0.540  13.922  1.00 10.55 ? 147 VAL A CG2   1 
ATOM   821  N N     . TRP C 3 48 ? 6.292   -0.526  12.662  1.00 16.45 ? 148 TRP A N     1 
ATOM   822  C CA    . TRP C 3 48 ? 7.416   -0.633  11.739  1.00 12.65 ? 148 TRP A CA    1 
ATOM   823  C C     . TRP C 3 48 ? 8.152   -1.957  11.993  1.00 13.52 ? 148 TRP A C     1 
ATOM   824  O O     . TRP C 3 48 ? 8.470   -2.680  11.067  1.00 12.26 ? 148 TRP A O     1 
ATOM   825  C CB    . TRP C 3 48 ? 8.372   0.553   11.908  1.00 10.61 ? 148 TRP A CB    1 
ATOM   826  C CG    . TRP C 3 48 ? 9.466   0.574   10.874  1.00 15.87 ? 148 TRP A CG    1 
ATOM   827  C CD1   . TRP C 3 48 ? 9.417   1.156   9.640   1.00 18.74 ? 148 TRP A CD1   1 
ATOM   828  C CD2   . TRP C 3 48 ? 10.751  -0.046  10.957  1.00 16.82 ? 148 TRP A CD2   1 
ATOM   829  N NE1   . TRP C 3 48 ? 10.587  0.927   8.948   1.00 15.71 ? 148 TRP A NE1   1 
ATOM   830  C CE2   . TRP C 3 48 ? 11.428  0.187   9.734   1.00 14.40 ? 148 TRP A CE2   1 
ATOM   831  C CE3   . TRP C 3 48 ? 11.406  -0.805  11.941  1.00 15.49 ? 148 TRP A CE3   1 
ATOM   832  C CZ2   . TRP C 3 48 ? 12.697  -0.289  9.469   1.00 13.66 ? 148 TRP A CZ2   1 
ATOM   833  C CZ3   . TRP C 3 48 ? 12.668  -1.286  11.674  1.00 12.63 ? 148 TRP A CZ3   1 
ATOM   834  C CH2   . TRP C 3 48 ? 13.304  -1.033  10.454  1.00 14.04 ? 148 TRP A CH2   1 
ATOM   835  N N     . PHE C 3 49 ? 8.444   -2.271  13.243  1.00 12.13 ? 149 PHE A N     1 
ATOM   836  C CA    . PHE C 3 49 ? 9.104   -3.530  13.489  1.00 12.93 ? 149 PHE A CA    1 
ATOM   837  C C     . PHE C 3 49 ? 8.244   -4.712  13.056  1.00 14.70 ? 149 PHE A C     1 
ATOM   838  O O     . PHE C 3 49 ? 8.785   -5.675  12.497  1.00 18.31 ? 149 PHE A O     1 
ATOM   839  C CB    . PHE C 3 49 ? 9.570   -3.648  14.932  1.00 9.98  ? 149 PHE A CB    1 
ATOM   840  C CG    . PHE C 3 49 ? 10.930  -3.086  15.167  1.00 8.95  ? 149 PHE A CG    1 
ATOM   841  C CD1   . PHE C 3 49 ? 12.035  -3.916  15.166  1.00 7.77  ? 149 PHE A CD1   1 
ATOM   842  C CD2   . PHE C 3 49 ? 11.107  -1.735  15.404  1.00 8.64  ? 149 PHE A CD2   1 
ATOM   843  C CE1   . PHE C 3 49 ? 13.277  -3.421  15.393  1.00 8.98  ? 149 PHE A CE1   1 
ATOM   844  C CE2   . PHE C 3 49 ? 12.368  -1.235  15.633  1.00 9.59  ? 149 PHE A CE2   1 
ATOM   845  C CZ    . PHE C 3 49 ? 13.451  -2.079  15.623  1.00 11.79 ? 149 PHE A CZ    1 
ATOM   846  N N     . GLN C 3 50 ? 6.923   -4.629  13.253  1.00 12.77 ? 150 GLN A N     1 
ATOM   847  C CA    . GLN C 3 50 ? 6.038   -5.705  12.842  1.00 12.84 ? 150 GLN A CA    1 
ATOM   848  C C     . GLN C 3 50 ? 6.155   -5.907  11.339  1.00 14.56 ? 150 GLN A C     1 
ATOM   849  O O     . GLN C 3 50 ? 6.295   -7.039  10.840  1.00 12.83 ? 150 GLN A O     1 
ATOM   850  C CB    . GLN C 3 50 ? 4.596   -5.385  13.211  1.00 15.10 ? 150 GLN A CB    1 
ATOM   851  C CG    . GLN C 3 50 ? 4.405   -5.152  14.686  1.00 21.04 ? 150 GLN A CG    1 
ATOM   852  C CD    . GLN C 3 50 ? 2.966   -5.114  15.103  1.00 25.03 ? 150 GLN A CD    1 
ATOM   853  O OE1   . GLN C 3 50 ? 2.665   -5.173  16.308  1.00 22.12 ? 150 GLN A OE1   1 
ATOM   854  N NE2   . GLN C 3 50 ? 2.047   -5.000  14.117  1.00 25.03 ? 150 GLN A NE2   1 
ATOM   855  N N     . ASN C 3 51 ? 6.016   -4.804  10.615  1.00 12.85 ? 151 ASN A N     1 
ATOM   856  C CA    . ASN C 3 51 ? 6.147   -4.855  9.161   1.00 13.18 ? 151 ASN A CA    1 
ATOM   857  C C     . ASN C 3 51 ? 7.543   -5.275  8.670   1.00 12.74 ? 151 ASN A C     1 
ATOM   858  O O     . ASN C 3 51 ? 7.649   -6.009  7.684   1.00 16.38 ? 151 ASN A O     1 
ATOM   859  C CB    . ASN C 3 51 ? 5.685   -3.528  8.511   1.00 12.73 ? 151 ASN A CB    1 
ATOM   860  C CG    . ASN C 3 51 ? 4.169   -3.309  8.617   1.00 10.72 ? 151 ASN A CG    1 
ATOM   861  O OD1   . ASN C 3 51 ? 3.392   -4.220  8.434   1.00 12.91 ? 151 ASN A OD1   1 
ATOM   862  N ND2   . ASN C 3 51 ? 3.754   -2.099  8.959   1.00 14.61 ? 151 ASN A ND2   1 
ATOM   863  N N     . ARG C 3 52 ? 8.603   -4.882  9.371   1.00 11.34 ? 152 ARG A N     1 
ATOM   864  C CA    . ARG C 3 52 ? 9.949   -5.242  8.983   1.00 13.10 ? 152 ARG A CA    1 
ATOM   865  C C     . ARG C 3 52 ? 10.246  -6.701  9.150   1.00 15.24 ? 152 ARG A C     1 
ATOM   866  O O     . ARG C 3 52 ? 11.083  -7.233  8.430   1.00 12.25 ? 152 ARG A O     1 
ATOM   867  C CB    . ARG C 3 52 ? 11.025  -4.404  9.688   1.00 15.57 ? 152 ARG A CB    1 
ATOM   868  C CG    . ARG C 3 52 ? 11.523  -3.256  8.806   1.00 20.06 ? 152 ARG A CG    1 
ATOM   869  C CD    . ARG C 3 52 ? 12.813  -3.580  8.098   1.00 20.06 ? 152 ARG A CD    1 
ATOM   870  N NE    . ARG C 3 52 ? 12.753  -4.798  7.300   1.00 27.54 ? 152 ARG A NE    1 
ATOM   871  C CZ    . ARG C 3 52 ? 13.822  -5.469  6.895   1.00 26.99 ? 152 ARG A CZ    1 
ATOM   872  N NH1   . ARG C 3 52 ? 15.030  -5.035  7.197   1.00 30.39 ? 152 ARG A NH1   1 
ATOM   873  N NH2   . ARG C 3 52 ? 13.681  -6.664  6.344   1.00 29.80 ? 152 ARG A NH2   1 
ATOM   874  N N     . ARG C 3 53 ? 9.595   -7.322  10.137  1.00 14.97 ? 153 ARG A N     1 
ATOM   875  C CA    . ARG C 3 53 ? 9.752   -8.755  10.353  1.00 15.44 ? 153 ARG A CA    1 
ATOM   876  C C     . ARG C 3 53 ? 9.097   -9.497  9.191   1.00 15.28 ? 153 ARG A C     1 
ATOM   877  O O     . ARG C 3 53 ? 9.688   -10.449 8.655   1.00 11.25 ? 153 ARG A O     1 
ATOM   878  C CB    . ARG C 3 53 ? 9.147   -9.167  11.682  1.00 16.97 ? 153 ARG A CB    1 
ATOM   879  C CG    . ARG C 3 53 ? 10.112  -8.989  12.878  1.00 17.37 ? 153 ARG A CG    1 
ATOM   880  C CD    . ARG C 3 53 ? 9.386   -9.283  14.178  1.00 19.27 ? 153 ARG A CD    1 
ATOM   881  N NE    . ARG C 3 53 ? 8.999   -8.057  14.884  1.00 21.11 ? 153 ARG A NE    1 
ATOM   882  C CZ    . ARG C 3 53 ? 7.916   -7.970  15.636  1.00 21.96 ? 153 ARG A CZ    1 
ATOM   883  N NH1   . ARG C 3 53 ? 7.612   -6.841  16.254  1.00 23.68 ? 153 ARG A NH1   1 
ATOM   884  N NH2   . ARG C 3 53 ? 7.123   -9.015  15.757  1.00 25.88 ? 153 ARG A NH2   1 
ATOM   885  N N     . MET C 3 54 ? 7.886   -9.054  8.827   1.00 19.69 ? 154 MET A N     1 
ATOM   886  C CA    . MET C 3 54 ? 7.099   -9.597  7.703   1.00 23.73 ? 154 MET A CA    1 
ATOM   887  C C     . MET C 3 54 ? 7.942   -9.517  6.426   1.00 24.49 ? 154 MET A C     1 
ATOM   888  O O     . MET C 3 54 ? 8.141   -10.530 5.765   1.00 28.29 ? 154 MET A O     1 
ATOM   889  C CB    . MET C 3 54 ? 5.811   -8.788  7.474   1.00 26.02 ? 154 MET A CB    1 
ATOM   890  C CG    . MET C 3 54 ? 4.528   -9.219  8.224   1.00 33.39 ? 154 MET A CG    1 
ATOM   891  S SD    . MET C 3 54 ? 2.921   -8.569  7.403   1.00 41.77 ? 154 MET A SD    1 
ATOM   892  C CE    . MET C 3 54 ? 2.666   -7.061  8.384   1.00 34.17 ? 154 MET A CE    1 
ATOM   893  N N     . LYS C 3 55 ? 8.457   -8.327  6.113   1.00 23.30 ? 155 LYS A N     1 
ATOM   894  C CA    . LYS C 3 55 ? 9.312   -8.107  4.932   1.00 23.09 ? 155 LYS A CA    1 
ATOM   895  C C     . LYS C 3 55 ? 10.474  -9.076  4.905   1.00 24.10 ? 155 LYS A C     1 
ATOM   896  O O     . LYS C 3 55 ? 10.740  -9.736  3.894   1.00 25.35 ? 155 LYS A O     1 
ATOM   897  C CB    . LYS C 3 55 ? 9.865   -6.691  4.926   1.00 21.85 ? 155 LYS A CB    1 
ATOM   898  C CG    . LYS C 3 55 ? 10.757  -6.372  3.719   1.00 27.04 ? 155 LYS A CG    1 
ATOM   899  C CD    . LYS C 3 55 ? 11.635  -5.150  3.956   1.00 25.95 ? 155 LYS A CD    1 
ATOM   900  C CE    . LYS C 3 55 ? 12.436  -4.744  2.711   1.00 30.42 ? 155 LYS A CE    1 
ATOM   901  N NZ    . LYS C 3 55 ? 11.639  -3.971  1.738   1.00 27.85 ? 155 LYS A NZ    1 
ATOM   902  N N     . ASP C 3 56 ? 11.137  -9.196  6.045   1.00 25.60 ? 156 ASP A N     1 
ATOM   903  C CA    . ASP C 3 56 ? 12.277  -10.065 6.196   1.00 26.87 ? 156 ASP A CA    1 
ATOM   904  C C     . ASP C 3 56 ? 11.944  -11.540 5.920   1.00 30.11 ? 156 ASP A C     1 
ATOM   905  O O     . ASP C 3 56 ? 12.721  -12.236 5.256   1.00 27.95 ? 156 ASP A O     1 
ATOM   906  C CB    . ASP C 3 56 ? 12.810  -9.890  7.610   1.00 29.71 ? 156 ASP A CB    1 
ATOM   907  C CG    . ASP C 3 56 ? 14.279  -10.115 7.693   1.00 32.03 ? 156 ASP A CG    1 
ATOM   908  O OD1   . ASP C 3 56 ? 14.685  -11.053 8.393   1.00 37.83 ? 156 ASP A OD1   1 
ATOM   909  O OD2   . ASP C 3 56 ? 15.033  -9.375  7.038   1.00 36.17 ? 156 ASP A OD2   1 
ATOM   910  N N     . LYS C 3 57 ? 10.738  -11.962 6.323   1.00 34.79 ? 157 LYS A N     1 
ATOM   911  C CA    . LYS C 3 57 ? 10.252  -13.343 6.165   1.00 37.73 ? 157 LYS A CA    1 
ATOM   912  C C     . LYS C 3 57 ? 10.150  -13.757 4.700   1.00 40.61 ? 157 LYS A C     1 
ATOM   913  O O     . LYS C 3 57 ? 10.522  -14.875 4.338   1.00 41.14 ? 157 LYS A O     1 
ATOM   914  C CB    . LYS C 3 57 ? 8.884   -13.535 6.861   1.00 39.07 ? 157 LYS A CB    1 
ATOM   915  C CG    . LYS C 3 57 ? 8.120   -14.789 6.407   1.00 42.90 ? 157 LYS A CG    1 
ATOM   916  C CD    . LYS C 3 57 ? 6.801   -15.088 7.158   1.00 46.75 ? 157 LYS A CD    1 
ATOM   917  C CE    . LYS C 3 57 ? 7.008   -15.906 8.449   1.00 46.33 ? 157 LYS A CE    1 
ATOM   918  N NZ    . LYS C 3 57 ? 7.452   -15.066 9.603   1.00 47.45 ? 157 LYS A NZ    1 
ATOM   919  N N     . ARG C 3 58 ? 9.611   -12.860 3.878   1.00 43.29 ? 158 ARG A N     1 
ATOM   920  C CA    . ARG C 3 58 ? 9.471   -13.078 2.443   1.00 45.86 ? 158 ARG A CA    1 
ATOM   921  C C     . ARG C 3 58 ? 10.843  -13.137 1.755   1.00 48.58 ? 158 ARG A C     1 
ATOM   922  O O     . ARG C 3 58 ? 10.999  -13.781 0.714   1.00 49.04 ? 158 ARG A O     1 
ATOM   923  C CB    . ARG C 3 58 ? 8.684   -11.927 1.817   1.00 46.06 ? 158 ARG A CB    1 
ATOM   924  C CG    . ARG C 3 58 ? 7.302   -11.698 2.390   1.00 50.40 ? 158 ARG A CG    1 
ATOM   925  C CD    . ARG C 3 58 ? 7.063   -10.208 2.501   1.00 53.80 ? 158 ARG A CD    1 
ATOM   926  N NE    . ARG C 3 58 ? 5.646   -9.878  2.451   1.00 58.01 ? 158 ARG A NE    1 
ATOM   927  C CZ    . ARG C 3 58 ? 5.081   -8.850  3.079   1.00 57.91 ? 158 ARG A CZ    1 
ATOM   928  N NH1   . ARG C 3 58 ? 5.809   -8.042  3.831   1.00 56.94 ? 158 ARG A NH1   1 
ATOM   929  N NH2   . ARG C 3 58 ? 3.790   -8.615  2.925   1.00 58.40 ? 158 ARG A NH2   1 
ATOM   930  N N     . GLN C 3 59 ? 11.830  -12.459 2.329   1.00 50.35 ? 159 GLN A N     1 
ATOM   931  C CA    . GLN C 3 59 ? 13.153  -12.420 1.734   1.00 53.68 ? 159 GLN A CA    1 
ATOM   932  C C     . GLN C 3 59 ? 14.329  -12.677 2.687   1.00 54.28 ? 159 GLN A C     1 
ATOM   933  O O     . GLN C 3 59 ? 15.370  -13.215 2.212   1.00 53.97 ? 159 GLN A O     1 
ATOM   934  C CB    . GLN C 3 59 ? 13.339  -11.089 0.985   1.00 57.19 ? 159 GLN A CB    1 
ATOM   935  C CG    . GLN C 3 59 ? 12.886  -11.110 -0.476  1.00 62.64 ? 159 GLN A CG    1 
ATOM   936  C CD    . GLN C 3 59 ? 13.901  -11.796 -1.403  1.00 65.82 ? 159 GLN A CD    1 
ATOM   937  O OE1   . GLN C 3 59 ? 13.965  -11.511 -2.597  1.00 66.44 ? 159 GLN A OE1   1 
ATOM   938  N NE2   . GLN C 3 59 ? 14.719  -12.676 -0.843  1.00 66.90 ? 159 GLN A NE2   1 
ATOM   939  N N     . ARG D 3 3  ? 10.311  -1.602  -14.701 1.00 69.66 ? 303 ARG B N     1 
ATOM   940  C CA    . ARG D 3 3  ? 8.875   -1.289  -14.408 1.00 67.53 ? 303 ARG B CA    1 
ATOM   941  C C     . ARG D 3 3  ? 7.672   -1.537  -15.361 1.00 67.17 ? 303 ARG B C     1 
ATOM   942  O O     . ARG D 3 3  ? 7.270   -2.691  -15.478 1.00 68.42 ? 303 ARG B O     1 
ATOM   943  C CB    . ARG D 3 3  ? 8.741   0.072   -13.724 1.00 66.59 ? 303 ARG B CB    1 
ATOM   944  C CG    . ARG D 3 3  ? 7.675   0.031   -12.611 1.00 64.00 ? 303 ARG B CG    1 
ATOM   945  C CD    . ARG D 3 3  ? 7.755   1.256   -11.702 1.00 61.74 ? 303 ARG B CD    1 
ATOM   946  N NE    . ARG D 3 3  ? 6.441   1.707   -11.258 1.00 58.13 ? 303 ARG B NE    1 
ATOM   947  C CZ    . ARG D 3 3  ? 6.244   2.752   -10.473 1.00 59.05 ? 303 ARG B CZ    1 
ATOM   948  N NH1   . ARG D 3 3  ? 7.260   3.471   -10.031 1.00 62.04 ? 303 ARG B NH1   1 
ATOM   949  N NH2   . ARG D 3 3  ? 5.018   3.103   -10.175 1.00 61.92 ? 303 ARG B NH2   1 
ATOM   950  N N     . TYR D 3 4  ? 7.117   -0.536  -16.072 1.00 65.65 ? 304 TYR B N     1 
ATOM   951  C CA    . TYR D 3 4  ? 5.832   -0.828  -16.795 1.00 64.16 ? 304 TYR B CA    1 
ATOM   952  C C     . TYR D 3 4  ? 5.097   0.084   -17.858 1.00 60.11 ? 304 TYR B C     1 
ATOM   953  O O     . TYR D 3 4  ? 5.650   1.072   -18.342 1.00 62.28 ? 304 TYR B O     1 
ATOM   954  C CB    . TYR D 3 4  ? 4.808   -0.845  -15.673 1.00 69.58 ? 304 TYR B CB    1 
ATOM   955  C CG    . TYR D 3 4  ? 4.622   0.584   -15.156 1.00 72.29 ? 304 TYR B CG    1 
ATOM   956  C CD1   . TYR D 3 4  ? 3.509   1.339   -15.499 1.00 71.25 ? 304 TYR B CD1   1 
ATOM   957  C CD2   . TYR D 3 4  ? 5.611   1.194   -14.412 1.00 73.70 ? 304 TYR B CD2   1 
ATOM   958  C CE1   . TYR D 3 4  ? 3.399   2.673   -15.108 1.00 72.00 ? 304 TYR B CE1   1 
ATOM   959  C CE2   . TYR D 3 4  ? 5.523   2.507   -14.028 1.00 74.32 ? 304 TYR B CE2   1 
ATOM   960  C CZ    . TYR D 3 4  ? 4.428   3.244   -14.368 1.00 73.90 ? 304 TYR B CZ    1 
ATOM   961  O OH    . TYR D 3 4  ? 4.419   4.549   -13.968 1.00 73.28 ? 304 TYR B OH    1 
ATOM   962  N N     . ARG D 3 5  ? 3.781   -0.249  -18.041 1.00 52.14 ? 305 ARG B N     1 
ATOM   963  C CA    . ARG D 3 5  ? 2.697   0.462   -18.831 1.00 44.22 ? 305 ARG B CA    1 
ATOM   964  C C     . ARG D 3 5  ? 1.573   -0.108  -19.777 1.00 41.43 ? 305 ARG B C     1 
ATOM   965  O O     . ARG D 3 5  ? 1.805   -0.283  -20.988 1.00 41.26 ? 305 ARG B O     1 
ATOM   966  C CB    . ARG D 3 5  ? 3.176   1.782   -19.421 1.00 42.15 ? 305 ARG B CB    1 
ATOM   967  C CG    . ARG D 3 5  ? 2.009   2.768   -19.637 1.00 37.83 ? 305 ARG B CG    1 
ATOM   968  C CD    . ARG D 3 5  ? 2.102   3.984   -18.716 1.00 36.57 ? 305 ARG B CD    1 
ATOM   969  N NE    . ARG D 3 5  ? 0.969   4.913   -18.855 1.00 35.84 ? 305 ARG B NE    1 
ATOM   970  C CZ    . ARG D 3 5  ? 0.813   6.021   -18.130 1.00 36.36 ? 305 ARG B CZ    1 
ATOM   971  N NH1   . ARG D 3 5  ? 1.723   6.354   -17.230 1.00 39.13 ? 305 ARG B NH1   1 
ATOM   972  N NH2   . ARG D 3 5  ? -0.250  6.799   -18.289 1.00 34.75 ? 305 ARG B NH2   1 
ATOM   973  N N     . THR D 3 6  ? 0.316   -0.148  -19.281 1.00 37.73 ? 306 THR B N     1 
ATOM   974  C CA    . THR D 3 6  ? -0.841  -0.660  -20.069 1.00 32.65 ? 306 THR B CA    1 
ATOM   975  C C     . THR D 3 6  ? -1.594  0.495   -20.735 1.00 29.21 ? 306 THR B C     1 
ATOM   976  O O     . THR D 3 6  ? -1.851  1.499   -20.088 1.00 27.60 ? 306 THR B O     1 
ATOM   977  C CB    . THR D 3 6  ? -1.899  -1.457  -19.214 1.00 36.40 ? 306 THR B CB    1 
ATOM   978  O OG1   . THR D 3 6  ? -1.381  -2.748  -18.821 1.00 37.71 ? 306 THR B OG1   1 
ATOM   979  C CG2   . THR D 3 6  ? -3.190  -1.685  -20.013 1.00 31.91 ? 306 THR B CG2   1 
ATOM   980  N N     . ALA D 3 7  ? -1.983  0.335   -22.004 1.00 27.74 ? 307 ALA B N     1 
ATOM   981  C CA    . ALA D 3 7  ? -2.675  1.389   -22.753 1.00 26.46 ? 307 ALA B CA    1 
ATOM   982  C C     . ALA D 3 7  ? -4.107  0.997   -23.098 1.00 24.68 ? 307 ALA B C     1 
ATOM   983  O O     . ALA D 3 7  ? -4.344  0.217   -24.031 1.00 27.08 ? 307 ALA B O     1 
ATOM   984  C CB    . ALA D 3 7  ? -1.898  1.719   -24.020 1.00 22.63 ? 307 ALA B CB    1 
ATOM   985  N N     . PHE D 3 8  ? -5.071  1.576   -22.385 1.00 22.84 ? 308 PHE B N     1 
ATOM   986  C CA    . PHE D 3 8  ? -6.471  1.234   -22.640 1.00 21.36 ? 308 PHE B CA    1 
ATOM   987  C C     . PHE D 3 8  ? -7.058  1.755   -23.920 1.00 16.63 ? 308 PHE B C     1 
ATOM   988  O O     . PHE D 3 8  ? -6.790  2.862   -24.329 1.00 17.74 ? 308 PHE B O     1 
ATOM   989  C CB    . PHE D 3 8  ? -7.410  1.671   -21.516 1.00 21.13 ? 308 PHE B CB    1 
ATOM   990  C CG    . PHE D 3 8  ? -7.062  1.100   -20.216 1.00 21.17 ? 308 PHE B CG    1 
ATOM   991  C CD1   . PHE D 3 8  ? -7.543  -0.151  -19.832 1.00 20.92 ? 308 PHE B CD1   1 
ATOM   992  C CD2   . PHE D 3 8  ? -6.291  1.852   -19.317 1.00 20.39 ? 308 PHE B CD2   1 
ATOM   993  C CE1   . PHE D 3 8  ? -7.247  -0.619  -18.550 1.00 22.29 ? 308 PHE B CE1   1 
ATOM   994  C CE2   . PHE D 3 8  ? -6.012  1.404   -18.089 1.00 18.58 ? 308 PHE B CE2   1 
ATOM   995  C CZ    . PHE D 3 8  ? -6.496  0.145   -17.684 1.00 21.42 ? 308 PHE B CZ    1 
ATOM   996  N N     . THR D 3 9  ? -7.979  0.964   -24.440 1.00 16.18 ? 309 THR B N     1 
ATOM   997  C CA    . THR D 3 9  ? -8.744  1.228   -25.634 1.00 15.35 ? 309 THR B CA    1 
ATOM   998  C C     . THR D 3 9  ? -9.882  2.120   -25.168 1.00 16.88 ? 309 THR B C     1 
ATOM   999  O O     . THR D 3 9  ? -10.166 2.161   -23.981 1.00 15.66 ? 309 THR B O     1 
ATOM   1000 C CB    . THR D 3 9  ? -9.236  -0.111  -26.162 1.00 12.81 ? 309 THR B CB    1 
ATOM   1001 O OG1   . THR D 3 9  ? -8.207  -0.681  -26.970 1.00 19.29 ? 309 THR B OG1   1 
ATOM   1002 C CG2   . THR D 3 9  ? -10.457 0.004   -26.922 1.00 19.35 ? 309 THR B CG2   1 
ATOM   1003 N N     . ARG D 3 10 ? -10.567 2.799   -26.087 1.00 18.71 ? 310 ARG B N     1 
ATOM   1004 C CA    . ARG D 3 10 ? -11.637 3.680   -25.684 1.00 16.14 ? 310 ARG B CA    1 
ATOM   1005 C C     . ARG D 3 10 ? -12.843 2.977   -25.140 1.00 15.44 ? 310 ARG B C     1 
ATOM   1006 O O     . ARG D 3 10 ? -13.497 3.481   -24.246 1.00 14.43 ? 310 ARG B O     1 
ATOM   1007 C CB    . ARG D 3 10 ? -11.989 4.722   -26.780 1.00 16.76 ? 310 ARG B CB    1 
ATOM   1008 C CG    . ARG D 3 10 ? -12.810 4.251   -27.966 1.00 11.59 ? 310 ARG B CG    1 
ATOM   1009 C CD    . ARG D 3 10 ? -12.700 5.275   -29.131 1.00 14.08 ? 310 ARG B CD    1 
ATOM   1010 N NE    . ARG D 3 10 ? -13.024 4.641   -30.415 1.00 18.45 ? 310 ARG B NE    1 
ATOM   1011 C CZ    . ARG D 3 10 ? -12.131 4.098   -31.235 1.00 15.07 ? 310 ARG B CZ    1 
ATOM   1012 N NH1   . ARG D 3 10 ? -10.859 4.102   -30.940 1.00 15.67 ? 310 ARG B NH1   1 
ATOM   1013 N NH2   . ARG D 3 10 ? -12.535 3.482   -32.326 1.00 19.08 ? 310 ARG B NH2   1 
ATOM   1014 N N     . ASP D 3 11 ? -13.110 1.767   -25.590 1.00 17.30 ? 311 ASP B N     1 
ATOM   1015 C CA    . ASP D 3 11 ? -14.282 1.146   -25.036 1.00 22.02 ? 311 ASP B CA    1 
ATOM   1016 C C     . ASP D 3 11 ? -13.964 0.410   -23.741 1.00 21.03 ? 311 ASP B C     1 
ATOM   1017 O O     . ASP D 3 11 ? -14.818 0.261   -22.886 1.00 19.04 ? 311 ASP B O     1 
ATOM   1018 C CB    . ASP D 3 11 ? -15.053 0.335   -26.083 1.00 31.34 ? 311 ASP B CB    1 
ATOM   1019 C CG    . ASP D 3 11 ? -14.382 -0.955  -26.442 1.00 37.10 ? 311 ASP B CG    1 
ATOM   1020 O OD1   . ASP D 3 11 ? -13.263 -0.912  -26.970 1.00 39.59 ? 311 ASP B OD1   1 
ATOM   1021 O OD2   . ASP D 3 11 ? -15.009 -2.016  -26.213 1.00 43.44 ? 311 ASP B OD2   1 
ATOM   1022 N N     . GLN D 3 12 ? -12.692 0.071   -23.558 1.00 21.21 ? 312 GLN B N     1 
ATOM   1023 C CA    . GLN D 3 12 ? -12.266 -0.579  -22.334 1.00 19.18 ? 312 GLN B CA    1 
ATOM   1024 C C     . GLN D 3 12 ? -12.438 0.410   -21.188 1.00 18.71 ? 312 GLN B C     1 
ATOM   1025 O O     . GLN D 3 12 ? -13.077 0.073   -20.189 1.00 16.74 ? 312 GLN B O     1 
ATOM   1026 C CB    . GLN D 3 12 ? -10.814 -1.009  -22.431 1.00 17.96 ? 312 GLN B CB    1 
ATOM   1027 C CG    . GLN D 3 12 ? -10.606 -2.390  -23.086 1.00 14.74 ? 312 GLN B CG    1 
ATOM   1028 C CD    . GLN D 3 12 ? -9.133  -2.715  -23.231 1.00 13.71 ? 312 GLN B CD    1 
ATOM   1029 O OE1   . GLN D 3 12 ? -8.280  -1.859  -23.039 1.00 10.70 ? 312 GLN B OE1   1 
ATOM   1030 N NE2   . GLN D 3 12 ? -8.821  -3.973  -23.544 1.00 18.72 ? 312 GLN B NE2   1 
ATOM   1031 N N     . LEU D 3 13 ? -11.895 1.629   -21.368 1.00 17.02 ? 313 LEU B N     1 
ATOM   1032 C CA    . LEU D 3 13 ? -11.967 2.710   -20.354 1.00 14.17 ? 313 LEU B CA    1 
ATOM   1033 C C     . LEU D 3 13 ? -13.366 3.253   -20.179 1.00 12.14 ? 313 LEU B C     1 
ATOM   1034 O O     . LEU D 3 13 ? -13.759 3.673   -19.097 1.00 14.71 ? 313 LEU B O     1 
ATOM   1035 C CB    . LEU D 3 13 ? -11.035 3.869   -20.680 1.00 13.65 ? 313 LEU B CB    1 
ATOM   1036 C CG    . LEU D 3 13 ? -10.122 4.463   -19.583 1.00 20.11 ? 313 LEU B CG    1 
ATOM   1037 C CD1   . LEU D 3 13 ? -9.553  5.795   -20.042 1.00 17.59 ? 313 LEU B CD1   1 
ATOM   1038 C CD2   . LEU D 3 13 ? -10.848 4.694   -18.267 1.00 16.98 ? 313 LEU B CD2   1 
ATOM   1039 N N     . GLY D 3 14 ? -14.131 3.303   -21.248 1.00 13.86 ? 314 GLY B N     1 
ATOM   1040 C CA    . GLY D 3 14 ? -15.487 3.773   -21.110 1.00 14.44 ? 314 GLY B CA    1 
ATOM   1041 C C     . GLY D 3 14 ? -16.223 2.726   -20.286 1.00 15.15 ? 314 GLY B C     1 
ATOM   1042 O O     . GLY D 3 14 ? -17.046 3.072   -19.412 1.00 13.15 ? 314 GLY B O     1 
ATOM   1043 N N     . ARG D 3 15 ? -15.950 1.448   -20.562 1.00 13.62 ? 315 ARG B N     1 
ATOM   1044 C CA    . ARG D 3 15 ? -16.591 0.395   -19.790 1.00 15.66 ? 315 ARG B CA    1 
ATOM   1045 C C     . ARG D 3 15 ? -16.122 0.532   -18.346 1.00 13.89 ? 315 ARG B C     1 
ATOM   1046 O O     . ARG D 3 15 ? -16.933 0.424   -17.436 1.00 17.14 ? 315 ARG B O     1 
ATOM   1047 C CB    A ARG D 3 15 ? -16.256 -1.011  -20.313 0.66 17.94 ? 315 ARG B CB    1 
ATOM   1048 C CB    B ARG D 3 15 ? -16.262 -1.006  -20.359 0.41 17.46 ? 315 ARG B CB    1 
ATOM   1049 C CG    A ARG D 3 15 ? -17.106 -2.077  -19.653 0.66 22.04 ? 315 ARG B CG    1 
ATOM   1050 C CG    B ARG D 3 15 ? -16.861 -2.173  -19.563 0.41 20.99 ? 315 ARG B CG    1 
ATOM   1051 C CD    A ARG D 3 15 ? -18.563 -1.714  -19.841 0.66 26.03 ? 315 ARG B CD    1 
ATOM   1052 C CD    B ARG D 3 15 ? -17.868 -3.016  -20.354 0.41 24.75 ? 315 ARG B CD    1 
ATOM   1053 N NE    A ARG D 3 15 ? -19.502 -2.402  -18.955 0.66 28.19 ? 315 ARG B NE    1 
ATOM   1054 N NE    B ARG D 3 15 ? -17.289 -4.263  -20.872 0.41 26.16 ? 315 ARG B NE    1 
ATOM   1055 C CZ    A ARG D 3 15 ? -19.560 -2.258  -17.634 0.66 30.10 ? 315 ARG B CZ    1 
ATOM   1056 C CZ    B ARG D 3 15 ? -17.927 -5.138  -21.645 0.41 25.04 ? 315 ARG B CZ    1 
ATOM   1057 N NH1   A ARG D 3 15 ? -20.494 -2.910  -16.950 0.66 30.80 ? 315 ARG B NH1   1 
ATOM   1058 N NH1   B ARG D 3 15 ? -19.180 -4.924  -21.993 0.41 27.57 ? 315 ARG B NH1   1 
ATOM   1059 N NH2   A ARG D 3 15 ? -18.639 -1.566  -16.981 0.66 27.38 ? 315 ARG B NH2   1 
ATOM   1060 N NH2   B ARG D 3 15 ? -17.302 -6.207  -22.108 0.41 23.46 ? 315 ARG B NH2   1 
ATOM   1061 N N     . LEU D 3 16 ? -14.841 0.838   -18.127 1.00 10.63 ? 316 LEU B N     1 
ATOM   1062 C CA    . LEU D 3 16 ? -14.369 0.986   -16.757 1.00 12.11 ? 316 LEU B CA    1 
ATOM   1063 C C     . LEU D 3 16 ? -15.092 2.152   -16.052 1.00 13.45 ? 316 LEU B C     1 
ATOM   1064 O O     . LEU D 3 16 ? -15.685 1.986   -14.976 1.00 14.74 ? 316 LEU B O     1 
ATOM   1065 C CB    . LEU D 3 16 ? -12.843 1.114   -16.725 1.00 10.60 ? 316 LEU B CB    1 
ATOM   1066 C CG    . LEU D 3 16 ? -12.154 -0.260  -16.778 1.00 12.75 ? 316 LEU B CG    1 
ATOM   1067 C CD1   . LEU D 3 16 ? -10.656 -0.162  -16.747 1.00 9.82  ? 316 LEU B CD1   1 
ATOM   1068 C CD2   . LEU D 3 16 ? -12.656 -1.066  -15.602 1.00 9.81  ? 316 LEU B CD2   1 
ATOM   1069 N N     . GLU D 3 17 ? -15.095 3.312   -16.698 1.00 13.64 ? 317 GLU B N     1 
ATOM   1070 C CA    . GLU D 3 17 ? -15.760 4.478   -16.170 1.00 14.49 ? 317 GLU B CA    1 
ATOM   1071 C C     . GLU D 3 17 ? -17.250 4.218   -15.980 1.00 13.91 ? 317 GLU B C     1 
ATOM   1072 O O     . GLU D 3 17 ? -17.866 4.787   -15.088 1.00 15.88 ? 317 GLU B O     1 
ATOM   1073 C CB    . GLU D 3 17 ? -15.542 5.693   -17.080 1.00 15.80 ? 317 GLU B CB    1 
ATOM   1074 C CG    . GLU D 3 17 ? -14.133 6.302   -17.054 1.00 17.56 ? 317 GLU B CG    1 
ATOM   1075 C CD    . GLU D 3 17 ? -13.734 6.878   -15.705 1.00 19.72 ? 317 GLU B CD    1 
ATOM   1076 O OE1   . GLU D 3 17 ? -12.527 6.886   -15.394 1.00 24.16 ? 317 GLU B OE1   1 
ATOM   1077 O OE2   . GLU D 3 17 ? -14.602 7.359   -14.958 1.00 22.39 ? 317 GLU B OE2   1 
ATOM   1078 N N     . LYS D 3 18 ? -17.836 3.374   -16.806 1.00 12.65 ? 318 LYS B N     1 
ATOM   1079 C CA    . LYS D 3 18 ? -19.260 3.095   -16.609 1.00 15.51 ? 318 LYS B CA    1 
ATOM   1080 C C     . LYS D 3 18 ? -19.495 2.321   -15.297 1.00 14.62 ? 318 LYS B C     1 
ATOM   1081 O O     . LYS D 3 18 ? -20.356 2.693   -14.497 1.00 19.67 ? 318 LYS B O     1 
ATOM   1082 C CB    . LYS D 3 18 ? -19.842 2.326   -17.774 1.00 15.65 ? 318 LYS B CB    1 
ATOM   1083 C CG    . LYS D 3 18 ? -21.333 2.283   -17.725 1.00 24.50 ? 318 LYS B CG    1 
ATOM   1084 C CD    . LYS D 3 18 ? -21.944 1.719   -18.978 1.00 28.75 ? 318 LYS B CD    1 
ATOM   1085 C CE    . LYS D 3 18 ? -23.426 1.519   -18.714 1.00 32.70 ? 318 LYS B CE    1 
ATOM   1086 N NZ    . LYS D 3 18 ? -24.086 0.679   -19.718 1.00 36.63 ? 318 LYS B NZ    1 
ATOM   1087 N N     . GLU D 3 19 ? -18.682 1.288   -15.080 1.00 13.26 ? 319 GLU B N     1 
ATOM   1088 C CA    . GLU D 3 19 ? -18.729 0.420   -13.910 1.00 13.32 ? 319 GLU B CA    1 
ATOM   1089 C C     . GLU D 3 19 ? -18.518 1.222   -12.641 1.00 11.11 ? 319 GLU B C     1 
ATOM   1090 O O     . GLU D 3 19 ? -19.298 1.122   -11.708 1.00 13.18 ? 319 GLU B O     1 
ATOM   1091 C CB    . GLU D 3 19 ? -17.638 -0.645  -14.046 1.00 13.39 ? 319 GLU B CB    1 
ATOM   1092 C CG    . GLU D 3 19 ? -17.732 -1.802  -13.082 1.00 20.31 ? 319 GLU B CG    1 
ATOM   1093 C CD    . GLU D 3 19 ? -19.019 -2.593  -13.165 1.00 22.32 ? 319 GLU B CD    1 
ATOM   1094 O OE1   . GLU D 3 19 ? -19.444 -3.128  -12.127 1.00 22.10 ? 319 GLU B OE1   1 
ATOM   1095 O OE2   . GLU D 3 19 ? -19.620 -2.681  -14.251 1.00 28.42 ? 319 GLU B OE2   1 
ATOM   1096 N N     . PHE D 3 20 ? -17.571 2.155   -12.707 1.00 13.92 ? 320 PHE B N     1 
ATOM   1097 C CA    . PHE D 3 20 ? -17.205 3.005   -11.601 1.00 14.29 ? 320 PHE B CA    1 
ATOM   1098 C C     . PHE D 3 20 ? -18.260 3.974   -11.129 1.00 16.73 ? 320 PHE B C     1 
ATOM   1099 O O     . PHE D 3 20 ? -18.318 4.251   -9.933  1.00 15.84 ? 320 PHE B O     1 
ATOM   1100 C CB    . PHE D 3 20 ? -15.905 3.748   -11.883 1.00 8.34  ? 320 PHE B CB    1 
ATOM   1101 C CG    . PHE D 3 20 ? -15.346 4.436   -10.699 1.00 6.90  ? 320 PHE B CG    1 
ATOM   1102 C CD1   . PHE D 3 20 ? -15.682 5.761   -10.421 1.00 7.45  ? 320 PHE B CD1   1 
ATOM   1103 C CD2   . PHE D 3 20 ? -14.516 3.751   -9.820  1.00 3.77  ? 320 PHE B CD2   1 
ATOM   1104 C CE1   . PHE D 3 20 ? -15.212 6.393   -9.281  1.00 9.65  ? 320 PHE B CE1   1 
ATOM   1105 C CE2   . PHE D 3 20 ? -14.039 4.355   -8.695  1.00 5.68  ? 320 PHE B CE2   1 
ATOM   1106 C CZ    . PHE D 3 20 ? -14.386 5.694   -8.402  1.00 7.57  ? 320 PHE B CZ    1 
ATOM   1107 N N     . TYR D 3 21 ? -19.042 4.535   -12.055 1.00 17.17 ? 321 TYR B N     1 
ATOM   1108 C CA    . TYR D 3 21 ? -20.097 5.461   -11.672 1.00 19.93 ? 321 TYR B CA    1 
ATOM   1109 C C     . TYR D 3 21 ? -21.213 4.708   -10.929 1.00 20.23 ? 321 TYR B C     1 
ATOM   1110 O O     . TYR D 3 21 ? -21.905 5.263   -10.089 1.00 21.33 ? 321 TYR B O     1 
ATOM   1111 C CB    . TYR D 3 21 ? -20.683 6.181   -12.898 1.00 22.27 ? 321 TYR B CB    1 
ATOM   1112 C CG    . TYR D 3 21 ? -21.617 7.320   -12.529 1.00 25.77 ? 321 TYR B CG    1 
ATOM   1113 C CD1   . TYR D 3 21 ? -21.211 8.331   -11.668 1.00 27.57 ? 321 TYR B CD1   1 
ATOM   1114 C CD2   . TYR D 3 21 ? -22.937 7.334   -12.973 1.00 27.28 ? 321 TYR B CD2   1 
ATOM   1115 C CE1   . TYR D 3 21 ? -22.095 9.322   -11.249 1.00 28.59 ? 321 TYR B CE1   1 
ATOM   1116 C CE2   . TYR D 3 21 ? -23.819 8.318   -12.561 1.00 30.21 ? 321 TYR B CE2   1 
ATOM   1117 C CZ    . TYR D 3 21 ? -23.392 9.309   -11.692 1.00 30.80 ? 321 TYR B CZ    1 
ATOM   1118 O OH    . TYR D 3 21 ? -24.282 10.275  -11.237 1.00 32.78 ? 321 TYR B OH    1 
ATOM   1119 N N     . LYS D 3 22 ? -21.376 3.435   -11.246 1.00 20.52 ? 322 LYS B N     1 
ATOM   1120 C CA    . LYS D 3 22 ? -22.393 2.608   -10.614 1.00 18.29 ? 322 LYS B CA    1 
ATOM   1121 C C     . LYS D 3 22 ? -21.869 2.169   -9.255  1.00 16.84 ? 322 LYS B C     1 
ATOM   1122 O O     . LYS D 3 22 ? -22.614 2.175   -8.298  1.00 23.86 ? 322 LYS B O     1 
ATOM   1123 C CB    . LYS D 3 22 ? -22.738 1.444   -11.540 1.00 19.85 ? 322 LYS B CB    1 
ATOM   1124 C CG    . LYS D 3 22 ? -23.573 0.291   -11.001 1.00 22.66 ? 322 LYS B CG    1 
ATOM   1125 C CD    . LYS D 3 22 ? -23.613 -0.744  -12.134 1.00 27.50 ? 322 LYS B CD    1 
ATOM   1126 C CE    . LYS D 3 22 ? -23.355 -2.180  -11.708 1.00 30.72 ? 322 LYS B CE    1 
ATOM   1127 N NZ    . LYS D 3 22 ? -23.012 -3.055  -12.881 1.00 29.64 ? 322 LYS B NZ    1 
ATOM   1128 N N     . GLU D 3 23 ? -20.586 1.858   -9.144  1.00 13.62 ? 323 GLU B N     1 
ATOM   1129 C CA    . GLU D 3 23 ? -20.021 1.466   -7.860  1.00 11.90 ? 323 GLU B CA    1 
ATOM   1130 C C     . GLU D 3 23 ? -18.514 1.690   -7.839  1.00 11.78 ? 323 GLU B C     1 
ATOM   1131 O O     . GLU D 3 23 ? -17.798 1.113   -8.637  1.00 12.82 ? 323 GLU B O     1 
ATOM   1132 C CB    . GLU D 3 23 ? -20.381 0.001   -7.498  1.00 14.67 ? 323 GLU B CB    1 
ATOM   1133 C CG    . GLU D 3 23 ? -19.858 -1.078  -8.432  1.00 21.52 ? 323 GLU B CG    1 
ATOM   1134 C CD    . GLU D 3 23 ? -20.440 -2.472  -8.167  1.00 24.64 ? 323 GLU B CD    1 
ATOM   1135 O OE1   . GLU D 3 23 ? -19.798 -3.267  -7.448  1.00 26.56 ? 323 GLU B OE1   1 
ATOM   1136 O OE2   . GLU D 3 23 ? -21.503 -2.795  -8.730  1.00 25.31 ? 323 GLU B OE2   1 
ATOM   1137 N N     . ASN D 3 24 ? -18.010 2.458   -6.874  1.00 13.45 ? 324 ASN B N     1 
ATOM   1138 C CA    . ASN D 3 24 ? -16.548 2.740   -6.828  1.00 14.26 ? 324 ASN B CA    1 
ATOM   1139 C C     . ASN D 3 24 ? -15.650 1.540   -6.436  1.00 13.16 ? 324 ASN B C     1 
ATOM   1140 O O     . ASN D 3 24 ? -14.427 1.609   -6.432  1.00 9.99  ? 324 ASN B O     1 
ATOM   1141 C CB    . ASN D 3 24 ? -16.236 4.002   -5.964  1.00 15.25 ? 324 ASN B CB    1 
ATOM   1142 C CG    . ASN D 3 24 ? -16.452 3.785   -4.473  1.00 20.87 ? 324 ASN B CG    1 
ATOM   1143 O OD1   . ASN D 3 24 ? -16.030 4.589   -3.639  1.00 23.69 ? 324 ASN B OD1   1 
ATOM   1144 N ND2   . ASN D 3 24 ? -17.135 2.725   -4.128  1.00 18.03 ? 324 ASN B ND2   1 
ATOM   1145 N N     . TYR D 3 25 ? -16.263 0.402   -6.166  1.00 14.24 ? 325 TYR B N     1 
ATOM   1146 C CA    . TYR D 3 25 ? -15.504 -0.771  -5.779  1.00 13.53 ? 325 TYR B CA    1 
ATOM   1147 C C     . TYR D 3 25 ? -16.181 -1.970  -6.389  1.00 13.36 ? 325 TYR B C     1 
ATOM   1148 O O     . TYR D 3 25 ? -17.403 -2.108  -6.303  1.00 15.09 ? 325 TYR B O     1 
ATOM   1149 C CB    A TYR D 3 25 ? -15.369 -0.860  -4.241  0.86 14.49 ? 325 TYR B CB    1 
ATOM   1150 C CB    B TYR D 3 25 ? -15.573 -0.989  -4.244  0.32 13.87 ? 325 TYR B CB    1 
ATOM   1151 C CG    A TYR D 3 25 ? -15.089 -2.245  -3.693  0.86 14.47 ? 325 TYR B CG    1 
ATOM   1152 C CG    B TYR D 3 25 ? -14.647 -0.193  -3.332  0.32 13.06 ? 325 TYR B CG    1 
ATOM   1153 C CD1   A TYR D 3 25 ? -13.852 -2.547  -3.176  0.86 13.29 ? 325 TYR B CD1   1 
ATOM   1154 C CD1   B TYR D 3 25 ? -15.129 0.886   -2.590  0.32 14.03 ? 325 TYR B CD1   1 
ATOM   1155 C CD2   A TYR D 3 25 ? -16.039 -3.272  -3.761  0.86 16.77 ? 325 TYR B CD2   1 
ATOM   1156 C CD2   B TYR D 3 25 ? -13.319 -0.543  -3.178  0.32 14.13 ? 325 TYR B CD2   1 
ATOM   1157 C CE1   A TYR D 3 25 ? -13.540 -3.813  -2.754  0.86 16.22 ? 325 TYR B CE1   1 
ATOM   1158 C CE1   B TYR D 3 25 ? -14.312 1.589   -1.715  0.32 14.12 ? 325 TYR B CE1   1 
ATOM   1159 C CE2   A TYR D 3 25 ? -15.720 -4.580  -3.337  0.86 14.87 ? 325 TYR B CE2   1 
ATOM   1160 C CE2   B TYR D 3 25 ? -12.486 0.155   -2.300  0.32 14.35 ? 325 TYR B CE2   1 
ATOM   1161 C CZ    A TYR D 3 25 ? -14.461 -4.825  -2.845  0.86 16.37 ? 325 TYR B CZ    1 
ATOM   1162 C CZ    B TYR D 3 25 ? -12.987 1.226   -1.581  0.32 14.73 ? 325 TYR B CZ    1 
ATOM   1163 O OH    A TYR D 3 25 ? -14.013 -6.078  -2.508  0.86 22.02 ? 325 TYR B OH    1 
ATOM   1164 O OH    B TYR D 3 25 ? -12.152 1.963   -0.753  0.32 17.36 ? 325 TYR B OH    1 
ATOM   1165 N N     . VAL D 3 26 ? -15.379 -2.865  -6.939  1.00 15.33 ? 326 VAL B N     1 
ATOM   1166 C CA    . VAL D 3 26 ? -15.864 -4.117  -7.521  1.00 16.49 ? 326 VAL B CA    1 
ATOM   1167 C C     . VAL D 3 26 ? -15.138 -5.280  -6.814  1.00 15.04 ? 326 VAL B C     1 
ATOM   1168 O O     . VAL D 3 26 ? -13.947 -5.211  -6.537  1.00 13.48 ? 326 VAL B O     1 
ATOM   1169 C CB    . VAL D 3 26 ? -15.578 -4.184  -9.041  1.00 14.41 ? 326 VAL B CB    1 
ATOM   1170 C CG1   . VAL D 3 26 ? -16.646 -3.412  -9.820  1.00 14.01 ? 326 VAL B CG1   1 
ATOM   1171 C CG2   . VAL D 3 26 ? -14.284 -3.545  -9.308  1.00 11.52 ? 326 VAL B CG2   1 
ATOM   1172 N N     . SER D 3 27 ? -15.870 -6.326  -6.490  1.00 17.25 ? 327 SER B N     1 
ATOM   1173 C CA    . SER D 3 27 ? -15.273 -7.469  -5.812  1.00 22.18 ? 327 SER B CA    1 
ATOM   1174 C C     . SER D 3 27 ? -14.507 -8.375  -6.769  1.00 22.09 ? 327 SER B C     1 
ATOM   1175 O O     . SER D 3 27 ? -14.747 -8.404  -7.978  1.00 23.99 ? 327 SER B O     1 
ATOM   1176 C CB    . SER D 3 27 ? -16.334 -8.265  -5.017  1.00 23.53 ? 327 SER B CB    1 
ATOM   1177 O OG    . SER D 3 27 ? -17.425 -8.622  -5.862  1.00 28.19 ? 327 SER B OG    1 
ATOM   1178 N N     . ARG D 3 28 ? -13.529 -9.050  -6.194  1.00 21.96 ? 328 ARG B N     1 
ATOM   1179 C CA    . ARG D 3 28 ? -12.645 -9.948  -6.894  1.00 22.78 ? 328 ARG B CA    1 
ATOM   1180 C C     . ARG D 3 28 ? -13.330 -10.758 -8.035  1.00 19.97 ? 328 ARG B C     1 
ATOM   1181 O O     . ARG D 3 28 ? -12.768 -10.908 -9.130  1.00 17.09 ? 328 ARG B O     1 
ATOM   1182 C CB    A ARG D 3 28 ? -11.848 -10.843 -5.872  0.26 25.17 ? 328 ARG B CB    1 
ATOM   1183 C CB    B ARG D 3 28 ? -11.957 -10.801 -5.843  0.50 25.32 ? 328 ARG B CB    1 
ATOM   1184 C CG    A ARG D 3 28 ? -11.579 -10.236 -4.374  0.26 28.69 ? 328 ARG B CG    1 
ATOM   1185 C CG    B ARG D 3 28 ? -10.743 -11.456 -6.325  0.50 30.71 ? 328 ARG B CG    1 
ATOM   1186 C CD    A ARG D 3 28 ? -10.981 -8.801  -4.300  0.26 33.87 ? 328 ARG B CD    1 
ATOM   1187 C CD    B ARG D 3 28 ? -11.147 -12.796 -6.651  0.50 34.31 ? 328 ARG B CD    1 
ATOM   1188 N NE    A ARG D 3 28 ? -10.443 -8.328  -3.009  0.26 37.88 ? 328 ARG B NE    1 
ATOM   1189 N NE    B ARG D 3 28 ? -10.114 -13.485 -7.363  0.50 35.55 ? 328 ARG B NE    1 
ATOM   1190 C CZ    A ARG D 3 28 ? -10.859 -7.241  -2.352  0.26 40.49 ? 328 ARG B CZ    1 
ATOM   1191 C CZ    B ARG D 3 28 ? -10.353 -14.441 -8.226  0.50 38.31 ? 328 ARG B CZ    1 
ATOM   1192 N NH1   A ARG D 3 28 ? -11.806 -6.484  -2.860  0.26 40.75 ? 328 ARG B NH1   1 
ATOM   1193 N NH1   B ARG D 3 28 ? -11.592 -14.817 -8.487  0.50 38.36 ? 328 ARG B NH1   1 
ATOM   1194 N NH2   A ARG D 3 28 ? -10.264 -6.816  -1.246  0.26 42.36 ? 328 ARG B NH2   1 
ATOM   1195 N NH2   B ARG D 3 28 ? -9.333  -15.015 -8.795  0.50 41.00 ? 328 ARG B NH2   1 
ATOM   1196 N N     . PRO D 3 29 ? -14.546 -11.284 -7.806  1.00 20.91 ? 329 PRO B N     1 
ATOM   1197 C CA    . PRO D 3 29 ? -15.258 -12.042 -8.844  1.00 20.15 ? 329 PRO B CA    1 
ATOM   1198 C C     . PRO D 3 29 ? -15.855 -11.185 -9.982  1.00 19.44 ? 329 PRO B C     1 
ATOM   1199 O O     . PRO D 3 29 ? -15.824 -11.627 -11.128 1.00 21.70 ? 329 PRO B O     1 
ATOM   1200 C CB    . PRO D 3 29 ? -16.305 -12.869 -8.066  1.00 20.62 ? 329 PRO B CB    1 
ATOM   1201 C CG    . PRO D 3 29 ? -16.342 -12.305 -6.701  1.00 19.21 ? 329 PRO B CG    1 
ATOM   1202 C CD    . PRO D 3 29 ? -15.070 -11.582 -6.458  1.00 22.50 ? 329 PRO B CD    1 
ATOM   1203 N N     . ARG D 3 30 ? -16.349 -9.974  -9.697  1.00 13.70 ? 330 ARG B N     1 
ATOM   1204 C CA    . ARG D 3 30 ? -16.846 -9.095  -10.767 1.00 13.42 ? 330 ARG B CA    1 
ATOM   1205 C C     . ARG D 3 30 ? -15.648 -8.724  -11.654 1.00 12.21 ? 330 ARG B C     1 
ATOM   1206 O O     . ARG D 3 30 ? -15.717 -8.655  -12.901 1.00 11.18 ? 330 ARG B O     1 
ATOM   1207 C CB    . ARG D 3 30 ? -17.431 -7.804  -10.188 1.00 15.56 ? 330 ARG B CB    1 
ATOM   1208 C CG    . ARG D 3 30 ? -18.832 -7.475  -10.662 1.00 20.16 ? 330 ARG B CG    1 
ATOM   1209 C CD    . ARG D 3 30 ? -18.877 -6.546  -11.833 1.00 20.73 ? 330 ARG B CD    1 
ATOM   1210 N NE    . ARG D 3 30 ? -18.972 -7.288  -13.067 1.00 24.71 ? 330 ARG B NE    1 
ATOM   1211 C CZ    . ARG D 3 30 ? -19.589 -6.850  -14.160 1.00 27.30 ? 330 ARG B CZ    1 
ATOM   1212 N NH1   . ARG D 3 30 ? -20.165 -5.662  -14.174 1.00 25.29 ? 330 ARG B NH1   1 
ATOM   1213 N NH2   . ARG D 3 30 ? -19.697 -7.639  -15.215 1.00 25.59 ? 330 ARG B NH2   1 
ATOM   1214 N N     . ARG D 3 31 ? -14.537 -8.464  -10.987 1.00 10.17 ? 331 ARG B N     1 
ATOM   1215 C CA    . ARG D 3 31 ? -13.307 -8.153  -11.669 1.00 9.73  ? 331 ARG B CA    1 
ATOM   1216 C C     . ARG D 3 31 ? -12.916 -9.214  -12.709 1.00 13.01 ? 331 ARG B C     1 
ATOM   1217 O O     . ARG D 3 31 ? -12.379 -8.882  -13.761 1.00 15.04 ? 331 ARG B O     1 
ATOM   1218 C CB    . ARG D 3 31 ? -12.216 -7.970  -10.642 1.00 7.50  ? 331 ARG B CB    1 
ATOM   1219 C CG    . ARG D 3 31 ? -12.542 -6.743  -9.772  1.00 12.95 ? 331 ARG B CG    1 
ATOM   1220 C CD    . ARG D 3 31 ? -11.336 -6.067  -9.276  1.00 9.74  ? 331 ARG B CD    1 
ATOM   1221 N NE    . ARG D 3 31 ? -10.539 -6.993  -8.528  1.00 12.72 ? 331 ARG B NE    1 
ATOM   1222 C CZ    . ARG D 3 31 ? -10.498 -7.076  -7.200  1.00 18.25 ? 331 ARG B CZ    1 
ATOM   1223 N NH1   . ARG D 3 31 ? -9.715  -7.992  -6.661  1.00 21.43 ? 331 ARG B NH1   1 
ATOM   1224 N NH2   . ARG D 3 31 ? -11.232 -6.295  -6.411  1.00 17.21 ? 331 ARG B NH2   1 
ATOM   1225 N N     . CYS D 3 32 ? -13.128 -10.485 -12.390 1.00 16.14 ? 332 CYS B N     1 
ATOM   1226 C CA    . CYS D 3 32 ? -12.825 -11.581 -13.314 1.00 16.08 ? 332 CYS B CA    1 
ATOM   1227 C C     . CYS D 3 32 ? -13.784 -11.574 -14.492 1.00 16.61 ? 332 CYS B C     1 
ATOM   1228 O O     . CYS D 3 32 ? -13.374 -11.893 -15.611 1.00 16.45 ? 332 CYS B O     1 
ATOM   1229 C CB    . CYS D 3 32 ? -12.820 -12.934 -12.598 1.00 12.57 ? 332 CYS B CB    1 
ATOM   1230 S SG    . CYS D 3 32 ? -11.390 -13.133 -11.514 1.00 17.68 ? 332 CYS B SG    1 
ATOM   1231 N N     . GLU D 3 33 ? -15.040 -11.196 -14.234 1.00 16.99 ? 333 GLU B N     1 
ATOM   1232 C CA    . GLU D 3 33 ? -16.070 -11.069 -15.281 1.00 18.95 ? 333 GLU B CA    1 
ATOM   1233 C C     . GLU D 3 33 ? -15.650 -9.961  -16.245 1.00 15.71 ? 333 GLU B C     1 
ATOM   1234 O O     . GLU D 3 33 ? -15.657 -10.157 -17.451 1.00 18.27 ? 333 GLU B O     1 
ATOM   1235 C CB    . GLU D 3 33 ? -17.443 -10.689 -14.700 1.00 20.50 ? 333 GLU B CB    1 
ATOM   1236 C CG    . GLU D 3 33 ? -18.216 -11.823 -14.046 1.00 28.86 ? 333 GLU B CG    1 
ATOM   1237 C CD    . GLU D 3 33 ? -19.409 -11.351 -13.222 1.00 33.35 ? 333 GLU B CD    1 
ATOM   1238 O OE1   . GLU D 3 33 ? -20.127 -10.435 -13.682 1.00 36.53 ? 333 GLU B OE1   1 
ATOM   1239 O OE2   . GLU D 3 33 ? -19.629 -11.905 -12.108 1.00 33.69 ? 333 GLU B OE2   1 
ATOM   1240 N N     . LEU D 3 34 ? -15.301 -8.795  -15.706 1.00 16.61 ? 334 LEU B N     1 
ATOM   1241 C CA    . LEU D 3 34 ? -14.867 -7.670  -16.544 1.00 18.28 ? 334 LEU B CA    1 
ATOM   1242 C C     . LEU D 3 34 ? -13.618 -7.995  -17.363 1.00 18.78 ? 334 LEU B C     1 
ATOM   1243 O O     . LEU D 3 34 ? -13.579 -7.676  -18.542 1.00 22.14 ? 334 LEU B O     1 
ATOM   1244 C CB    . LEU D 3 34 ? -14.707 -6.370  -15.751 1.00 18.89 ? 334 LEU B CB    1 
ATOM   1245 C CG    . LEU D 3 34 ? -16.000 -5.716  -15.262 1.00 18.19 ? 334 LEU B CG    1 
ATOM   1246 C CD1   . LEU D 3 34 ? -15.795 -5.142  -13.863 1.00 21.29 ? 334 LEU B CD1   1 
ATOM   1247 C CD2   . LEU D 3 34 ? -16.563 -4.686  -16.209 1.00 14.57 ? 334 LEU B CD2   1 
ATOM   1248 N N     . ALA D 3 35 ? -12.606 -8.594  -16.728 1.00 18.20 ? 335 ALA B N     1 
ATOM   1249 C CA    . ALA D 3 35 ? -11.369 -9.049  -17.377 1.00 14.71 ? 335 ALA B CA    1 
ATOM   1250 C C     . ALA D 3 35 ? -11.600 -10.020 -18.569 1.00 17.60 ? 335 ALA B C     1 
ATOM   1251 O O     . ALA D 3 35 ? -10.890 -9.964  -19.568 1.00 19.63 ? 335 ALA B O     1 
ATOM   1252 C CB    . ALA D 3 35 ? -10.490 -9.713  -16.331 1.00 14.64 ? 335 ALA B CB    1 
ATOM   1253 N N     . ALA D 3 36 ? -12.533 -10.957 -18.423 1.00 19.55 ? 336 ALA B N     1 
ATOM   1254 C CA    . ALA D 3 36 ? -12.892 -11.916 -19.476 1.00 18.70 ? 336 ALA B CA    1 
ATOM   1255 C C     . ALA D 3 36 ? -13.506 -11.121 -20.644 1.00 21.34 ? 336 ALA B C     1 
ATOM   1256 O O     . ALA D 3 36 ? -13.170 -11.323 -21.825 1.00 19.24 ? 336 ALA B O     1 
ATOM   1257 C CB    . ALA D 3 36 ? -13.926 -12.932 -18.938 1.00 16.75 ? 336 ALA B CB    1 
ATOM   1258 N N     . GLN D 3 37 ? -14.384 -10.194 -20.276 1.00 21.02 ? 337 GLN B N     1 
ATOM   1259 C CA    . GLN D 3 37 ? -15.079 -9.333  -21.234 1.00 21.72 ? 337 GLN B CA    1 
ATOM   1260 C C     . GLN D 3 37 ? -14.211 -8.292  -21.950 1.00 20.86 ? 337 GLN B C     1 
ATOM   1261 O O     . GLN D 3 37 ? -14.511 -7.875  -23.071 1.00 22.23 ? 337 GLN B O     1 
ATOM   1262 C CB    . GLN D 3 37 ? -16.165 -8.556  -20.506 1.00 25.90 ? 337 GLN B CB    1 
ATOM   1263 C CG    . GLN D 3 37 ? -17.305 -9.372  -19.968 1.00 31.71 ? 337 GLN B CG    1 
ATOM   1264 C CD    . GLN D 3 37 ? -18.459 -8.508  -19.499 1.00 33.55 ? 337 GLN B CD    1 
ATOM   1265 O OE1   . GLN D 3 37 ? -19.612 -8.916  -19.576 1.00 34.45 ? 337 GLN B OE1   1 
ATOM   1266 N NE2   . GLN D 3 37 ? -18.150 -7.315  -18.981 1.00 35.16 ? 337 GLN B NE2   1 
ATOM   1267 N N     . LEU D 3 38 ? -13.171 -7.813  -21.286 1.00 20.25 ? 338 LEU B N     1 
ATOM   1268 C CA    . LEU D 3 38 ? -12.338 -6.762  -21.853 1.00 19.72 ? 338 LEU B CA    1 
ATOM   1269 C C     . LEU D 3 38 ? -10.985 -7.259  -22.275 1.00 22.55 ? 338 LEU B C     1 
ATOM   1270 O O     . LEU D 3 38 ? -10.159 -6.453  -22.720 1.00 22.98 ? 338 LEU B O     1 
ATOM   1271 C CB    . LEU D 3 38 ? -12.149 -5.592  -20.837 1.00 19.28 ? 338 LEU B CB    1 
ATOM   1272 C CG    . LEU D 3 38 ? -13.365 -4.863  -20.216 1.00 17.76 ? 338 LEU B CG    1 
ATOM   1273 C CD1   . LEU D 3 38 ? -12.920 -3.708  -19.329 1.00 23.45 ? 338 LEU B CD1   1 
ATOM   1274 C CD2   . LEU D 3 38 ? -14.256 -4.317  -21.290 1.00 18.86 ? 338 LEU B CD2   1 
ATOM   1275 N N     . ASN D 3 39 ? -10.740 -8.563  -22.142 1.00 24.06 ? 339 ASN B N     1 
ATOM   1276 C CA    . ASN D 3 39 ? -9.446  -9.125  -22.489 1.00 26.85 ? 339 ASN B CA    1 
ATOM   1277 C C     . ASN D 3 39 ? -8.256  -8.375  -21.860 1.00 26.46 ? 339 ASN B C     1 
ATOM   1278 O O     . ASN D 3 39 ? -7.227  -8.087  -22.499 1.00 24.58 ? 339 ASN B O     1 
ATOM   1279 C CB    . ASN D 3 39 ? -9.294  -9.228  -23.998 1.00 28.57 ? 339 ASN B CB    1 
ATOM   1280 C CG    . ASN D 3 39 ? -9.795  -10.539 -24.510 1.00 34.81 ? 339 ASN B CG    1 
ATOM   1281 O OD1   . ASN D 3 39 ? -9.181  -11.579 -24.243 1.00 35.21 ? 339 ASN B OD1   1 
ATOM   1282 N ND2   . ASN D 3 39 ? -10.965 -10.539 -25.150 1.00 37.69 ? 339 ASN B ND2   1 
ATOM   1283 N N     . LEU D 3 40 ? -8.440  -8.052  -20.590 1.00 26.09 ? 340 LEU B N     1 
ATOM   1284 C CA    . LEU D 3 40 ? -7.444  -7.370  -19.794 1.00 24.34 ? 340 LEU B CA    1 
ATOM   1285 C C     . LEU D 3 40 ? -7.261  -8.277  -18.599 1.00 23.43 ? 340 LEU B C     1 
ATOM   1286 O O     . LEU D 3 40 ? -8.148  -9.076  -18.277 1.00 22.95 ? 340 LEU B O     1 
ATOM   1287 C CB    . LEU D 3 40 ? -8.014  -6.059  -19.274 1.00 24.55 ? 340 LEU B CB    1 
ATOM   1288 C CG    . LEU D 3 40 ? -7.956  -4.680  -19.900 1.00 26.61 ? 340 LEU B CG    1 
ATOM   1289 C CD1   . LEU D 3 40 ? -8.705  -3.778  -18.933 1.00 21.84 ? 340 LEU B CD1   1 
ATOM   1290 C CD2   . LEU D 3 40 ? -6.518  -4.171  -20.149 1.00 22.85 ? 340 LEU B CD2   1 
ATOM   1291 N N     . PRO D 3 41 ? -6.117  -8.168  -17.934 1.00 19.44 ? 341 PRO B N     1 
ATOM   1292 C CA    . PRO D 3 41 ? -5.753  -8.934  -16.745 1.00 19.84 ? 341 PRO B CA    1 
ATOM   1293 C C     . PRO D 3 41 ? -6.513  -8.583  -15.484 1.00 17.86 ? 341 PRO B C     1 
ATOM   1294 O O     . PRO D 3 41 ? -6.783  -7.427  -15.233 1.00 15.98 ? 341 PRO B O     1 
ATOM   1295 C CB    . PRO D 3 41 ? -4.259  -8.688  -16.594 1.00 20.69 ? 341 PRO B CB    1 
ATOM   1296 C CG    . PRO D 3 41 ? -3.949  -7.562  -17.502 1.00 25.60 ? 341 PRO B CG    1 
ATOM   1297 C CD    . PRO D 3 41 ? -4.935  -7.651  -18.607 1.00 20.54 ? 341 PRO B CD    1 
ATOM   1298 N N     . GLU D 3 42 ? -6.804  -9.574  -14.645 1.00 23.43 ? 342 GLU B N     1 
ATOM   1299 C CA    . GLU D 3 42 ? -7.544  -9.371  -13.386 1.00 26.19 ? 342 GLU B CA    1 
ATOM   1300 C C     . GLU D 3 42 ? -6.888  -8.292  -12.529 1.00 24.76 ? 342 GLU B C     1 
ATOM   1301 O O     . GLU D 3 42 ? -7.547  -7.396  -12.012 1.00 25.07 ? 342 GLU B O     1 
ATOM   1302 C CB    . GLU D 3 42 ? -7.690  -10.726 -12.648 1.00 28.04 ? 342 GLU B CB    1 
ATOM   1303 C CG    . GLU D 3 42 ? -7.306  -10.763 -11.177 1.00 32.13 ? 342 GLU B CG    1 
ATOM   1304 C CD    . GLU D 3 42 ? -7.053  -12.189 -10.648 1.00 35.79 ? 342 GLU B CD    1 
ATOM   1305 O OE1   . GLU D 3 42 ? -7.725  -13.144 -11.082 1.00 33.57 ? 342 GLU B OE1   1 
ATOM   1306 O OE2   . GLU D 3 42 ? -6.164  -12.359 -9.785  1.00 40.13 ? 342 GLU B OE2   1 
ATOM   1307 N N     . SER D 3 43 ? -5.569  -8.345  -12.437 1.00 24.25 ? 343 SER B N     1 
ATOM   1308 C CA    . SER D 3 43 ? -4.794  -7.366  -11.675 1.00 23.82 ? 343 SER B CA    1 
ATOM   1309 C C     . SER D 3 43 ? -4.915  -5.927  -12.212 1.00 21.85 ? 343 SER B C     1 
ATOM   1310 O O     . SER D 3 43 ? -4.951  -4.963  -11.447 1.00 20.14 ? 343 SER B O     1 
ATOM   1311 C CB    . SER D 3 43 ? -3.327  -7.756  -11.705 1.00 24.00 ? 343 SER B CB    1 
ATOM   1312 O OG    . SER D 3 43 ? -2.998  -8.237  -12.994 1.00 23.99 ? 343 SER B OG    1 
ATOM   1313 N N     . THR D 3 44 ? -4.954  -5.805  -13.531 1.00 20.13 ? 344 THR B N     1 
ATOM   1314 C CA    . THR D 3 44 ? -5.063  -4.503  -14.174 1.00 20.76 ? 344 THR B CA    1 
ATOM   1315 C C     . THR D 3 44 ? -6.350  -3.816  -13.733 1.00 19.90 ? 344 THR B C     1 
ATOM   1316 O O     . THR D 3 44 ? -6.336  -2.652  -13.328 1.00 23.48 ? 344 THR B O     1 
ATOM   1317 C CB    . THR D 3 44 ? -4.938  -4.654  -15.729 1.00 19.03 ? 344 THR B CB    1 
ATOM   1318 O OG1   . THR D 3 44 ? -3.574  -4.959  -16.050 1.00 18.98 ? 344 THR B OG1   1 
ATOM   1319 C CG2   . THR D 3 44 ? -5.351  -3.395  -16.456 1.00 14.86 ? 344 THR B CG2   1 
ATOM   1320 N N     . ILE D 3 45 ? -7.448  -4.551  -13.739 1.00 15.27 ? 345 ILE B N     1 
ATOM   1321 C CA    . ILE D 3 45 ? -8.687  -3.959  -13.308 1.00 15.18 ? 345 ILE B CA    1 
ATOM   1322 C C     . ILE D 3 45 ? -8.643  -3.619  -11.799 1.00 16.22 ? 345 ILE B C     1 
ATOM   1323 O O     . ILE D 3 45 ? -9.031  -2.504  -11.408 1.00 15.69 ? 345 ILE B O     1 
ATOM   1324 C CB    . ILE D 3 45 ? -9.878  -4.862  -13.721 1.00 16.03 ? 345 ILE B CB    1 
ATOM   1325 C CG1   . ILE D 3 45 ? -10.111 -4.720  -15.239 1.00 23.19 ? 345 ILE B CG1   1 
ATOM   1326 C CG2   . ILE D 3 45 ? -11.156 -4.464  -12.999 1.00 18.31 ? 345 ILE B CG2   1 
ATOM   1327 C CD1   . ILE D 3 45 ? -9.938  -5.989  -16.049 1.00 27.25 ? 345 ILE B CD1   1 
ATOM   1328 N N     . LYS D 3 46 ? -8.112  -4.531  -10.967 1.00 15.29 ? 346 LYS B N     1 
ATOM   1329 C CA    . LYS D 3 46 ? -8.023  -4.286  -9.510  1.00 13.14 ? 346 LYS B CA    1 
ATOM   1330 C C     . LYS D 3 46 ? -7.322  -2.934  -9.285  1.00 14.66 ? 346 LYS B C     1 
ATOM   1331 O O     . LYS D 3 46 ? -7.837  -2.047  -8.583  1.00 12.93 ? 346 LYS B O     1 
ATOM   1332 C CB    . LYS D 3 46 ? -7.218  -5.396  -8.809  1.00 13.38 ? 346 LYS B CB    1 
ATOM   1333 C CG    . LYS D 3 46 ? -7.341  -5.460  -7.282  1.00 17.45 ? 346 LYS B CG    1 
ATOM   1334 C CD    . LYS D 3 46 ? -6.169  -6.271  -6.666  1.00 21.30 ? 346 LYS B CD    1 
ATOM   1335 C CE    . LYS D 3 46 ? -4.876  -5.432  -6.541  1.00 28.40 ? 346 LYS B CE    1 
ATOM   1336 N NZ    . LYS D 3 46 ? -3.941  -5.790  -5.389  1.00 33.84 ? 346 LYS B NZ    1 
ATOM   1337 N N     . VAL D 3 47 ? -6.144  -2.799  -9.894  1.00 17.49 ? 347 VAL B N     1 
ATOM   1338 C CA    . VAL D 3 47 ? -5.327  -1.590  -9.795  1.00 19.62 ? 347 VAL B CA    1 
ATOM   1339 C C     . VAL D 3 47 ? -6.032  -0.359  -10.325 1.00 19.56 ? 347 VAL B C     1 
ATOM   1340 O O     . VAL D 3 47 ? -5.942  0.693   -9.724  1.00 22.32 ? 347 VAL B O     1 
ATOM   1341 C CB    . VAL D 3 47 ? -3.912  -1.779  -10.484 1.00 21.16 ? 347 VAL B CB    1 
ATOM   1342 C CG1   . VAL D 3 47 ? -3.169  -0.437  -10.693 1.00 18.47 ? 347 VAL B CG1   1 
ATOM   1343 C CG2   . VAL D 3 47 ? -3.058  -2.671  -9.613  1.00 20.10 ? 347 VAL B CG2   1 
ATOM   1344 N N     . TRP D 3 48 ? -6.794  -0.490  -11.404 1.00 19.03 ? 348 TRP B N     1 
ATOM   1345 C CA    . TRP D 3 48 ? -7.489  0.679   -11.941 1.00 14.95 ? 348 TRP B CA    1 
ATOM   1346 C C     . TRP D 3 48 ? -8.524  1.202   -10.910 1.00 13.49 ? 348 TRP B C     1 
ATOM   1347 O O     . TRP D 3 48 ? -8.589  2.378   -10.649 1.00 15.47 ? 348 TRP B O     1 
ATOM   1348 C CB    . TRP D 3 48 ? -8.127  0.342   -13.306 1.00 13.27 ? 348 TRP B CB    1 
ATOM   1349 C CG    . TRP D 3 48 ? -8.758  1.517   -13.987 1.00 13.61 ? 348 TRP B CG    1 
ATOM   1350 C CD1   . TRP D 3 48 ? -8.182  2.388   -14.867 1.00 15.42 ? 348 TRP B CD1   1 
ATOM   1351 C CD2   . TRP D 3 48 ? -10.108 1.941   -13.833 1.00 14.85 ? 348 TRP B CD2   1 
ATOM   1352 N NE1   . TRP D 3 48 ? -9.100  3.339   -15.279 1.00 13.22 ? 348 TRP B NE1   1 
ATOM   1353 C CE2   . TRP D 3 48 ? -10.303 3.081   -14.652 1.00 14.18 ? 348 TRP B CE2   1 
ATOM   1354 C CE3   . TRP D 3 48 ? -11.199 1.460   -13.078 1.00 13.55 ? 348 TRP B CE3   1 
ATOM   1355 C CZ2   . TRP D 3 48 ? -11.517 3.761   -14.724 1.00 11.01 ? 348 TRP B CZ2   1 
ATOM   1356 C CZ3   . TRP D 3 48 ? -12.392 2.128   -13.148 1.00 10.65 ? 348 TRP B CZ3   1 
ATOM   1357 C CH2   . TRP D 3 48 ? -12.550 3.264   -13.965 1.00 11.61 ? 348 TRP B CH2   1 
ATOM   1358 N N     . PHE D 3 49 ? -9.303  0.335   -10.290 1.00 10.57 ? 349 PHE B N     1 
ATOM   1359 C CA    . PHE D 3 49 ? -10.275 0.795   -9.296  1.00 11.77 ? 349 PHE B CA    1 
ATOM   1360 C C     . PHE D 3 49 ? -9.567  1.444   -8.092  1.00 12.89 ? 349 PHE B C     1 
ATOM   1361 O O     . PHE D 3 49 ? -10.077 2.361   -7.458  1.00 14.80 ? 349 PHE B O     1 
ATOM   1362 C CB    . PHE D 3 49 ? -11.219 -0.360  -8.882  1.00 14.03 ? 349 PHE B CB    1 
ATOM   1363 C CG    . PHE D 3 49 ? -12.466 -0.481  -9.759  1.00 9.04  ? 349 PHE B CG    1 
ATOM   1364 C CD1   . PHE D 3 49 ? -13.618 0.176   -9.430  1.00 9.15  ? 349 PHE B CD1   1 
ATOM   1365 C CD2   . PHE D 3 49 ? -12.452 -1.261  -10.906 1.00 7.93  ? 349 PHE B CD2   1 
ATOM   1366 C CE1   . PHE D 3 49 ? -14.765 0.056   -10.248 1.00 11.15 ? 349 PHE B CE1   1 
ATOM   1367 C CE2   . PHE D 3 49 ? -13.568 -1.381  -11.709 1.00 9.62  ? 349 PHE B CE2   1 
ATOM   1368 C CZ    . PHE D 3 49 ? -14.718 -0.721  -11.384 1.00 11.08 ? 349 PHE B CZ    1 
ATOM   1369 N N     . GLN D 3 50 ? -8.372  0.949   -7.796  1.00 13.58 ? 350 GLN B N     1 
ATOM   1370 C CA    . GLN D 3 50 ? -7.516  1.483   -6.750  1.00 13.29 ? 350 GLN B CA    1 
ATOM   1371 C C     . GLN D 3 50 ? -7.217  2.958   -7.126  1.00 14.64 ? 350 GLN B C     1 
ATOM   1372 O O     . GLN D 3 50 ? -7.442  3.894   -6.333  1.00 14.60 ? 350 GLN B O     1 
ATOM   1373 C CB    A GLN D 3 50 ? -6.255  0.633   -6.676  0.69 14.84 ? 350 GLN B CB    1 
ATOM   1374 C CB    B GLN D 3 50 ? -6.159  0.746   -6.734  0.35 14.70 ? 350 GLN B CB    1 
ATOM   1375 C CG    A GLN D 3 50 ? -5.253  1.060   -5.663  0.69 19.92 ? 350 GLN B CG    1 
ATOM   1376 C CG    B GLN D 3 50 ? -5.300  0.841   -5.448  0.35 17.45 ? 350 GLN B CG    1 
ATOM   1377 C CD    A GLN D 3 50 ? -4.091  1.816   -6.266  0.69 20.82 ? 350 GLN B CD    1 
ATOM   1378 C CD    B GLN D 3 50 ? -5.131  2.264   -4.895  0.35 18.10 ? 350 GLN B CD    1 
ATOM   1379 O OE1   A GLN D 3 50 ? -3.763  2.921   -5.838  0.69 21.58 ? 350 GLN B OE1   1 
ATOM   1380 O OE1   B GLN D 3 50 ? -4.034  2.836   -4.868  0.35 18.43 ? 350 GLN B OE1   1 
ATOM   1381 N NE2   A GLN D 3 50 ? -3.458  1.223   -7.271  0.69 20.82 ? 350 GLN B NE2   1 
ATOM   1382 N NE2   B GLN D 3 50 ? -6.231  2.826   -4.438  0.35 19.42 ? 350 GLN B NE2   1 
ATOM   1383 N N     . ASN D 3 51 ? -6.737  3.153   -8.354  1.00 14.67 ? 351 ASN B N     1 
ATOM   1384 C CA    . ASN D 3 51 ? -6.363  4.485   -8.853  1.00 12.89 ? 351 ASN B CA    1 
ATOM   1385 C C     . ASN D 3 51 ? -7.561  5.438   -9.058  1.00 12.67 ? 351 ASN B C     1 
ATOM   1386 O O     . ASN D 3 51 ? -7.523  6.597   -8.648  1.00 12.65 ? 351 ASN B O     1 
ATOM   1387 C CB    . ASN D 3 51 ? -5.490  4.352   -10.152 1.00 14.43 ? 351 ASN B CB    1 
ATOM   1388 C CG    . ASN D 3 51 ? -4.033  3.772   -9.894  1.00 10.40 ? 351 ASN B CG    1 
ATOM   1389 O OD1   . ASN D 3 51 ? -3.429  4.057   -8.906  1.00 12.41 ? 351 ASN B OD1   1 
ATOM   1390 N ND2   . ASN D 3 51 ? -3.516  2.967   -10.806 1.00 10.85 ? 351 ASN B ND2   1 
ATOM   1391 N N     . ARG D 3 52 ? -8.652  4.941   -9.639  1.00 14.01 ? 352 ARG B N     1 
ATOM   1392 C CA    . ARG D 3 52 ? -9.847  5.732   -9.911  1.00 13.10 ? 352 ARG B CA    1 
ATOM   1393 C C     . ARG D 3 52 ? -10.457 6.245   -8.594  1.00 15.37 ? 352 ARG B C     1 
ATOM   1394 O O     . ARG D 3 52 ? -11.061 7.350   -8.555  1.00 13.24 ? 352 ARG B O     1 
ATOM   1395 C CB    . ARG D 3 52 ? -10.843 4.836   -10.659 1.00 15.21 ? 352 ARG B CB    1 
ATOM   1396 C CG    . ARG D 3 52 ? -11.986 5.512   -11.424 1.00 20.04 ? 352 ARG B CG    1 
ATOM   1397 C CD    . ARG D 3 52 ? -11.502 6.596   -12.396 1.00 16.21 ? 352 ARG B CD    1 
ATOM   1398 N NE    . ARG D 3 52 ? -11.578 7.895   -11.736 1.00 19.47 ? 352 ARG B NE    1 
ATOM   1399 C CZ    . ARG D 3 52 ? -12.672 8.637   -11.661 1.00 18.85 ? 352 ARG B CZ    1 
ATOM   1400 N NH1   . ARG D 3 52 ? -13.799 8.247   -12.239 1.00 20.98 ? 352 ARG B NH1   1 
ATOM   1401 N NH2   . ARG D 3 52 ? -12.692 9.688   -10.849 1.00 21.99 ? 352 ARG B NH2   1 
ATOM   1402 N N     . ARG D 3 53 ? -10.310 5.457   -7.516  1.00 14.02 ? 353 ARG B N     1 
ATOM   1403 C CA    . ARG D 3 53 ? -10.840 5.882   -6.217  1.00 13.19 ? 353 ARG B CA    1 
ATOM   1404 C C     . ARG D 3 53 ? -10.028 7.009   -5.624  1.00 13.91 ? 353 ARG B C     1 
ATOM   1405 O O     . ARG D 3 53 ? -10.586 7.907   -4.966  1.00 11.49 ? 353 ARG B O     1 
ATOM   1406 C CB    A ARG D 3 53 ? -10.936 4.716   -5.221  0.89 13.58 ? 353 ARG B CB    1 
ATOM   1407 C CB    B ARG D 3 53 ? -10.879 4.717   -5.240  0.20 14.16 ? 353 ARG B CB    1 
ATOM   1408 C CG    A ARG D 3 53 ? -12.233 3.915   -5.338  0.89 17.49 ? 353 ARG B CG    1 
ATOM   1409 C CG    B ARG D 3 53 ? -12.259 4.142   -5.121  0.20 14.94 ? 353 ARG B CG    1 
ATOM   1410 C CD    A ARG D 3 53 ? -12.491 3.056   -4.086  0.89 15.52 ? 353 ARG B CD    1 
ATOM   1411 C CD    B ARG D 3 53 ? -12.585 3.768   -3.686  0.20 13.43 ? 353 ARG B CD    1 
ATOM   1412 N NE    A ARG D 3 53 ? -11.421 2.102   -3.875  0.89 15.27 ? 353 ARG B NE    1 
ATOM   1413 N NE    B ARG D 3 53 ? -12.088 4.751   -2.720  0.20 13.80 ? 353 ARG B NE    1 
ATOM   1414 C CZ    A ARG D 3 53 ? -11.300 0.956   -4.533  0.89 15.16 ? 353 ARG B CZ    1 
ATOM   1415 C CZ    B ARG D 3 53 ? -12.835 5.594   -2.001  0.20 14.36 ? 353 ARG B CZ    1 
ATOM   1416 N NH1   A ARG D 3 53 ? -12.189 0.595   -5.439  0.89 9.95  ? 353 ARG B NH1   1 
ATOM   1417 N NH1   B ARG D 3 53 ? -14.155 5.626   -2.108  0.20 13.70 ? 353 ARG B NH1   1 
ATOM   1418 N NH2   A ARG D 3 53 ? -10.222 0.216   -4.354  0.89 19.06 ? 353 ARG B NH2   1 
ATOM   1419 N NH2   B ARG D 3 53 ? -12.256 6.385   -1.121  0.20 15.77 ? 353 ARG B NH2   1 
ATOM   1420 N N     . MET D 3 54 ? -8.717  6.921   -5.846  1.00 18.69 ? 354 MET B N     1 
ATOM   1421 C CA    . MET D 3 54 ? -7.724  7.914   -5.417  1.00 23.27 ? 354 MET B CA    1 
ATOM   1422 C C     . MET D 3 54 ? -8.097  9.203   -6.178  1.00 26.15 ? 354 MET B C     1 
ATOM   1423 O O     . MET D 3 54 ? -8.246  10.252  -5.568  1.00 27.55 ? 354 MET B O     1 
ATOM   1424 C CB    . MET D 3 54 ? -6.292  7.388   -5.732  1.00 27.12 ? 354 MET B CB    1 
ATOM   1425 C CG    . MET D 3 54 ? -5.083  8.366   -5.707  1.00 32.72 ? 354 MET B CG    1 
ATOM   1426 S SD    . MET D 3 54 ? -3.344  7.630   -5.693  1.00 35.08 ? 354 MET B SD    1 
ATOM   1427 C CE    . MET D 3 54 ? -3.071  7.335   -7.444  1.00 34.03 ? 354 MET B CE    1 
ATOM   1428 N N     . LYS D 3 55 ? -8.348  9.102   -7.488  1.00 27.36 ? 355 LYS B N     1 
ATOM   1429 C CA    . LYS D 3 55 ? -8.765  10.270  -8.281  1.00 26.93 ? 355 LYS B CA    1 
ATOM   1430 C C     . LYS D 3 55 ? -10.009 10.929  -7.679  1.00 26.43 ? 355 LYS B C     1 
ATOM   1431 O O     . LYS D 3 55 ? -9.997  12.104  -7.361  1.00 27.98 ? 355 LYS B O     1 
ATOM   1432 C CB    . LYS D 3 55 ? -9.049  9.888   -9.732  1.00 28.07 ? 355 LYS B CB    1 
ATOM   1433 C CG    . LYS D 3 55 ? -8.049  10.463  -10.724 1.00 34.40 ? 355 LYS B CG    1 
ATOM   1434 C CD    . LYS D 3 55 ? -6.946  9.446   -11.070 1.00 39.36 ? 355 LYS B CD    1 
ATOM   1435 C CE    . LYS D 3 55 ? -5.673  10.090  -11.634 1.00 39.20 ? 355 LYS B CE    1 
ATOM   1436 N NZ    . LYS D 3 55 ? -4.807  10.722  -10.577 1.00 35.13 ? 355 LYS B NZ    1 
ATOM   1437 N N     . ASP D 3 56 ? -11.085 10.160  -7.565  1.00 27.05 ? 356 ASP B N     1 
ATOM   1438 C CA    . ASP D 3 56 ? -12.352 10.578  -6.981  1.00 28.29 ? 356 ASP B CA    1 
ATOM   1439 C C     . ASP D 3 56 ? -12.162 11.232  -5.599  1.00 29.83 ? 356 ASP B C     1 
ATOM   1440 O O     . ASP D 3 56 ? -12.785 12.235  -5.271  1.00 27.32 ? 356 ASP B O     1 
ATOM   1441 C CB    . ASP D 3 56 ? -13.223 9.312   -6.811  1.00 30.11 ? 356 ASP B CB    1 
ATOM   1442 C CG    . ASP D 3 56 ? -14.691 9.556   -7.043  1.00 26.56 ? 356 ASP B CG    1 
ATOM   1443 O OD1   . ASP D 3 56 ? -15.500 8.721   -6.599  1.00 29.32 ? 356 ASP B OD1   1 
ATOM   1444 O OD2   . ASP D 3 56 ? -15.044 10.546  -7.711  1.00 30.69 ? 356 ASP B OD2   1 
ATOM   1445 N N     . LYS D 3 57 ? -11.342 10.583  -4.786  1.00 34.99 ? 357 LYS B N     1 
ATOM   1446 C CA    . LYS D 3 57 ? -11.062 10.991  -3.416  1.00 41.23 ? 357 LYS B CA    1 
ATOM   1447 C C     . LYS D 3 57 ? -10.236 12.257  -3.305  1.00 44.26 ? 357 LYS B C     1 
ATOM   1448 O O     . LYS D 3 57 ? -10.352 12.999  -2.334  1.00 45.98 ? 357 LYS B O     1 
ATOM   1449 C CB    . LYS D 3 57 ? -10.292 9.854   -2.717  1.00 42.31 ? 357 LYS B CB    1 
ATOM   1450 C CG    . LYS D 3 57 ? -9.583  10.224  -1.409  1.00 43.71 ? 357 LYS B CG    1 
ATOM   1451 C CD    . LYS D 3 57 ? -8.056  10.159  -1.535  1.00 45.08 ? 357 LYS B CD    1 
ATOM   1452 C CE    . LYS D 3 57 ? -7.421  10.065  -0.148  1.00 46.23 ? 357 LYS B CE    1 
ATOM   1453 N NZ    . LYS D 3 57 ? -5.945  10.206  -0.207  1.00 50.09 ? 357 LYS B NZ    1 
ATOM   1454 N N     . ARG D 3 58 ? -9.466  12.536  -4.352  1.00 47.00 ? 358 ARG B N     1 
ATOM   1455 C CA    . ARG D 3 58 ? -8.519  13.639  -4.354  1.00 48.41 ? 358 ARG B CA    1 
ATOM   1456 C C     . ARG D 3 58 ? -8.865  14.857  -5.198  1.00 51.10 ? 358 ARG B C     1 
ATOM   1457 O O     . ARG D 3 58 ? -8.714  15.993  -4.733  1.00 51.68 ? 358 ARG B O     1 
ATOM   1458 C CB    . ARG D 3 58 ? -7.162  13.092  -4.805  1.00 49.79 ? 358 ARG B CB    1 
ATOM   1459 C CG    . ARG D 3 58 ? -5.893  13.485  -3.983  1.00 56.12 ? 358 ARG B CG    1 
ATOM   1460 C CD    . ARG D 3 58 ? -4.735  12.431  -4.230  1.00 62.11 ? 358 ARG B CD    1 
ATOM   1461 N NE    . ARG D 3 58 ? -3.327  12.878  -4.043  1.00 64.54 ? 358 ARG B NE    1 
ATOM   1462 C CZ    . ARG D 3 58 ? -2.356  12.191  -3.401  1.00 64.76 ? 358 ARG B CZ    1 
ATOM   1463 N NH1   . ARG D 3 58 ? -2.581  11.001  -2.852  1.00 60.68 ? 358 ARG B NH1   1 
ATOM   1464 N NH2   . ARG D 3 58 ? -1.112  12.679  -3.314  1.00 64.87 ? 358 ARG B NH2   1 
ATOM   1465 N N     . GLN D 3 59 ? -9.385  14.624  -6.404  1.00 55.73 ? 359 GLN B N     1 
ATOM   1466 C CA    . GLN D 3 59 ? -9.647  15.699  -7.356  1.00 59.84 ? 359 GLN B CA    1 
ATOM   1467 C C     . GLN D 3 59 ? -10.959 15.514  -8.130  1.00 59.31 ? 359 GLN B C     1 
ATOM   1468 O O     . GLN D 3 59 ? -10.900 15.601  -9.383  1.00 57.59 ? 359 GLN B O     1 
ATOM   1469 C CB    . GLN D 3 59 ? -8.419  15.784  -8.302  1.00 64.75 ? 359 GLN B CB    1 
ATOM   1470 C CG    . GLN D 3 59 ? -7.056  15.816  -7.534  1.00 70.64 ? 359 GLN B CG    1 
ATOM   1471 C CD    . GLN D 3 59 ? -6.153  14.635  -7.883  1.00 73.20 ? 359 GLN B CD    1 
ATOM   1472 O OE1   . GLN D 3 59 ? -5.971  13.718  -7.107  1.00 76.55 ? 359 GLN B OE1   1 
ATOM   1473 N NE2   . GLN D 3 59 ? -5.630  14.642  -9.085  1.00 77.27 ? 359 GLN B NE2   1 
HETATM 1474 O O     . HOH E 4 .  ? -2.289  7.264   -10.331 1.00 58.28 ? 7   HOH C O     1 
HETATM 1475 O O     . HOH E 4 .  ? 6.063   3.415   -5.430  1.00 25.89 ? 8   HOH C O     1 
HETATM 1476 O O     . HOH E 4 .  ? 2.368   -3.107  -7.475  1.00 27.90 ? 9   HOH C O     1 
HETATM 1477 O O     . HOH E 4 .  ? -1.869  5.529   13.830  1.00 52.02 ? 13  HOH C O     1 
HETATM 1478 O O     . HOH E 4 .  ? 1.069   3.304   13.365  1.00 32.15 ? 14  HOH C O     1 
HETATM 1479 O O     . HOH E 4 .  ? 5.304   2.452   11.126  1.00 20.16 ? 15  HOH C O     1 
HETATM 1480 O O     . HOH E 4 .  ? 5.650   0.302   8.856   1.00 18.95 ? 16  HOH C O     1 
HETATM 1481 O O     . HOH E 4 .  ? 10.362  3.638   3.301   1.00 26.04 ? 18  HOH C O     1 
HETATM 1482 O O     . HOH E 4 .  ? -4.386  -0.657  13.980  1.00 30.74 ? 25  HOH C O     1 
HETATM 1483 O O     . HOH E 4 .  ? 1.759   -4.172  11.372  1.00 18.42 ? 27  HOH C O     1 
HETATM 1484 O O     . HOH E 4 .  ? -6.947  7.655   -17.335 1.00 57.47 ? 34  HOH C O     1 
HETATM 1485 O O     . HOH E 4 .  ? -3.740  5.237   -19.439 1.00 35.72 ? 35  HOH C O     1 
HETATM 1486 O O     . HOH E 4 .  ? -4.777  2.437   -13.247 1.00 18.21 ? 36  HOH C O     1 
HETATM 1487 O O     . HOH E 4 .  ? -4.647  -0.287  -13.887 1.00 17.64 ? 37  HOH C O     1 
HETATM 1488 O O     . HOH E 4 .  ? 5.720   3.748   -1.060  1.00 44.02 ? 44  HOH C O     1 
HETATM 1489 O O     . HOH E 4 .  ? -6.013  5.855   -19.140 1.00 52.93 ? 46  HOH C O     1 
HETATM 1490 O O     . HOH E 4 .  ? -7.670  7.972   -14.618 1.00 52.88 ? 47  HOH C O     1 
HETATM 1491 O O     . HOH E 4 .  ? 10.454  1.593   5.547   1.00 38.57 ? 52  HOH C O     1 
HETATM 1492 O O     . HOH E 4 .  ? -5.252  3.586   15.446  1.00 45.35 ? 58  HOH C O     1 
HETATM 1493 O O     . HOH E 4 .  ? -4.151  0.429   -16.433 1.00 45.15 ? 61  HOH C O     1 
HETATM 1494 O O     . HOH E 4 .  ? -4.997  13.593  -13.270 1.00 49.75 ? 66  HOH C O     1 
HETATM 1495 O O     . HOH F 4 .  ? 10.221  10.293  -1.857  1.00 41.23 ? 4   HOH D O     1 
HETATM 1496 O O     . HOH F 4 .  ? 7.634   12.636  -6.334  1.00 48.58 ? 5   HOH D O     1 
HETATM 1497 O O     . HOH F 4 .  ? 1.601   11.451  -9.342  1.00 29.59 ? 6   HOH D O     1 
HETATM 1498 O O     . HOH F 4 .  ? -1.882  -2.148  -4.418  1.00 35.93 ? 10  HOH D O     1 
HETATM 1499 O O     . HOH F 4 .  ? -6.609  6.797   -2.358  1.00 27.15 ? 28  HOH D O     1 
HETATM 1500 O O     . HOH F 4 .  ? -3.720  11.210  -0.342  1.00 22.35 ? 29  HOH D O     1 
HETATM 1501 O O     . HOH F 4 .  ? 2.830   -8.086  11.216  1.00 27.38 ? 41  HOH D O     1 
HETATM 1502 O O     . HOH F 4 .  ? -8.832  5.385   -1.624  1.00 31.51 ? 48  HOH D O     1 
HETATM 1503 O O     . HOH F 4 .  ? -9.832  7.359   1.499   1.00 42.06 ? 49  HOH D O     1 
HETATM 1504 O O     . HOH F 4 .  ? -9.118  0.280   5.314   1.00 25.61 ? 51  HOH D O     1 
HETATM 1505 O O     . HOH F 4 .  ? 3.970   13.955  -10.408 1.00 41.42 ? 65  HOH D O     1 
HETATM 1506 O O     . HOH F 4 .  ? -6.250  -8.835  7.362   1.00 37.80 ? 67  HOH D O     1 
HETATM 1507 O O     . HOH G 4 .  ? 20.035  14.007  7.536   1.00 22.51 ? 1   HOH A O     1 
HETATM 1508 O O     . HOH G 4 .  ? 17.911  9.320   13.882  1.00 74.49 ? 2   HOH A O     1 
HETATM 1509 O O     . HOH G 4 .  ? 8.672   -1.801  8.097   1.00 16.34 ? 17  HOH A O     1 
HETATM 1510 O O     . HOH G 4 .  ? 12.629  7.876   3.996   1.00 23.32 ? 19  HOH A O     1 
HETATM 1511 O O     . HOH G 4 .  ? 6.811   -4.539  17.435  1.00 23.63 ? 20  HOH A O     1 
HETATM 1512 O O     . HOH G 4 .  ? 9.586   -5.205  18.033  1.00 20.92 ? 21  HOH A O     1 
HETATM 1513 O O     . HOH G 4 .  ? 24.221  -3.907  8.858   1.00 74.56 ? 22  HOH A O     1 
HETATM 1514 O O     . HOH G 4 .  ? 11.475  -7.971  22.093  1.00 17.39 ? 23  HOH A O     1 
HETATM 1515 O O     . HOH G 4 .  ? 15.965  11.295  25.519  1.00 33.36 ? 24  HOH A O     1 
HETATM 1516 O O     . HOH G 4 .  ? 6.186   -5.737  4.968   1.00 45.57 ? 26  HOH A O     1 
HETATM 1517 O O     . HOH G 4 .  ? 3.853   10.285  4.042   1.00 45.54 ? 38  HOH A O     1 
HETATM 1518 O O     . HOH G 4 .  ? 4.962   -9.105  12.004  1.00 31.67 ? 40  HOH A O     1 
HETATM 1519 O O     . HOH G 4 .  ? 13.020  -14.909 5.749   1.00 62.05 ? 42  HOH A O     1 
HETATM 1520 O O     . HOH G 4 .  ? 16.086  -13.032 9.977   1.00 48.27 ? 43  HOH A O     1 
HETATM 1521 O O     . HOH G 4 .  ? -9.140  5.687   5.567   1.00 37.86 ? 50  HOH A O     1 
HETATM 1522 O O     . HOH G 4 .  ? 19.416  4.689   24.824  1.00 54.27 ? 53  HOH A O     1 
HETATM 1523 O O     . HOH G 4 .  ? 8.774   -7.127  23.349  1.00 38.28 ? 54  HOH A O     1 
HETATM 1524 O O     . HOH G 4 .  ? 5.003   -10.075 17.463  1.00 52.44 ? 55  HOH A O     1 
HETATM 1525 O O     . HOH G 4 .  ? 9.196   13.663  20.056  1.00 26.37 ? 56  HOH A O     1 
HETATM 1526 O O     . HOH G 4 .  ? 6.500   13.249  15.955  1.00 39.96 ? 57  HOH A O     1 
HETATM 1527 O O     . HOH G 4 .  ? 27.623  1.704   11.583  1.00 47.14 ? 59  HOH A O     1 
HETATM 1528 O O     . HOH G 4 .  ? 18.663  17.533  4.236   1.00 51.63 ? 64  HOH A O     1 
HETATM 1529 O O     . HOH G 4 .  ? 20.113  18.298  6.673   1.00 37.10 ? 70  HOH A O     1 
HETATM 1530 O O     . HOH H 4 .  ? -9.498  -2.622  -6.853  1.00 20.56 ? 11  HOH B O     1 
HETATM 1531 O O     . HOH H 4 .  ? -12.274 -2.757  -6.137  1.00 27.98 ? 12  HOH B O     1 
HETATM 1532 O O     . HOH H 4 .  ? -1.745  -2.106  -23.223 1.00 21.49 ? 30  HOH B O     1 
HETATM 1533 O O     . HOH H 4 .  ? -5.453  -2.585  -24.265 1.00 25.63 ? 31  HOH B O     1 
HETATM 1534 O O     . HOH H 4 .  ? -15.144 -12.582 -22.865 1.00 46.54 ? 32  HOH B O     1 
HETATM 1535 O O     . HOH H 4 .  ? -8.420  -8.749  -9.317  1.00 37.49 ? 39  HOH B O     1 
HETATM 1536 O O     . HOH H 4 .  ? 2.576   1.304   -23.034 1.00 57.65 ? 45  HOH B O     1 
HETATM 1537 O O     . HOH H 4 .  ? -11.191 -2.881  -26.465 1.00 26.99 ? 60  HOH B O     1 
HETATM 1538 O O     . HOH H 4 .  ? -23.013 4.357   -15.047 1.00 45.51 ? 62  HOH B O     1 
HETATM 1539 O O     . HOH H 4 .  ? -17.075 7.386   -13.622 1.00 27.54 ? 63  HOH B O     1 
HETATM 1540 O O     . HOH H 4 .  ? -19.727 -8.240  -3.729  1.00 56.89 ? 68  HOH B O     1 
HETATM 1541 O O     . HOH H 4 .  ? -9.979  -4.047  -3.262  1.00 64.43 ? 69  HOH B O     1 
# 
